data_8FJC
#
_entry.id   8FJC
#
_cell.length_a   149.546
_cell.length_b   149.546
_cell.length_c   303.085
_cell.angle_alpha   90.00
_cell.angle_beta   90.00
_cell.angle_gamma   90.00
#
_symmetry.space_group_name_H-M   'P 43 2 2'
#
loop_
_entity.id
_entity.type
_entity.pdbx_description
1 polymer Glucosyltransferase-I
2 branched 4,6-dideoxy-4-{[(1S,4R,5S,6S)-4,5,6-trihydroxy-3-(hydroxymethyl)cyclohex-2-en-1-yl]amino}-alpha-D-glucopyranose-(1-4)-alpha-D-glucopyranose-(1-4)-alpha-D-glucopyranose
3 non-polymer 'CALCIUM ION'
4 non-polymer 1,2-ETHANEDIOL
5 non-polymer 'SULFATE ION'
6 water water
#
_entity_poly.entity_id   1
_entity_poly.type   'polypeptide(L)'
_entity_poly.pdbx_seq_one_letter_code
;LHFDETGAYTDTSIDTVNKDIVTTRSNLYKKYNQVYDRSAQSFEHVDHYLTAESWYRPKYILKDGKTWTQSTEKDFRPLL
MTWWPSQETQRQYVNYMNAQLGINKTYDDTSNQLQLNIAAATIQAKIEAKITTLKNTDWLRQTISAFVKTQSAWNSDSEK
PFDDHLQNGAVLYDNEGKLTPYANSNYRILNRTPTNQTGKKDPRYTADNTIGGYEFLLANDVDNSNPVVQAEQLNWLHFL
MNFGNIYANDPDANFDSIRVDAVDNVDADLLQIAGDYLKAAKGIHKNDKAANDHLSILEAWSDNDTPYLHDDGDNMINMD
NKLRLSLLFSLAKPLNQRSGMNPLITNSLVNRTDDNAETAAVPSYSFIRAHDSEVQDLIRDIIKAEINPNVVGYSFTMEE
IKKAFEIYNKDLLATEKKYTHYNTALSYALLLTNKSSVPRVYYGDMFTDDGQYMAHKTINYEAIETLLKARIKYVSGGQA
MRNQQVGNSEIITSVRYGKGALKATDTGDRTTRTSGVAVIEGNNPSLRLKASDRVVVNMGAAHKNQAYRPLLLTTDNGIK
AYHSDQEAAGLVRYTNDRGELIFTAADIKGYANPQVSGYLGVWVPVGAAADQDVRVAASTAPSTDGKSVHQNAALDSRVM
FEGFSNFQAFATKKEEYTNVVIAKNVDKFAEWGVTDFEMAPQYVSSTDGSFLDSVIQNGYAFTDRYDLGISKPNKYGTAD
DLVKAIKALHSKGIKVMADWVPDQMYAFPEKEVVTATRVDKFGKPVEGSQIKSVLYVADSKSSGKDQQAKYGGAFLEELQ
AKYPELFARKQISTGVPMDPSVKIKQWSAKYFNGTNILGRGAGYVLKDQATNTYFNISDNKLEHHHHHH
;
_entity_poly.pdbx_strand_id   A,B
#
loop_
_chem_comp.id
_chem_comp.type
_chem_comp.name
_chem_comp.formula
AC1 D-saccharide 4,6-dideoxy-4-{[(1S,4R,5S,6S)-4,5,6-trihydroxy-3-(hydroxymethyl)cyclohex-2-en-1-yl]amino}-alpha-D-glucopyranose 'C13 H23 N O8'
CA non-polymer 'CALCIUM ION' 'Ca 2'
EDO non-polymer 1,2-ETHANEDIOL 'C2 H6 O2'
GLC D-saccharide, alpha linking alpha-D-glucopyranose 'C6 H12 O6'
SO4 non-polymer 'SULFATE ION' 'O4 S -2'
#
# COMPACT_ATOMS: atom_id res chain seq x y z
N ASN A 18 8.05 -30.01 -1.03
CA ASN A 18 9.16 -30.87 -0.67
C ASN A 18 10.56 -30.19 -0.54
N LYS A 19 10.64 -29.06 0.16
CA LYS A 19 11.87 -28.44 0.67
C LYS A 19 12.59 -27.55 -0.36
N ASP A 20 12.29 -27.63 -1.65
CA ASP A 20 13.10 -26.95 -2.68
C ASP A 20 12.27 -26.13 -3.67
N ILE A 21 12.19 -24.82 -3.38
CA ILE A 21 11.58 -23.84 -4.26
C ILE A 21 12.62 -23.50 -5.33
N VAL A 22 12.51 -24.13 -6.50
CA VAL A 22 13.36 -23.78 -7.63
C VAL A 22 12.67 -22.65 -8.39
N THR A 23 13.44 -21.59 -8.63
CA THR A 23 12.97 -20.41 -9.33
C THR A 23 13.56 -20.49 -10.75
N THR A 24 12.71 -20.94 -11.69
CA THR A 24 13.07 -21.14 -13.10
C THR A 24 11.93 -20.65 -13.99
N ARG A 25 12.26 -19.83 -14.98
CA ARG A 25 11.30 -19.18 -15.88
C ARG A 25 10.19 -18.43 -15.13
N SER A 26 10.59 -17.64 -14.13
CA SER A 26 9.71 -16.90 -13.23
C SER A 26 9.97 -15.40 -13.25
N ASN A 27 11.24 -15.03 -13.06
CA ASN A 27 11.70 -13.65 -12.94
C ASN A 27 13.11 -13.62 -13.56
N LEU A 28 13.38 -12.58 -14.36
CA LEU A 28 14.66 -12.46 -15.10
C LEU A 28 15.86 -12.60 -14.16
N TYR A 29 15.76 -12.06 -12.95
CA TYR A 29 16.83 -12.06 -11.96
C TYR A 29 16.83 -13.33 -11.12
N LYS A 30 16.67 -14.50 -11.71
CA LYS A 30 16.23 -15.63 -10.90
C LYS A 30 17.35 -16.41 -10.20
N LYS A 31 18.62 -16.17 -10.50
CA LYS A 31 19.61 -16.88 -9.69
C LYS A 31 20.06 -16.07 -8.47
N TYR A 32 19.76 -14.77 -8.41
CA TYR A 32 20.00 -13.99 -7.20
C TYR A 32 18.86 -14.12 -6.19
N ASN A 33 17.66 -14.37 -6.68
CA ASN A 33 16.47 -14.51 -5.85
C ASN A 33 16.35 -15.90 -5.24
N GLN A 34 17.23 -16.83 -5.58
CA GLN A 34 17.12 -18.15 -4.97
C GLN A 34 17.36 -18.03 -3.46
N VAL A 35 16.85 -19.01 -2.71
CA VAL A 35 16.83 -18.97 -1.26
C VAL A 35 18.25 -19.08 -0.70
N TYR A 36 18.53 -18.31 0.37
CA TYR A 36 19.85 -18.29 0.98
C TYR A 36 20.38 -19.70 1.25
N ASP A 37 19.72 -20.46 2.13
CA ASP A 37 20.08 -21.87 2.37
C ASP A 37 18.81 -22.70 2.51
N ARG A 38 18.98 -24.02 2.58
CA ARG A 38 17.83 -24.91 2.76
C ARG A 38 17.32 -24.91 4.20
N SER A 39 17.95 -24.12 5.07
CA SER A 39 17.49 -23.94 6.43
C SER A 39 16.07 -23.36 6.49
N ALA A 40 15.34 -23.75 7.52
CA ALA A 40 14.04 -23.16 7.78
C ALA A 40 14.13 -21.73 8.25
N GLN A 41 15.32 -21.27 8.67
CA GLN A 41 15.40 -19.92 9.22
C GLN A 41 15.50 -18.82 8.16
N SER A 42 15.54 -19.17 6.89
CA SER A 42 15.41 -18.17 5.83
C SER A 42 13.98 -18.04 5.31
N PHE A 43 13.02 -18.75 5.91
CA PHE A 43 11.62 -18.67 5.55
C PHE A 43 10.80 -18.28 6.77
N GLU A 44 9.86 -17.38 6.58
CA GLU A 44 8.80 -17.16 7.55
C GLU A 44 7.79 -18.25 7.30
N HIS A 45 7.81 -19.29 8.12
CA HIS A 45 6.95 -20.43 7.90
C HIS A 45 6.01 -20.64 9.09
N VAL A 46 4.96 -21.44 8.89
CA VAL A 46 4.08 -21.82 9.98
C VAL A 46 4.05 -23.34 10.01
N ASP A 47 4.57 -23.92 11.08
CA ASP A 47 4.68 -25.38 11.20
C ASP A 47 5.35 -25.99 9.97
N HIS A 48 6.34 -25.26 9.44
CA HIS A 48 7.14 -25.63 8.27
C HIS A 48 6.34 -25.60 6.96
N TYR A 49 5.17 -24.99 6.96
CA TYR A 49 4.49 -24.69 5.71
C TYR A 49 4.72 -23.24 5.36
N LEU A 50 4.40 -22.91 4.11
CA LEU A 50 4.53 -21.57 3.56
C LEU A 50 3.14 -21.02 3.27
N THR A 51 2.94 -19.73 3.56
CA THR A 51 1.69 -19.06 3.23
C THR A 51 1.90 -18.05 2.11
N ALA A 52 0.78 -17.62 1.51
CA ALA A 52 0.87 -16.60 0.47
C ALA A 52 1.52 -15.32 0.99
N GLU A 53 1.49 -15.06 2.28
CA GLU A 53 2.11 -13.87 2.84
C GLU A 53 3.47 -14.16 3.42
N SER A 54 4.10 -15.27 3.04
CA SER A 54 5.38 -15.58 3.67
C SER A 54 6.52 -14.80 3.03
N TRP A 55 7.50 -14.46 3.85
CA TRP A 55 8.72 -13.83 3.37
C TRP A 55 9.90 -14.77 3.56
N TYR A 56 10.94 -14.55 2.77
CA TYR A 56 12.12 -15.39 2.81
C TYR A 56 13.38 -14.55 2.60
N ARG A 57 14.51 -15.16 2.89
CA ARG A 57 15.79 -14.49 2.66
C ARG A 57 16.39 -15.02 1.39
N PRO A 58 16.55 -14.21 0.34
CA PRO A 58 17.24 -14.67 -0.87
C PRO A 58 18.75 -14.66 -0.65
N LYS A 59 19.46 -15.01 -1.72
CA LYS A 59 20.92 -15.00 -1.64
C LYS A 59 21.49 -13.59 -1.81
N TYR A 60 20.98 -12.84 -2.77
CA TYR A 60 21.48 -11.49 -3.02
C TYR A 60 20.31 -10.52 -2.97
N ILE A 61 20.61 -9.26 -2.65
CA ILE A 61 19.57 -8.24 -2.64
C ILE A 61 19.91 -7.20 -3.70
N LEU A 62 18.94 -6.82 -4.52
CA LEU A 62 19.23 -5.78 -5.51
C LEU A 62 19.12 -4.42 -4.80
N LYS A 63 20.19 -4.06 -4.07
CA LYS A 63 20.18 -2.88 -3.21
C LYS A 63 19.93 -1.58 -3.99
N ASP A 64 18.97 -0.80 -3.47
CA ASP A 64 18.48 0.41 -4.12
C ASP A 64 18.01 0.14 -5.55
N GLY A 65 17.73 -1.11 -5.89
CA GLY A 65 17.37 -1.45 -7.25
C GLY A 65 18.53 -1.25 -8.21
N LYS A 66 19.74 -1.10 -7.64
CA LYS A 66 20.96 -0.75 -8.35
C LYS A 66 21.94 -1.92 -8.32
N THR A 67 22.60 -2.13 -7.20
CA THR A 67 23.73 -3.04 -7.19
C THR A 67 23.34 -4.33 -6.46
N TRP A 68 23.61 -5.48 -7.09
CA TRP A 68 23.32 -6.77 -6.48
C TRP A 68 24.20 -6.95 -5.26
N THR A 69 23.73 -6.42 -4.14
CA THR A 69 24.50 -6.46 -2.91
C THR A 69 24.73 -7.92 -2.52
N GLN A 70 26.04 -8.19 -2.45
CA GLN A 70 26.72 -9.44 -2.13
C GLN A 70 25.98 -10.21 -1.06
N SER A 71 25.93 -9.61 0.12
CA SER A 71 25.32 -10.30 1.24
C SER A 71 23.83 -10.00 1.30
N THR A 72 23.16 -10.85 2.04
CA THR A 72 21.85 -10.62 2.59
C THR A 72 22.03 -10.97 4.06
N GLU A 73 21.41 -10.20 4.96
CA GLU A 73 21.57 -10.55 6.37
C GLU A 73 20.23 -10.74 7.06
N LYS A 74 19.58 -9.63 7.39
CA LYS A 74 18.23 -9.58 7.91
C LYS A 74 17.23 -9.19 6.82
N ASP A 75 17.65 -9.26 5.56
CA ASP A 75 16.92 -8.78 4.37
C ASP A 75 15.93 -9.85 3.92
N PHE A 76 14.73 -9.83 4.48
CA PHE A 76 13.67 -10.72 4.04
C PHE A 76 12.80 -10.02 3.03
N ARG A 77 12.36 -10.76 2.03
CA ARG A 77 11.56 -10.19 0.96
C ARG A 77 10.36 -11.09 0.73
N PRO A 78 9.26 -10.54 0.24
CA PRO A 78 8.08 -11.35 -0.04
C PRO A 78 8.40 -12.43 -1.05
N LEU A 79 7.91 -13.65 -0.77
CA LEU A 79 8.05 -14.72 -1.74
C LEU A 79 7.27 -14.43 -3.02
N LEU A 80 6.18 -13.67 -2.92
CA LEU A 80 5.45 -13.30 -4.11
C LEU A 80 6.23 -12.34 -5.01
N MET A 81 7.38 -11.81 -4.56
CA MET A 81 8.19 -10.95 -5.41
C MET A 81 8.86 -11.74 -6.53
N THR A 82 9.17 -13.01 -6.28
CA THR A 82 9.92 -13.87 -7.18
C THR A 82 9.23 -15.19 -7.54
N TRP A 83 8.13 -15.55 -6.88
CA TRP A 83 7.48 -16.84 -7.04
C TRP A 83 5.97 -16.66 -7.06
N TRP A 84 5.27 -17.48 -7.83
CA TRP A 84 3.81 -17.40 -7.88
C TRP A 84 3.22 -18.79 -8.00
N PRO A 85 2.00 -18.98 -7.48
CA PRO A 85 1.36 -20.29 -7.61
C PRO A 85 0.97 -20.64 -9.06
N SER A 86 0.52 -19.67 -9.85
CA SER A 86 0.13 -19.90 -11.23
C SER A 86 0.51 -18.66 -12.06
N GLN A 87 0.57 -18.84 -13.37
CA GLN A 87 0.85 -17.70 -14.23
C GLN A 87 -0.24 -16.64 -14.12
N GLU A 88 -1.50 -17.06 -13.93
CA GLU A 88 -2.58 -16.10 -13.74
C GLU A 88 -2.36 -15.25 -12.51
N THR A 89 -1.90 -15.87 -11.42
CA THR A 89 -1.58 -15.10 -10.23
C THR A 89 -0.40 -14.18 -10.48
N GLN A 90 0.60 -14.65 -11.23
CA GLN A 90 1.72 -13.78 -11.56
C GLN A 90 1.26 -12.54 -12.33
N ARG A 91 0.36 -12.72 -13.28
CA ARG A 91 -0.17 -11.58 -14.03
C ARG A 91 -0.94 -10.63 -13.12
N GLN A 92 -1.81 -11.17 -12.24
CA GLN A 92 -2.55 -10.33 -11.32
C GLN A 92 -1.62 -9.55 -10.40
N TYR A 93 -0.59 -10.22 -9.89
CA TYR A 93 0.42 -9.57 -9.07
C TYR A 93 1.10 -8.45 -9.83
N VAL A 94 1.41 -8.68 -11.11
CA VAL A 94 2.14 -7.71 -11.90
C VAL A 94 1.28 -6.47 -12.15
N ASN A 95 0.02 -6.69 -12.55
CA ASN A 95 -0.89 -5.56 -12.74
C ASN A 95 -1.05 -4.76 -11.45
N TYR A 96 -1.30 -5.47 -10.36
CA TYR A 96 -1.49 -4.85 -9.07
C TYR A 96 -0.27 -4.04 -8.67
N MET A 97 0.90 -4.67 -8.72
CA MET A 97 2.08 -3.99 -8.22
C MET A 97 2.50 -2.83 -9.12
N ASN A 98 2.24 -2.93 -10.43
CA ASN A 98 2.47 -1.80 -11.31
C ASN A 98 1.66 -0.61 -10.86
N ALA A 99 0.35 -0.83 -10.64
CA ALA A 99 -0.48 0.29 -10.18
C ALA A 99 0.01 0.84 -8.85
N GLN A 100 0.50 -0.03 -7.97
CA GLN A 100 0.96 0.44 -6.66
C GLN A 100 2.25 1.22 -6.75
N LEU A 101 3.00 1.08 -7.85
CA LEU A 101 4.34 1.65 -7.95
C LEU A 101 4.45 2.65 -9.10
N GLY A 102 3.35 3.08 -9.70
CA GLY A 102 3.46 4.12 -10.72
C GLY A 102 4.14 3.64 -11.99
N ILE A 103 3.83 2.44 -12.42
CA ILE A 103 4.32 1.86 -13.65
C ILE A 103 3.07 1.67 -14.52
N ASN A 104 2.91 2.50 -15.54
CA ASN A 104 1.66 2.53 -16.30
C ASN A 104 1.72 1.49 -17.42
N LYS A 105 1.61 0.22 -17.00
CA LYS A 105 1.48 -0.86 -17.97
C LYS A 105 0.63 -1.96 -17.37
N THR A 106 -0.32 -2.45 -18.16
CA THR A 106 -1.18 -3.52 -17.72
C THR A 106 -1.10 -4.66 -18.72
N TYR A 107 -1.26 -5.90 -18.23
CA TYR A 107 -1.10 -7.13 -19.02
C TYR A 107 -2.39 -7.93 -18.95
N ASP A 108 -3.06 -8.13 -20.07
CA ASP A 108 -4.28 -8.92 -19.99
C ASP A 108 -3.98 -10.38 -20.32
N ASP A 109 -5.04 -11.20 -20.18
CA ASP A 109 -4.96 -12.65 -20.04
C ASP A 109 -4.30 -13.38 -21.20
N THR A 110 -3.88 -12.67 -22.26
CA THR A 110 -3.15 -13.34 -23.33
C THR A 110 -1.65 -13.11 -23.26
N SER A 111 -1.16 -12.20 -22.42
CA SER A 111 0.28 -11.94 -22.40
C SER A 111 1.04 -13.16 -21.83
N ASN A 112 2.25 -13.37 -22.33
CA ASN A 112 3.02 -14.59 -22.13
C ASN A 112 4.02 -14.53 -20.98
N GLN A 113 4.73 -15.64 -20.80
CA GLN A 113 5.55 -15.83 -19.62
C GLN A 113 6.75 -14.90 -19.61
N LEU A 114 7.39 -14.67 -20.75
CA LEU A 114 8.62 -13.87 -20.73
C LEU A 114 8.31 -12.43 -20.37
N GLN A 115 7.18 -11.91 -20.89
CA GLN A 115 6.74 -10.58 -20.53
C GLN A 115 6.45 -10.46 -19.04
N LEU A 116 5.81 -11.47 -18.46
CA LEU A 116 5.51 -11.41 -17.05
C LEU A 116 6.78 -11.47 -16.22
N ASN A 117 7.77 -12.25 -16.65
CA ASN A 117 8.98 -12.36 -15.83
C ASN A 117 9.79 -11.07 -15.89
N ILE A 118 9.80 -10.41 -17.04
CA ILE A 118 10.49 -9.13 -17.15
C ILE A 118 9.76 -8.05 -16.36
N ALA A 119 8.42 -8.06 -16.40
CA ALA A 119 7.63 -7.14 -15.58
C ALA A 119 7.90 -7.34 -14.09
N ALA A 120 7.96 -8.60 -13.65
CA ALA A 120 8.21 -8.87 -12.25
C ALA A 120 9.59 -8.38 -11.84
N ALA A 121 10.58 -8.54 -12.73
CA ALA A 121 11.92 -8.02 -12.45
C ALA A 121 11.88 -6.51 -12.26
N THR A 122 11.17 -5.80 -13.13
CA THR A 122 11.07 -4.34 -13.00
C THR A 122 10.43 -3.97 -11.67
N ILE A 123 9.36 -4.68 -11.31
CA ILE A 123 8.66 -4.46 -10.05
C ILE A 123 9.59 -4.70 -8.88
N GLN A 124 10.40 -5.76 -8.97
CA GLN A 124 11.34 -6.03 -7.88
C GLN A 124 12.33 -4.89 -7.71
N ALA A 125 12.89 -4.43 -8.84
CA ALA A 125 13.87 -3.36 -8.81
C ALA A 125 13.30 -2.10 -8.19
N LYS A 126 12.07 -1.75 -8.57
CA LYS A 126 11.52 -0.51 -8.04
C LYS A 126 11.05 -0.67 -6.59
N ILE A 127 10.67 -1.89 -6.18
CA ILE A 127 10.43 -2.18 -4.78
C ILE A 127 11.66 -1.90 -3.95
N GLU A 128 12.80 -2.43 -4.40
CA GLU A 128 14.01 -2.27 -3.61
C GLU A 128 14.42 -0.81 -3.56
N ALA A 129 14.19 -0.08 -4.66
CA ALA A 129 14.43 1.35 -4.63
C ALA A 129 13.63 2.02 -3.53
N LYS A 130 12.32 1.75 -3.48
CA LYS A 130 11.46 2.37 -2.45
C LYS A 130 11.87 1.92 -1.05
N ILE A 131 12.22 0.65 -0.87
CA ILE A 131 12.70 0.18 0.43
C ILE A 131 13.88 1.00 0.90
N THR A 132 14.84 1.28 0.00
CA THR A 132 16.00 2.06 0.45
C THR A 132 15.69 3.55 0.53
N THR A 133 14.70 4.00 -0.23
CA THR A 133 14.25 5.38 -0.14
C THR A 133 13.47 5.59 1.13
N LEU A 134 12.48 4.75 1.36
CA LEU A 134 11.52 4.97 2.42
C LEU A 134 11.89 4.27 3.71
N LYS A 135 13.17 4.24 4.07
CA LYS A 135 13.57 3.81 5.42
C LYS A 135 13.33 2.34 5.80
N ASN A 136 12.20 1.75 5.44
CA ASN A 136 11.78 0.46 5.98
C ASN A 136 10.97 -0.34 4.96
N THR A 137 10.51 -1.52 5.40
CA THR A 137 9.74 -2.45 4.57
C THR A 137 8.28 -2.56 4.98
N ASP A 138 7.81 -1.73 5.93
CA ASP A 138 6.45 -1.86 6.44
C ASP A 138 5.41 -1.69 5.34
N TRP A 139 5.60 -0.68 4.51
CA TRP A 139 4.69 -0.44 3.39
C TRP A 139 4.59 -1.67 2.49
N LEU A 140 5.68 -2.43 2.37
CA LEU A 140 5.66 -3.58 1.47
C LEU A 140 4.83 -4.72 2.06
N ARG A 141 4.95 -4.94 3.38
CA ARG A 141 4.05 -5.87 4.08
C ARG A 141 2.60 -5.54 3.81
N GLN A 142 2.23 -4.28 3.99
CA GLN A 142 0.84 -3.91 3.77
C GLN A 142 0.44 -4.15 2.33
N THR A 143 1.28 -3.73 1.37
CA THR A 143 0.92 -3.84 -0.06
C THR A 143 0.80 -5.30 -0.51
N ILE A 144 1.74 -6.15 -0.08
CA ILE A 144 1.69 -7.57 -0.41
C ILE A 144 0.44 -8.23 0.19
N SER A 145 0.12 -7.92 1.47
CA SER A 145 -1.05 -8.55 2.06
C SER A 145 -2.32 -8.07 1.40
N ALA A 146 -2.36 -6.79 1.00
CA ALA A 146 -3.52 -6.29 0.28
C ALA A 146 -3.70 -7.01 -1.06
N PHE A 147 -2.61 -7.13 -1.83
CA PHE A 147 -2.72 -7.89 -3.08
C PHE A 147 -3.24 -9.29 -2.79
N VAL A 148 -2.65 -9.99 -1.80
CA VAL A 148 -3.07 -11.36 -1.51
C VAL A 148 -4.56 -11.42 -1.20
N LYS A 149 -5.06 -10.42 -0.46
CA LYS A 149 -6.50 -10.38 -0.17
C LYS A 149 -7.36 -10.17 -1.41
N THR A 150 -6.79 -9.65 -2.50
CA THR A 150 -7.61 -9.59 -3.72
C THR A 150 -7.88 -10.97 -4.35
N GLN A 151 -7.16 -12.01 -3.96
CA GLN A 151 -7.27 -13.32 -4.62
C GLN A 151 -8.30 -14.23 -3.93
N SER A 152 -9.21 -14.77 -4.72
CA SER A 152 -10.33 -15.50 -4.12
C SER A 152 -9.87 -16.75 -3.35
N ALA A 153 -8.78 -17.38 -3.79
CA ALA A 153 -8.27 -18.51 -3.04
C ALA A 153 -7.65 -18.07 -1.72
N TRP A 154 -7.52 -16.77 -1.49
CA TRP A 154 -6.84 -16.23 -0.33
C TRP A 154 -7.71 -15.23 0.42
N ASN A 155 -9.02 -15.30 0.26
CA ASN A 155 -9.88 -14.35 0.96
C ASN A 155 -11.23 -15.02 1.21
N SER A 156 -12.18 -14.22 1.73
CA SER A 156 -13.51 -14.69 2.12
C SER A 156 -14.23 -15.48 1.04
N ASP A 157 -13.88 -15.27 -0.23
CA ASP A 157 -14.64 -15.88 -1.33
C ASP A 157 -14.65 -17.40 -1.27
N SER A 158 -13.51 -18.01 -0.95
CA SER A 158 -13.49 -19.46 -0.86
C SER A 158 -14.01 -19.97 0.49
N GLU A 159 -14.39 -19.07 1.40
CA GLU A 159 -14.99 -19.42 2.69
C GLU A 159 -16.50 -19.29 2.69
N LYS A 160 -17.07 -18.74 1.62
CA LYS A 160 -18.51 -18.69 1.47
C LYS A 160 -19.03 -20.08 1.12
N PRO A 161 -20.35 -20.32 1.23
CA PRO A 161 -21.39 -19.38 1.67
C PRO A 161 -21.33 -19.11 3.18
N PHE A 162 -21.63 -17.87 3.54
CA PHE A 162 -21.74 -17.54 4.95
C PHE A 162 -22.99 -18.19 5.52
N ASP A 163 -23.01 -18.33 6.86
CA ASP A 163 -24.13 -18.92 7.59
C ASP A 163 -24.39 -18.15 8.90
N ASP A 164 -25.36 -18.63 9.67
CA ASP A 164 -25.88 -17.91 10.85
C ASP A 164 -25.01 -18.08 12.12
N HIS A 165 -23.80 -18.63 12.00
CA HIS A 165 -22.80 -18.38 13.02
C HIS A 165 -22.68 -16.87 13.20
N LEU A 166 -22.47 -16.43 14.45
CA LEU A 166 -22.47 -14.99 14.72
C LEU A 166 -21.47 -14.22 13.86
N GLN A 167 -20.38 -14.87 13.47
CA GLN A 167 -19.34 -14.24 12.68
C GLN A 167 -19.26 -14.83 11.27
N ASN A 168 -20.40 -15.25 10.72
CA ASN A 168 -20.59 -15.67 9.32
C ASN A 168 -20.16 -17.08 9.00
N GLY A 169 -19.39 -17.71 9.88
CA GLY A 169 -19.03 -19.11 9.66
C GLY A 169 -17.93 -19.58 10.59
N ALA A 170 -17.66 -20.88 10.51
CA ALA A 170 -16.63 -21.53 11.31
C ALA A 170 -16.03 -22.69 10.53
N VAL A 171 -14.83 -23.07 10.93
CA VAL A 171 -14.20 -24.29 10.44
C VAL A 171 -13.93 -25.17 11.65
N LEU A 172 -14.08 -26.46 11.43
CA LEU A 172 -13.88 -27.50 12.44
C LEU A 172 -12.57 -28.22 12.15
N TYR A 173 -11.74 -28.35 13.17
CA TYR A 173 -10.42 -28.98 13.03
C TYR A 173 -10.54 -30.50 13.02
N ASP A 174 -9.95 -31.14 12.02
CA ASP A 174 -10.11 -32.58 11.85
C ASP A 174 -9.30 -33.36 12.88
N ASN A 175 -9.92 -34.40 13.42
CA ASN A 175 -9.29 -35.15 14.49
C ASN A 175 -8.08 -35.95 14.01
N GLU A 176 -8.02 -36.27 12.73
CA GLU A 176 -6.91 -36.99 12.15
C GLU A 176 -6.52 -36.30 10.85
N GLY A 177 -5.56 -35.40 10.92
CA GLY A 177 -5.05 -34.75 9.74
C GLY A 177 -3.66 -35.27 9.51
N LYS A 178 -3.43 -35.96 8.39
CA LYS A 178 -2.13 -36.56 8.14
C LYS A 178 -1.05 -35.50 8.04
N LEU A 179 -1.38 -34.34 7.49
CA LEU A 179 -0.41 -33.29 7.30
C LEU A 179 -0.20 -32.44 8.55
N THR A 180 -1.08 -32.54 9.55
CA THR A 180 -0.98 -31.71 10.76
C THR A 180 -1.24 -32.56 12.01
N PRO A 181 -0.43 -33.60 12.24
CA PRO A 181 -0.69 -34.49 13.37
C PRO A 181 -0.57 -33.84 14.71
N TYR A 182 0.20 -32.76 14.83
CA TYR A 182 0.28 -32.03 16.08
C TYR A 182 -1.07 -31.38 16.49
N ALA A 183 -2.06 -31.36 15.58
CA ALA A 183 -3.36 -30.77 15.87
C ALA A 183 -4.45 -31.82 15.99
N ASN A 184 -4.08 -33.09 15.92
CA ASN A 184 -5.05 -34.17 16.04
C ASN A 184 -5.67 -34.21 17.42
N SER A 185 -6.84 -34.83 17.50
CA SER A 185 -7.53 -34.99 18.77
C SER A 185 -8.37 -36.25 18.73
N ASN A 186 -8.58 -36.83 19.90
CA ASN A 186 -9.51 -37.93 20.07
C ASN A 186 -10.85 -37.44 20.56
N TYR A 187 -11.03 -36.13 20.69
CA TYR A 187 -12.25 -35.64 21.28
C TYR A 187 -12.95 -34.74 20.28
N ARG A 188 -13.03 -33.45 20.54
CA ARG A 188 -13.84 -32.57 19.72
C ARG A 188 -15.27 -33.12 19.60
N ILE A 189 -15.80 -33.60 20.72
CA ILE A 189 -17.20 -34.03 20.77
C ILE A 189 -18.08 -32.77 20.90
N LEU A 190 -18.89 -32.51 19.89
CA LEU A 190 -19.58 -31.23 19.78
C LEU A 190 -21.01 -31.33 20.26
N ASN A 191 -21.54 -30.17 20.68
CA ASN A 191 -22.97 -29.98 20.93
C ASN A 191 -23.48 -30.72 22.14
N ARG A 192 -22.61 -31.09 23.08
CA ARG A 192 -23.01 -31.87 24.25
C ARG A 192 -23.55 -30.93 25.33
N THR A 193 -24.56 -30.17 24.94
CA THR A 193 -25.29 -29.26 25.82
C THR A 193 -25.96 -30.06 26.95
N PRO A 194 -26.49 -29.42 28.01
CA PRO A 194 -27.23 -30.23 29.01
C PRO A 194 -28.33 -31.07 28.38
N THR A 195 -29.07 -30.52 27.40
CA THR A 195 -30.11 -31.31 26.72
C THR A 195 -29.52 -32.54 26.01
N ASN A 196 -28.34 -32.37 25.41
CA ASN A 196 -27.72 -33.31 24.48
C ASN A 196 -26.41 -33.87 25.03
N GLN A 197 -26.27 -33.92 26.36
CA GLN A 197 -24.98 -34.23 26.98
C GLN A 197 -24.46 -35.62 26.64
N THR A 198 -25.35 -36.58 26.45
CA THR A 198 -24.94 -37.91 26.09
C THR A 198 -24.86 -38.11 24.59
N GLY A 199 -25.03 -37.05 23.78
CA GLY A 199 -25.12 -37.23 22.34
C GLY A 199 -26.48 -37.70 21.86
N LYS A 200 -27.40 -37.93 22.76
CA LYS A 200 -28.79 -38.20 22.43
C LYS A 200 -29.60 -37.19 23.20
N LYS A 201 -30.69 -36.72 22.61
CA LYS A 201 -31.55 -35.77 23.28
C LYS A 201 -32.11 -36.39 24.56
N ASP A 202 -31.96 -35.70 25.68
CA ASP A 202 -32.39 -36.24 26.97
C ASP A 202 -33.91 -36.44 26.98
N PRO A 203 -34.41 -37.66 27.20
CA PRO A 203 -35.86 -37.86 27.17
C PRO A 203 -36.57 -37.30 28.40
N ARG A 204 -35.84 -36.85 29.43
CA ARG A 204 -36.53 -36.29 30.58
C ARG A 204 -37.08 -34.90 30.30
N TYR A 205 -36.51 -34.14 29.37
CA TYR A 205 -36.77 -32.70 29.31
C TYR A 205 -37.41 -32.35 27.97
N THR A 206 -38.67 -31.91 28.02
CA THR A 206 -39.48 -31.69 26.83
C THR A 206 -39.92 -30.25 26.61
N ALA A 207 -39.55 -29.30 27.46
CA ALA A 207 -39.95 -27.92 27.17
C ALA A 207 -39.26 -27.38 25.94
N ASP A 208 -38.09 -27.91 25.58
CA ASP A 208 -37.32 -27.44 24.43
C ASP A 208 -37.15 -28.65 23.52
N ASN A 209 -37.77 -28.54 22.34
CA ASN A 209 -37.78 -29.56 21.29
C ASN A 209 -36.40 -29.81 20.71
N THR A 210 -35.52 -28.81 20.78
CA THR A 210 -34.27 -28.85 20.02
C THR A 210 -33.25 -29.62 20.83
N ILE A 211 -32.01 -29.66 20.34
CA ILE A 211 -30.91 -30.23 21.11
C ILE A 211 -30.38 -29.29 22.17
N GLY A 212 -30.98 -28.10 22.32
CA GLY A 212 -30.70 -27.21 23.43
C GLY A 212 -29.42 -26.40 23.37
N GLY A 213 -28.92 -26.07 22.19
CA GLY A 213 -27.75 -25.24 22.06
C GLY A 213 -26.98 -25.61 20.81
N TYR A 214 -25.74 -25.09 20.73
CA TYR A 214 -24.88 -25.40 19.60
C TYR A 214 -23.45 -25.07 19.98
N GLU A 215 -22.50 -25.73 19.30
CA GLU A 215 -21.12 -25.69 19.76
C GLU A 215 -20.41 -24.39 19.40
N PHE A 216 -20.53 -23.93 18.16
CA PHE A 216 -19.69 -22.82 17.68
C PHE A 216 -20.42 -21.50 17.86
N LEU A 217 -19.92 -20.67 18.77
CA LEU A 217 -20.52 -19.37 19.07
C LEU A 217 -19.64 -18.22 18.59
N LEU A 218 -18.41 -18.08 19.10
CA LEU A 218 -17.54 -16.96 18.74
C LEU A 218 -16.07 -17.41 18.73
N ALA A 219 -15.30 -16.81 17.82
CA ALA A 219 -13.82 -16.80 17.88
C ALA A 219 -13.28 -18.23 17.91
N ASN A 220 -12.21 -18.50 18.65
CA ASN A 220 -11.65 -19.84 18.77
C ASN A 220 -12.46 -20.66 19.76
N ASP A 221 -13.06 -21.77 19.31
CA ASP A 221 -13.93 -22.56 20.18
C ASP A 221 -13.13 -23.59 20.99
N VAL A 222 -13.13 -23.42 22.32
CA VAL A 222 -12.43 -24.36 23.23
C VAL A 222 -13.11 -25.73 23.18
N ASP A 223 -12.31 -26.80 23.11
CA ASP A 223 -12.89 -28.14 23.10
C ASP A 223 -13.06 -28.59 24.54
N ASN A 224 -14.23 -28.28 25.11
CA ASN A 224 -14.50 -28.66 26.47
C ASN A 224 -14.92 -30.13 26.59
N SER A 225 -14.85 -30.92 25.53
CA SER A 225 -14.95 -32.38 25.67
C SER A 225 -13.59 -33.05 25.93
N ASN A 226 -12.53 -32.29 25.90
CA ASN A 226 -11.19 -32.83 26.04
C ASN A 226 -10.84 -32.94 27.52
N PRO A 227 -10.56 -34.14 28.03
CA PRO A 227 -10.31 -34.28 29.49
C PRO A 227 -9.21 -33.38 30.03
N VAL A 228 -8.14 -33.14 29.26
CA VAL A 228 -7.07 -32.21 29.70
C VAL A 228 -7.61 -30.79 29.79
N VAL A 229 -8.39 -30.38 28.79
CA VAL A 229 -9.01 -29.08 28.84
C VAL A 229 -9.96 -28.99 30.04
N GLN A 230 -10.76 -30.06 30.26
CA GLN A 230 -11.70 -30.00 31.39
C GLN A 230 -10.95 -29.76 32.69
N ALA A 231 -9.84 -30.48 32.86
CA ALA A 231 -9.02 -30.31 34.05
C ALA A 231 -8.46 -28.88 34.14
N GLU A 232 -8.10 -28.29 32.99
CA GLU A 232 -7.61 -26.89 33.01
C GLU A 232 -8.73 -25.89 33.33
N GLN A 233 -9.97 -26.22 32.97
CA GLN A 233 -11.10 -25.39 33.38
C GLN A 233 -11.25 -25.41 34.89
N LEU A 234 -11.10 -26.58 35.49
CA LEU A 234 -11.19 -26.67 36.95
C LEU A 234 -10.04 -25.90 37.60
N ASN A 235 -8.83 -26.02 37.02
CA ASN A 235 -7.70 -25.24 37.52
C ASN A 235 -8.05 -23.77 37.55
N TRP A 236 -8.60 -23.27 36.44
CA TRP A 236 -8.97 -21.86 36.35
C TRP A 236 -10.03 -21.45 37.38
N LEU A 237 -11.04 -22.31 37.57
CA LEU A 237 -12.07 -22.07 38.57
C LEU A 237 -11.45 -21.96 39.97
N HIS A 238 -10.57 -22.89 40.30
CA HIS A 238 -9.91 -22.84 41.60
C HIS A 238 -9.11 -21.54 41.75
N PHE A 239 -8.40 -21.15 40.68
CA PHE A 239 -7.68 -19.90 40.66
C PHE A 239 -8.61 -18.72 40.96
N LEU A 240 -9.71 -18.59 40.25
CA LEU A 240 -10.57 -17.43 40.51
C LEU A 240 -11.09 -17.45 41.94
N MET A 241 -11.48 -18.62 42.44
CA MET A 241 -12.01 -18.62 43.79
C MET A 241 -10.94 -18.49 44.86
N ASN A 242 -9.66 -18.46 44.48
CA ASN A 242 -8.57 -18.15 45.38
C ASN A 242 -7.71 -16.99 44.90
N PHE A 243 -8.27 -16.12 44.03
CA PHE A 243 -7.52 -15.02 43.43
C PHE A 243 -6.78 -14.18 44.47
N GLY A 244 -7.46 -13.82 45.56
CA GLY A 244 -6.81 -13.02 46.59
C GLY A 244 -5.58 -13.72 47.14
N ASN A 245 -5.73 -14.97 47.56
CA ASN A 245 -4.60 -15.74 48.05
C ASN A 245 -3.49 -15.81 47.02
N ILE A 246 -3.83 -16.13 45.79
CA ILE A 246 -2.79 -16.48 44.83
C ILE A 246 -2.07 -15.25 44.33
N TYR A 247 -2.81 -14.21 43.97
CA TYR A 247 -2.16 -13.05 43.40
C TYR A 247 -1.65 -12.09 44.47
N ALA A 248 -2.42 -11.84 45.53
CA ALA A 248 -2.08 -10.78 46.46
C ALA A 248 -1.76 -11.30 47.85
N ASN A 249 -1.65 -12.61 48.03
CA ASN A 249 -1.50 -13.20 49.34
C ASN A 249 -2.44 -12.57 50.34
N ASP A 250 -3.68 -12.39 49.92
CA ASP A 250 -4.69 -11.76 50.76
C ASP A 250 -5.96 -12.58 50.68
N PRO A 251 -6.26 -13.39 51.71
CA PRO A 251 -7.45 -14.24 51.64
C PRO A 251 -8.72 -13.43 51.62
N ASP A 252 -8.66 -12.14 51.92
CA ASP A 252 -9.86 -11.32 51.82
C ASP A 252 -10.16 -10.85 50.41
N ALA A 253 -9.40 -11.26 49.40
CA ALA A 253 -9.63 -10.75 48.05
C ALA A 253 -9.99 -11.85 47.06
N ASN A 254 -10.53 -12.98 47.52
CA ASN A 254 -11.00 -14.02 46.62
C ASN A 254 -12.41 -13.71 46.11
N PHE A 255 -12.70 -14.16 44.89
CA PHE A 255 -14.08 -14.27 44.44
C PHE A 255 -14.81 -15.32 45.28
N ASP A 256 -16.08 -15.05 45.59
CA ASP A 256 -16.88 -15.97 46.38
C ASP A 256 -17.70 -16.94 45.54
N SER A 257 -18.09 -16.57 44.32
CA SER A 257 -19.00 -17.39 43.52
C SER A 257 -18.64 -17.24 42.05
N ILE A 258 -19.35 -17.98 41.18
CA ILE A 258 -19.13 -17.85 39.74
C ILE A 258 -20.44 -17.73 38.98
N ARG A 259 -20.32 -17.18 37.77
CA ARG A 259 -21.33 -17.23 36.73
C ARG A 259 -20.79 -18.10 35.60
N VAL A 260 -21.57 -19.08 35.17
CA VAL A 260 -21.17 -19.95 34.06
C VAL A 260 -21.69 -19.38 32.75
N ASP A 261 -20.78 -18.90 31.94
CA ASP A 261 -21.11 -18.21 30.70
C ASP A 261 -21.36 -19.20 29.57
N ALA A 262 -22.40 -18.94 28.78
CA ALA A 262 -22.62 -19.64 27.52
C ALA A 262 -22.75 -21.15 27.71
N VAL A 263 -23.57 -21.53 28.71
CA VAL A 263 -23.77 -22.94 29.02
C VAL A 263 -24.17 -23.73 27.78
N ASP A 264 -25.09 -23.19 26.96
CA ASP A 264 -25.58 -23.97 25.84
C ASP A 264 -24.60 -24.05 24.67
N ASN A 265 -23.39 -23.49 24.79
CA ASN A 265 -22.41 -23.59 23.72
C ASN A 265 -21.17 -24.34 24.16
N VAL A 266 -21.20 -24.97 25.32
CA VAL A 266 -20.06 -25.75 25.79
C VAL A 266 -20.55 -27.12 26.28
N ASP A 267 -19.60 -28.02 26.43
CA ASP A 267 -19.84 -29.38 26.95
C ASP A 267 -20.32 -29.32 28.40
N ALA A 268 -21.50 -29.90 28.65
CA ALA A 268 -22.17 -29.80 29.95
C ALA A 268 -21.46 -30.53 31.07
N ASP A 269 -20.45 -31.37 30.76
CA ASP A 269 -19.60 -31.95 31.80
C ASP A 269 -19.08 -30.86 32.76
N LEU A 270 -18.82 -29.66 32.21
CA LEU A 270 -18.37 -28.53 33.02
C LEU A 270 -19.34 -28.23 34.15
N LEU A 271 -20.65 -28.46 33.94
CA LEU A 271 -21.60 -28.23 35.03
C LEU A 271 -21.35 -29.18 36.20
N GLN A 272 -21.09 -30.47 35.91
CA GLN A 272 -20.78 -31.38 37.00
C GLN A 272 -19.44 -31.01 37.64
N ILE A 273 -18.51 -30.51 36.83
CA ILE A 273 -17.20 -30.23 37.37
C ILE A 273 -17.27 -29.02 38.31
N ALA A 274 -18.01 -27.97 37.90
CA ALA A 274 -18.17 -26.81 38.76
C ALA A 274 -18.95 -27.16 40.01
N GLY A 275 -20.09 -27.83 39.84
CA GLY A 275 -20.90 -28.23 40.99
C GLY A 275 -20.10 -29.04 41.99
N ASP A 276 -19.47 -30.11 41.50
CA ASP A 276 -18.58 -30.91 42.34
C ASP A 276 -17.57 -30.05 43.06
N TYR A 277 -16.95 -29.11 42.34
CA TYR A 277 -15.92 -28.30 42.98
C TYR A 277 -16.51 -27.50 44.12
N LEU A 278 -17.66 -26.83 43.85
CA LEU A 278 -18.31 -26.03 44.89
C LEU A 278 -18.66 -26.91 46.08
N LYS A 279 -19.08 -28.16 45.83
CA LYS A 279 -19.43 -29.02 46.96
C LYS A 279 -18.20 -29.43 47.72
N ALA A 280 -17.12 -29.80 47.02
CA ALA A 280 -15.96 -30.32 47.71
C ALA A 280 -15.14 -29.20 48.35
N ALA A 281 -14.97 -28.08 47.64
CA ALA A 281 -14.12 -27.03 48.17
C ALA A 281 -14.86 -26.06 49.10
N LYS A 282 -16.17 -25.90 48.95
CA LYS A 282 -16.92 -24.96 49.79
C LYS A 282 -18.00 -25.61 50.65
N GLY A 283 -18.32 -26.88 50.45
CA GLY A 283 -19.34 -27.54 51.26
C GLY A 283 -20.74 -26.99 51.08
N ILE A 284 -21.11 -26.56 49.86
CA ILE A 284 -22.40 -25.86 49.72
C ILE A 284 -23.57 -26.78 49.98
N HIS A 285 -23.39 -28.09 49.84
CA HIS A 285 -24.46 -29.05 50.03
C HIS A 285 -24.76 -29.34 51.50
N LYS A 286 -24.01 -28.82 52.44
CA LYS A 286 -24.29 -29.22 53.81
C LYS A 286 -25.36 -28.34 54.48
N ASN A 287 -25.36 -27.05 54.20
CA ASN A 287 -26.34 -26.16 54.84
C ASN A 287 -26.48 -24.90 54.00
N ASP A 288 -27.49 -24.11 54.35
CA ASP A 288 -27.76 -22.92 53.55
C ASP A 288 -26.69 -21.86 53.75
N LYS A 289 -26.04 -21.83 54.93
CA LYS A 289 -25.02 -20.81 55.13
C LYS A 289 -23.87 -20.99 54.15
N ALA A 290 -23.42 -22.23 53.94
CA ALA A 290 -22.38 -22.47 52.94
C ALA A 290 -22.86 -22.12 51.54
N ALA A 291 -24.01 -22.68 51.16
CA ALA A 291 -24.57 -22.48 49.83
C ALA A 291 -24.71 -20.99 49.51
N ASN A 292 -25.38 -20.25 50.38
CA ASN A 292 -25.60 -18.83 50.16
C ASN A 292 -24.33 -18.01 50.25
N ASP A 293 -23.26 -18.53 50.90
CA ASP A 293 -21.98 -17.82 50.83
C ASP A 293 -21.29 -18.00 49.49
N HIS A 294 -21.73 -18.94 48.67
CA HIS A 294 -21.11 -19.07 47.35
C HIS A 294 -22.16 -19.23 46.25
N LEU A 295 -23.22 -18.45 46.31
CA LEU A 295 -24.35 -18.59 45.38
C LEU A 295 -23.91 -18.34 43.94
N SER A 296 -23.96 -19.38 43.10
CA SER A 296 -23.40 -19.36 41.75
C SER A 296 -24.49 -19.54 40.71
N ILE A 297 -24.28 -18.96 39.52
CA ILE A 297 -25.37 -18.92 38.56
C ILE A 297 -24.95 -19.43 37.18
N LEU A 298 -25.97 -19.81 36.39
CA LEU A 298 -25.83 -20.15 34.98
C LEU A 298 -26.46 -19.08 34.11
N GLU A 299 -25.88 -18.87 32.94
CA GLU A 299 -26.53 -18.22 31.80
C GLU A 299 -26.88 -19.33 30.82
N ALA A 300 -28.04 -19.95 31.01
CA ALA A 300 -28.43 -21.14 30.27
C ALA A 300 -29.84 -20.91 29.72
N TRP A 301 -29.92 -20.65 28.42
CA TRP A 301 -31.12 -20.14 27.77
C TRP A 301 -32.16 -21.21 27.43
N SER A 302 -31.76 -22.46 27.25
CA SER A 302 -32.75 -23.51 26.96
C SER A 302 -33.67 -23.74 28.15
N ASP A 303 -34.97 -23.89 27.85
CA ASP A 303 -35.89 -24.21 28.92
C ASP A 303 -35.72 -25.63 29.49
N ASN A 304 -34.84 -26.46 28.93
CA ASN A 304 -34.52 -27.71 29.60
C ASN A 304 -33.47 -27.52 30.68
N ASP A 305 -32.74 -26.40 30.65
CA ASP A 305 -31.60 -26.25 31.53
C ASP A 305 -32.02 -26.12 32.98
N THR A 306 -33.17 -25.49 33.25
CA THR A 306 -33.59 -25.37 34.63
C THR A 306 -33.99 -26.71 35.23
N PRO A 307 -34.89 -27.52 34.61
CA PRO A 307 -35.13 -28.87 35.15
C PRO A 307 -33.88 -29.76 35.19
N TYR A 308 -33.03 -29.67 34.17
CA TYR A 308 -31.74 -30.35 34.23
C TYR A 308 -30.96 -29.96 35.48
N LEU A 309 -30.80 -28.65 35.72
CA LEU A 309 -29.96 -28.19 36.81
C LEU A 309 -30.56 -28.54 38.16
N HIS A 310 -31.90 -28.62 38.21
CA HIS A 310 -32.57 -29.06 39.41
C HIS A 310 -32.32 -30.54 39.70
N ASP A 311 -32.43 -31.39 38.67
CA ASP A 311 -32.13 -32.79 38.86
C ASP A 311 -30.68 -33.00 39.23
N ASP A 312 -29.79 -32.14 38.76
CA ASP A 312 -28.37 -32.20 39.06
C ASP A 312 -28.04 -31.86 40.53
N GLY A 313 -28.99 -31.33 41.30
CA GLY A 313 -28.77 -31.06 42.72
C GLY A 313 -28.92 -29.61 43.19
N ASP A 314 -29.38 -28.69 42.33
CA ASP A 314 -29.44 -27.24 42.63
C ASP A 314 -28.10 -26.74 43.21
N ASN A 315 -27.00 -27.11 42.54
CA ASN A 315 -25.69 -26.64 42.92
C ASN A 315 -25.41 -25.24 42.39
N MET A 316 -26.15 -24.83 41.37
CA MET A 316 -26.15 -23.48 40.85
C MET A 316 -27.59 -23.18 40.50
N ILE A 317 -27.89 -21.93 40.19
CA ILE A 317 -29.24 -21.53 39.86
C ILE A 317 -29.23 -20.90 38.48
N ASN A 318 -30.32 -21.08 37.77
CA ASN A 318 -30.50 -20.54 36.44
C ASN A 318 -31.43 -19.32 36.47
N MET A 319 -31.47 -18.61 35.36
CA MET A 319 -32.45 -17.54 35.19
C MET A 319 -33.85 -18.14 35.07
N ASP A 320 -34.85 -17.33 35.46
CA ASP A 320 -36.26 -17.67 35.20
C ASP A 320 -36.64 -16.99 33.89
N ASN A 321 -36.36 -17.66 32.77
CA ASN A 321 -36.62 -17.06 31.48
C ASN A 321 -38.11 -16.86 31.23
N LYS A 322 -38.98 -17.69 31.81
CA LYS A 322 -40.41 -17.49 31.62
C LYS A 322 -40.84 -16.17 32.22
N LEU A 323 -40.44 -15.91 33.47
CA LEU A 323 -40.81 -14.65 34.10
C LEU A 323 -40.25 -13.47 33.30
N ARG A 324 -39.04 -13.64 32.76
CA ARG A 324 -38.37 -12.59 31.99
C ARG A 324 -39.18 -12.24 30.75
N LEU A 325 -39.52 -13.25 29.94
CA LEU A 325 -40.34 -12.99 28.76
C LEU A 325 -41.67 -12.35 29.13
N SER A 326 -42.24 -12.80 30.26
CA SER A 326 -43.52 -12.28 30.70
C SER A 326 -43.44 -10.79 31.01
N LEU A 327 -42.40 -10.38 31.74
CA LEU A 327 -42.16 -8.96 31.99
C LEU A 327 -41.95 -8.20 30.69
N LEU A 328 -41.15 -8.78 29.81
CA LEU A 328 -40.79 -8.10 28.58
C LEU A 328 -42.02 -7.82 27.72
N PHE A 329 -42.90 -8.82 27.55
CA PHE A 329 -44.01 -8.69 26.63
C PHE A 329 -45.25 -8.05 27.26
N SER A 330 -45.36 -8.07 28.60
CA SER A 330 -46.51 -7.47 29.25
C SER A 330 -46.26 -6.04 29.68
N LEU A 331 -45.00 -5.67 29.86
CA LEU A 331 -44.67 -4.32 30.32
C LEU A 331 -43.73 -3.57 29.39
N ALA A 332 -42.66 -4.20 28.87
CA ALA A 332 -41.59 -3.42 28.25
C ALA A 332 -41.86 -3.08 26.80
N LYS A 333 -42.57 -3.95 26.09
CA LYS A 333 -42.80 -3.81 24.66
C LYS A 333 -43.63 -2.57 24.36
N PRO A 334 -43.60 -2.10 23.12
CA PRO A 334 -44.52 -1.03 22.70
C PRO A 334 -45.98 -1.42 22.94
N LEU A 335 -46.81 -0.39 23.12
CA LEU A 335 -48.20 -0.58 23.56
C LEU A 335 -48.95 -1.55 22.64
N ASN A 336 -48.79 -1.42 21.33
CA ASN A 336 -49.53 -2.30 20.43
C ASN A 336 -48.96 -3.70 20.32
N GLN A 337 -47.77 -3.96 20.87
CA GLN A 337 -47.22 -5.30 20.85
C GLN A 337 -47.27 -5.93 22.22
N ARG A 338 -47.89 -5.25 23.18
CA ARG A 338 -47.93 -5.73 24.58
C ARG A 338 -48.97 -6.85 24.75
N SER A 339 -48.59 -7.90 25.49
CA SER A 339 -49.50 -8.97 25.81
C SER A 339 -50.39 -8.57 27.00
N GLY A 340 -51.37 -9.41 27.29
CA GLY A 340 -52.13 -9.28 28.53
C GLY A 340 -51.22 -9.46 29.73
N MET A 341 -51.76 -9.13 30.92
CA MET A 341 -50.98 -9.03 32.15
C MET A 341 -50.93 -10.32 32.97
N ASN A 342 -51.88 -11.23 32.81
CA ASN A 342 -51.87 -12.44 33.63
C ASN A 342 -50.58 -13.26 33.54
N PRO A 343 -49.81 -13.24 32.44
CA PRO A 343 -48.53 -13.98 32.47
C PRO A 343 -47.64 -13.59 33.63
N LEU A 344 -47.65 -12.30 34.04
CA LEU A 344 -46.81 -11.88 35.17
C LEU A 344 -47.08 -12.71 36.43
N ILE A 345 -48.27 -13.29 36.54
CA ILE A 345 -48.58 -14.13 37.69
C ILE A 345 -48.18 -15.57 37.43
N THR A 346 -48.52 -16.09 36.25
CA THR A 346 -48.52 -17.53 36.05
C THR A 346 -47.42 -18.01 35.14
N ASN A 347 -46.87 -17.16 34.28
CA ASN A 347 -45.88 -17.62 33.31
C ASN A 347 -44.51 -17.34 33.91
N SER A 348 -44.10 -18.29 34.74
CA SER A 348 -42.90 -18.19 35.54
C SER A 348 -42.58 -19.56 36.06
N LEU A 349 -41.36 -19.72 36.58
CA LEU A 349 -41.04 -20.91 37.33
C LEU A 349 -42.02 -21.10 38.48
N VAL A 350 -42.53 -20.01 39.04
CA VAL A 350 -43.38 -20.09 40.22
C VAL A 350 -44.68 -19.37 39.91
N ASN A 351 -45.79 -20.09 39.97
CA ASN A 351 -47.08 -19.44 39.85
C ASN A 351 -47.33 -18.66 41.12
N ARG A 352 -47.37 -17.33 41.01
CA ARG A 352 -47.44 -16.46 42.17
C ARG A 352 -48.87 -16.04 42.50
N THR A 353 -49.85 -16.83 42.08
CA THR A 353 -51.23 -16.58 42.51
C THR A 353 -51.36 -16.63 44.03
N ASP A 354 -50.89 -17.72 44.64
CA ASP A 354 -50.76 -17.80 46.10
C ASP A 354 -49.51 -18.61 46.37
N ASP A 355 -48.40 -17.91 46.61
CA ASP A 355 -47.12 -18.51 46.96
C ASP A 355 -46.98 -18.41 48.48
N ASN A 356 -47.32 -19.49 49.16
CA ASN A 356 -47.29 -19.57 50.60
C ASN A 356 -46.23 -20.54 51.10
N ALA A 357 -45.30 -20.93 50.26
CA ALA A 357 -44.38 -22.00 50.61
C ALA A 357 -43.21 -21.48 51.43
N GLU A 358 -42.83 -22.24 52.46
CA GLU A 358 -41.56 -22.04 53.14
C GLU A 358 -40.39 -22.10 52.18
N THR A 359 -40.41 -23.07 51.27
CA THR A 359 -39.34 -23.23 50.30
C THR A 359 -39.97 -23.54 48.96
N ALA A 360 -39.67 -22.71 47.97
CA ALA A 360 -40.19 -22.95 46.65
C ALA A 360 -39.54 -24.20 46.05
N ALA A 361 -40.18 -24.71 45.02
CA ALA A 361 -39.73 -25.95 44.40
C ALA A 361 -38.36 -25.77 43.72
N VAL A 362 -38.14 -24.68 43.02
CA VAL A 362 -36.87 -24.52 42.32
C VAL A 362 -36.27 -23.13 42.57
N PRO A 363 -34.98 -23.03 42.88
CA PRO A 363 -34.36 -21.71 43.01
C PRO A 363 -34.08 -21.14 41.62
N SER A 364 -33.97 -19.82 41.56
CA SER A 364 -33.71 -19.12 40.30
C SER A 364 -33.40 -17.65 40.63
N TYR A 365 -32.83 -16.96 39.63
CA TYR A 365 -32.74 -15.52 39.68
C TYR A 365 -33.59 -14.93 38.56
N SER A 366 -33.99 -13.69 38.77
CA SER A 366 -34.95 -12.99 37.94
C SER A 366 -34.41 -11.63 37.50
N PHE A 367 -34.62 -11.30 36.22
CA PHE A 367 -34.17 -10.01 35.70
C PHE A 367 -34.97 -9.62 34.48
N ILE A 368 -34.93 -8.33 34.14
CA ILE A 368 -35.59 -7.79 32.95
C ILE A 368 -34.57 -7.40 31.87
N ARG A 369 -33.43 -6.91 32.29
CA ARG A 369 -32.34 -6.55 31.36
C ARG A 369 -31.02 -7.06 31.93
N ALA A 370 -30.04 -7.32 31.07
CA ALA A 370 -28.70 -7.68 31.50
C ALA A 370 -27.72 -7.00 30.55
N HIS A 371 -26.43 -7.10 30.84
CA HIS A 371 -25.43 -6.40 30.03
C HIS A 371 -25.58 -6.76 28.56
N ASP A 372 -25.97 -8.01 28.27
CA ASP A 372 -26.20 -8.38 26.89
C ASP A 372 -27.68 -8.38 26.55
N SER A 373 -28.53 -8.92 27.40
CA SER A 373 -29.90 -9.15 26.99
C SER A 373 -30.71 -7.87 27.12
N GLU A 374 -31.41 -7.52 26.02
CA GLU A 374 -32.23 -6.33 25.90
C GLU A 374 -31.41 -5.04 26.02
N VAL A 375 -30.14 -5.11 25.64
CA VAL A 375 -29.35 -3.91 25.49
C VAL A 375 -28.74 -3.91 24.09
N GLN A 376 -27.78 -4.82 23.86
CA GLN A 376 -27.17 -4.89 22.53
C GLN A 376 -28.19 -5.25 21.47
N ASP A 377 -29.29 -5.89 21.87
CA ASP A 377 -30.40 -6.13 20.95
C ASP A 377 -31.01 -4.82 20.49
N LEU A 378 -31.12 -3.85 21.40
CA LEU A 378 -31.70 -2.56 21.07
C LEU A 378 -30.75 -1.75 20.20
N ILE A 379 -29.44 -1.81 20.49
CA ILE A 379 -28.47 -1.12 19.65
C ILE A 379 -28.48 -1.72 18.22
N ARG A 380 -28.59 -3.04 18.12
CA ARG A 380 -28.67 -3.67 16.81
C ARG A 380 -29.94 -3.24 16.06
N ASP A 381 -31.06 -3.19 16.76
CA ASP A 381 -32.29 -2.72 16.14
C ASP A 381 -32.15 -1.30 15.61
N ILE A 382 -31.54 -0.43 16.42
CA ILE A 382 -31.35 0.96 16.00
C ILE A 382 -30.45 1.02 14.77
N ILE A 383 -29.33 0.28 14.79
CA ILE A 383 -28.40 0.28 13.67
C ILE A 383 -29.09 -0.25 12.40
N LYS A 384 -29.71 -1.41 12.50
CA LYS A 384 -30.34 -2.02 11.34
C LYS A 384 -31.44 -1.15 10.78
N ALA A 385 -32.10 -0.36 11.61
CA ALA A 385 -33.23 0.42 11.12
C ALA A 385 -32.88 1.87 10.77
N GLU A 386 -31.66 2.34 11.03
CA GLU A 386 -31.39 3.76 10.81
C GLU A 386 -29.96 4.02 10.37
N ILE A 387 -29.10 3.00 10.36
CA ILE A 387 -27.69 3.21 10.01
C ILE A 387 -27.25 2.22 8.93
N ASN A 388 -27.11 0.95 9.29
CA ASN A 388 -26.62 -0.04 8.33
C ASN A 388 -27.54 -1.26 8.33
N PRO A 389 -28.39 -1.40 7.32
CA PRO A 389 -29.31 -2.56 7.29
C PRO A 389 -28.61 -3.90 7.12
N ASN A 390 -27.33 -3.92 6.73
CA ASN A 390 -26.61 -5.17 6.53
C ASN A 390 -25.73 -5.54 7.73
N VAL A 391 -26.01 -5.00 8.90
CA VAL A 391 -25.21 -5.35 10.06
C VAL A 391 -25.33 -6.85 10.33
N VAL A 392 -24.21 -7.47 10.65
CA VAL A 392 -24.09 -8.88 10.90
C VAL A 392 -24.06 -9.13 12.41
N GLY A 393 -25.03 -9.89 12.91
CA GLY A 393 -25.07 -10.22 14.32
C GLY A 393 -24.83 -9.04 15.23
N TYR A 394 -23.83 -9.12 16.09
CA TYR A 394 -23.49 -7.98 16.92
C TYR A 394 -22.09 -7.47 16.60
N SER A 395 -21.68 -7.60 15.33
CA SER A 395 -20.38 -7.11 14.88
C SER A 395 -20.45 -5.64 14.46
N PHE A 396 -20.58 -4.78 15.45
CA PHE A 396 -20.70 -3.35 15.23
C PHE A 396 -19.33 -2.71 15.17
N THR A 397 -19.23 -1.60 14.45
CA THR A 397 -18.10 -0.72 14.63
C THR A 397 -18.39 0.29 15.72
N MET A 398 -17.31 0.85 16.27
CA MET A 398 -17.40 1.89 17.28
C MET A 398 -18.18 3.09 16.77
N GLU A 399 -18.04 3.39 15.48
CA GLU A 399 -18.74 4.51 14.90
C GLU A 399 -20.23 4.24 14.83
N GLU A 400 -20.60 3.03 14.38
CA GLU A 400 -21.99 2.60 14.40
C GLU A 400 -22.57 2.68 15.82
N ILE A 401 -21.79 2.25 16.81
CA ILE A 401 -22.25 2.25 18.20
C ILE A 401 -22.52 3.67 18.67
N LYS A 402 -21.64 4.60 18.31
CA LYS A 402 -21.78 5.97 18.81
C LYS A 402 -22.98 6.67 18.17
N LYS A 403 -23.16 6.43 16.87
CA LYS A 403 -24.31 7.03 16.12
C LYS A 403 -25.62 6.42 16.65
N ALA A 404 -25.59 5.15 17.07
CA ALA A 404 -26.77 4.46 17.59
C ALA A 404 -27.11 4.95 18.98
N PHE A 405 -26.10 5.28 19.79
CA PHE A 405 -26.41 5.74 21.13
C PHE A 405 -26.99 7.15 21.12
N GLU A 406 -26.71 7.95 20.09
CA GLU A 406 -27.49 9.18 19.96
C GLU A 406 -28.99 8.89 19.89
N ILE A 407 -29.38 7.99 18.97
CA ILE A 407 -30.80 7.66 18.84
C ILE A 407 -31.32 7.05 20.13
N TYR A 408 -30.56 6.13 20.70
CA TYR A 408 -30.94 5.40 21.91
C TYR A 408 -31.22 6.36 23.05
N ASN A 409 -30.31 7.33 23.26
CA ASN A 409 -30.39 8.21 24.40
C ASN A 409 -31.53 9.20 24.30
N LYS A 410 -31.95 9.52 23.09
CA LYS A 410 -33.14 10.39 22.90
C LYS A 410 -34.37 9.52 23.17
N ASP A 411 -34.35 8.27 22.70
CA ASP A 411 -35.51 7.40 22.87
C ASP A 411 -35.76 7.12 24.35
N LEU A 412 -34.69 7.01 25.14
CA LEU A 412 -34.87 6.74 26.57
C LEU A 412 -35.78 7.77 27.20
N LEU A 413 -35.69 9.02 26.77
CA LEU A 413 -36.44 10.06 27.44
C LEU A 413 -37.79 10.34 26.79
N ALA A 414 -38.12 9.68 25.69
CA ALA A 414 -39.42 9.93 25.08
C ALA A 414 -40.55 9.28 25.88
N THR A 415 -41.73 9.90 25.79
CA THR A 415 -42.94 9.21 26.21
C THR A 415 -43.28 8.13 25.20
N GLU A 416 -43.09 8.41 23.94
CA GLU A 416 -43.42 7.43 22.88
C GLU A 416 -42.09 6.81 22.43
N LYS A 417 -41.70 5.68 23.00
CA LYS A 417 -40.40 5.11 22.71
C LYS A 417 -40.53 4.19 21.52
N LYS A 418 -39.56 4.28 20.62
CA LYS A 418 -39.55 3.43 19.46
C LYS A 418 -38.57 2.28 19.57
N TYR A 419 -37.60 2.35 20.48
CA TYR A 419 -36.52 1.36 20.53
C TYR A 419 -36.27 0.81 21.92
N THR A 420 -36.57 1.57 22.97
CA THR A 420 -36.18 1.20 24.33
C THR A 420 -37.39 0.78 25.14
N HIS A 421 -37.11 0.22 26.32
CA HIS A 421 -38.17 -0.35 27.13
C HIS A 421 -39.08 0.69 27.75
N TYR A 422 -40.37 0.38 27.79
CA TYR A 422 -41.33 1.06 28.63
C TYR A 422 -41.35 0.41 30.01
N ASN A 423 -41.90 1.14 30.98
CA ASN A 423 -42.40 0.58 32.24
C ASN A 423 -41.32 -0.12 33.09
N THR A 424 -40.08 0.38 32.98
CA THR A 424 -38.96 -0.14 33.76
C THR A 424 -39.30 -0.20 35.23
N ALA A 425 -39.81 0.90 35.77
CA ALA A 425 -40.11 0.89 37.18
C ALA A 425 -41.20 -0.14 37.50
N LEU A 426 -42.16 -0.36 36.59
CA LEU A 426 -43.14 -1.42 36.85
C LEU A 426 -42.46 -2.79 36.88
N SER A 427 -41.48 -2.99 35.97
CA SER A 427 -40.78 -4.26 35.95
C SER A 427 -40.06 -4.48 37.27
N TYR A 428 -39.43 -3.44 37.80
CA TYR A 428 -38.68 -3.59 39.05
C TYR A 428 -39.60 -3.67 40.25
N ALA A 429 -40.76 -3.01 40.20
CA ALA A 429 -41.71 -3.18 41.29
C ALA A 429 -42.07 -4.65 41.43
N LEU A 430 -42.28 -5.36 40.31
CA LEU A 430 -42.54 -6.79 40.43
C LEU A 430 -41.27 -7.56 40.84
N LEU A 431 -40.14 -7.30 40.19
CA LEU A 431 -38.95 -8.09 40.45
C LEU A 431 -38.53 -7.99 41.90
N LEU A 432 -38.61 -6.79 42.48
CA LEU A 432 -38.11 -6.54 43.83
C LEU A 432 -39.11 -6.81 44.95
N THR A 433 -40.37 -7.18 44.64
CA THR A 433 -41.30 -7.62 45.66
C THR A 433 -41.82 -9.04 45.44
N ASN A 434 -41.52 -9.67 44.31
CA ASN A 434 -41.87 -11.07 44.11
C ASN A 434 -41.22 -11.94 45.18
N LYS A 435 -41.94 -12.99 45.57
CA LYS A 435 -41.46 -14.09 46.41
C LYS A 435 -40.80 -15.15 45.54
N SER A 436 -39.94 -15.95 46.17
CA SER A 436 -39.40 -17.19 45.56
C SER A 436 -38.46 -16.92 44.38
N SER A 437 -37.72 -15.81 44.39
CA SER A 437 -36.68 -15.61 43.39
C SER A 437 -35.70 -14.61 43.93
N VAL A 438 -34.48 -14.70 43.40
CA VAL A 438 -33.43 -13.74 43.71
C VAL A 438 -33.46 -12.73 42.61
N PRO A 439 -33.83 -11.48 42.86
CA PRO A 439 -33.80 -10.46 41.80
C PRO A 439 -32.38 -10.08 41.48
N ARG A 440 -32.11 -9.80 40.21
CA ARG A 440 -30.82 -9.26 39.80
C ARG A 440 -31.05 -7.91 39.13
N VAL A 441 -30.58 -6.85 39.78
CA VAL A 441 -30.67 -5.49 39.26
C VAL A 441 -29.57 -5.24 38.22
N TYR A 442 -29.96 -4.70 37.07
CA TYR A 442 -29.02 -4.36 36.00
C TYR A 442 -28.50 -2.95 36.21
N TYR A 443 -27.17 -2.81 36.22
CA TYR A 443 -26.50 -1.52 36.37
C TYR A 443 -27.12 -0.47 35.43
N GLY A 444 -27.25 -0.80 34.15
CA GLY A 444 -27.70 0.11 33.15
C GLY A 444 -29.15 0.50 33.26
N ASP A 445 -29.85 -0.01 34.26
CA ASP A 445 -31.18 0.50 34.52
C ASP A 445 -31.21 1.57 35.59
N MET A 446 -30.16 1.66 36.43
CA MET A 446 -30.02 2.75 37.39
C MET A 446 -29.09 3.86 36.89
N PHE A 447 -28.05 3.49 36.16
CA PHE A 447 -27.10 4.40 35.56
C PHE A 447 -27.14 4.24 34.05
N THR A 448 -26.62 5.24 33.34
CA THR A 448 -26.71 5.20 31.89
C THR A 448 -25.90 4.03 31.33
N ASP A 449 -26.41 3.44 30.26
CA ASP A 449 -25.72 2.32 29.63
C ASP A 449 -24.37 2.74 29.10
N ASP A 450 -24.22 4.01 28.74
CA ASP A 450 -22.96 4.55 28.26
C ASP A 450 -22.46 5.60 29.23
N GLY A 451 -21.30 6.16 28.94
CA GLY A 451 -20.71 7.11 29.87
C GLY A 451 -19.83 6.43 30.91
N GLN A 452 -19.30 7.25 31.81
CA GLN A 452 -18.41 6.77 32.85
C GLN A 452 -19.21 6.06 33.93
N TYR A 453 -18.52 5.20 34.66
CA TYR A 453 -19.16 4.33 35.64
C TYR A 453 -19.79 5.12 36.79
N MET A 454 -21.12 4.95 36.95
CA MET A 454 -21.95 5.58 37.97
C MET A 454 -21.95 7.11 37.90
N ALA A 455 -21.66 7.66 36.74
CA ALA A 455 -21.61 9.11 36.60
C ALA A 455 -22.98 9.71 36.33
N HIS A 456 -23.90 8.99 35.74
CA HIS A 456 -25.19 9.59 35.37
C HIS A 456 -26.34 8.65 35.73
N LYS A 457 -27.24 9.16 36.53
CA LYS A 457 -28.40 8.40 36.93
C LYS A 457 -29.40 8.37 35.77
N THR A 458 -30.12 7.27 35.66
CA THR A 458 -31.25 7.22 34.73
C THR A 458 -32.47 7.87 35.36
N ILE A 459 -33.49 8.11 34.55
CA ILE A 459 -34.67 8.69 35.16
C ILE A 459 -35.33 7.73 36.13
N ASN A 460 -34.96 6.44 36.11
CA ASN A 460 -35.58 5.46 37.00
C ASN A 460 -34.75 5.15 38.25
N TYR A 461 -33.60 5.80 38.41
CA TYR A 461 -32.75 5.59 39.58
C TYR A 461 -33.54 5.81 40.87
N GLU A 462 -34.30 6.89 40.95
CA GLU A 462 -34.96 7.17 42.21
C GLU A 462 -35.96 6.08 42.57
N ALA A 463 -36.82 5.72 41.62
CA ALA A 463 -37.79 4.65 41.88
C ALA A 463 -37.10 3.34 42.25
N ILE A 464 -36.00 3.01 41.56
CA ILE A 464 -35.41 1.71 41.81
C ILE A 464 -34.76 1.69 43.17
N GLU A 465 -34.04 2.76 43.52
CA GLU A 465 -33.39 2.84 44.83
C GLU A 465 -34.43 2.79 45.93
N THR A 466 -35.54 3.50 45.73
CA THR A 466 -36.61 3.46 46.71
C THR A 466 -37.11 2.03 46.90
N LEU A 467 -37.26 1.29 45.79
CA LEU A 467 -37.70 -0.10 45.90
C LEU A 467 -36.68 -0.96 46.64
N LEU A 468 -35.37 -0.79 46.35
CA LEU A 468 -34.36 -1.62 47.00
C LEU A 468 -34.37 -1.39 48.52
N LYS A 469 -34.44 -0.10 48.92
CA LYS A 469 -34.47 0.21 50.35
C LYS A 469 -35.72 -0.34 51.01
N ALA A 470 -36.88 -0.17 50.34
CA ALA A 470 -38.11 -0.69 50.92
C ALA A 470 -38.09 -2.20 50.97
N ARG A 471 -37.37 -2.86 50.06
CA ARG A 471 -37.34 -4.31 50.07
C ARG A 471 -36.69 -4.80 51.33
N ILE A 472 -35.57 -4.17 51.70
CA ILE A 472 -34.96 -4.47 52.98
C ILE A 472 -35.97 -4.28 54.12
N LYS A 473 -36.72 -3.18 54.09
CA LYS A 473 -37.52 -2.82 55.26
C LYS A 473 -38.85 -3.60 55.35
N TYR A 474 -39.53 -3.84 54.23
CA TYR A 474 -40.91 -4.31 54.21
C TYR A 474 -41.15 -5.66 53.53
N VAL A 475 -40.25 -6.15 52.69
CA VAL A 475 -40.65 -7.24 51.79
C VAL A 475 -40.33 -8.60 52.42
N SER A 476 -41.38 -9.32 52.82
CA SER A 476 -41.27 -10.62 53.47
C SER A 476 -42.68 -11.20 53.54
N GLY A 477 -42.77 -12.50 53.81
CA GLY A 477 -44.06 -13.16 53.91
C GLY A 477 -44.48 -13.86 52.61
N GLY A 478 -45.66 -14.49 52.71
CA GLY A 478 -46.31 -15.08 51.56
C GLY A 478 -46.68 -14.02 50.54
N GLN A 479 -47.07 -14.50 49.34
CA GLN A 479 -47.40 -13.63 48.24
C GLN A 479 -48.78 -13.97 47.68
N ALA A 480 -49.50 -12.94 47.26
CA ALA A 480 -50.74 -13.13 46.50
C ALA A 480 -50.77 -12.18 45.32
N MET A 481 -51.03 -12.72 44.13
CA MET A 481 -51.17 -11.94 42.91
C MET A 481 -52.58 -12.10 42.39
N ARG A 482 -53.20 -10.99 42.01
CA ARG A 482 -54.55 -11.00 41.48
C ARG A 482 -54.56 -10.23 40.19
N ASN A 483 -55.40 -10.68 39.26
CA ASN A 483 -55.61 -10.06 37.96
C ASN A 483 -57.08 -9.67 37.84
N GLN A 484 -57.35 -8.38 37.72
CA GLN A 484 -58.73 -7.92 37.77
C GLN A 484 -59.07 -7.09 36.54
N GLN A 485 -60.13 -7.51 35.83
CA GLN A 485 -60.66 -6.71 34.71
C GLN A 485 -61.42 -5.52 35.29
N VAL A 486 -61.00 -4.33 34.90
CA VAL A 486 -61.59 -3.08 35.39
C VAL A 486 -61.75 -2.16 34.20
N GLY A 487 -62.91 -1.50 34.13
CA GLY A 487 -63.19 -0.55 33.08
C GLY A 487 -62.95 -1.12 31.70
N ASN A 488 -62.08 -0.47 30.94
CA ASN A 488 -61.78 -0.90 29.59
C ASN A 488 -60.53 -1.77 29.52
N SER A 489 -59.94 -2.14 30.66
CA SER A 489 -58.65 -2.84 30.66
C SER A 489 -58.51 -3.75 31.87
N GLU A 490 -57.30 -3.86 32.40
CA GLU A 490 -57.06 -4.77 33.51
C GLU A 490 -55.95 -4.23 34.38
N ILE A 491 -55.88 -4.74 35.60
CA ILE A 491 -54.80 -4.46 36.52
C ILE A 491 -54.37 -5.76 37.19
N ILE A 492 -53.20 -5.70 37.82
CA ILE A 492 -52.79 -6.74 38.75
C ILE A 492 -52.42 -6.08 40.08
N THR A 493 -52.67 -6.80 41.15
CA THR A 493 -52.18 -6.49 42.47
C THR A 493 -51.21 -7.59 42.86
N SER A 494 -50.21 -7.21 43.62
CA SER A 494 -49.29 -8.16 44.17
C SER A 494 -49.04 -7.74 45.60
N VAL A 495 -49.13 -8.69 46.51
CA VAL A 495 -49.12 -8.40 47.94
C VAL A 495 -48.14 -9.34 48.62
N ARG A 496 -47.32 -8.79 49.51
CA ARG A 496 -46.57 -9.59 50.49
C ARG A 496 -47.17 -9.31 51.87
N TYR A 497 -47.41 -10.39 52.64
CA TYR A 497 -48.19 -10.31 53.89
C TYR A 497 -47.43 -9.74 55.07
N GLY A 498 -46.12 -9.61 55.00
CA GLY A 498 -45.35 -9.22 56.15
C GLY A 498 -44.57 -10.39 56.73
N LYS A 499 -43.49 -10.05 57.44
CA LYS A 499 -42.60 -11.06 57.95
C LYS A 499 -43.34 -12.03 58.86
N GLY A 500 -43.15 -13.34 58.60
CA GLY A 500 -43.76 -14.38 59.42
C GLY A 500 -45.16 -14.76 59.03
N ALA A 501 -45.76 -14.09 58.06
CA ALA A 501 -47.09 -14.44 57.58
C ALA A 501 -46.97 -15.05 56.18
N LEU A 502 -46.96 -16.38 56.12
CA LEU A 502 -46.92 -17.07 54.84
C LEU A 502 -48.30 -17.13 54.19
N LYS A 503 -49.35 -17.19 55.01
CA LYS A 503 -50.72 -17.31 54.53
C LYS A 503 -51.48 -16.06 54.89
N ALA A 504 -52.54 -15.79 54.10
CA ALA A 504 -53.29 -14.57 54.28
C ALA A 504 -54.05 -14.53 55.62
N THR A 505 -54.31 -15.68 56.27
CA THR A 505 -54.99 -15.72 57.56
C THR A 505 -54.07 -15.57 58.78
N ASP A 506 -52.74 -15.59 58.59
CA ASP A 506 -51.82 -15.38 59.70
C ASP A 506 -51.94 -13.95 60.22
N THR A 507 -52.17 -13.82 61.54
CA THR A 507 -52.38 -12.50 62.10
C THR A 507 -51.10 -11.80 62.52
N GLY A 508 -49.95 -12.50 62.57
CA GLY A 508 -48.65 -11.88 62.75
C GLY A 508 -48.33 -11.46 64.18
N ASP A 509 -47.12 -10.95 64.32
CA ASP A 509 -46.62 -10.32 65.56
C ASP A 509 -46.38 -8.84 65.26
N ARG A 510 -45.61 -8.16 66.09
CA ARG A 510 -45.37 -6.69 65.91
C ARG A 510 -44.71 -6.38 64.57
N THR A 511 -43.69 -7.12 64.17
CA THR A 511 -42.98 -6.89 62.92
C THR A 511 -43.82 -7.22 61.70
N THR A 512 -44.68 -8.25 61.79
CA THR A 512 -45.59 -8.49 60.68
C THR A 512 -46.43 -7.26 60.42
N ARG A 513 -46.90 -6.61 61.47
CA ARG A 513 -47.84 -5.52 61.29
C ARG A 513 -47.21 -4.41 60.49
N THR A 514 -45.93 -4.14 60.71
CA THR A 514 -45.30 -3.00 60.05
C THR A 514 -44.47 -3.38 58.84
N SER A 515 -44.69 -4.56 58.29
CA SER A 515 -44.04 -4.95 57.06
C SER A 515 -45.13 -5.41 56.11
N GLY A 516 -44.70 -5.89 54.94
CA GLY A 516 -45.59 -6.23 53.84
C GLY A 516 -45.70 -5.08 52.86
N VAL A 517 -46.30 -5.37 51.70
CA VAL A 517 -46.38 -4.34 50.66
C VAL A 517 -47.49 -4.69 49.69
N ALA A 518 -48.07 -3.66 49.04
CA ALA A 518 -49.01 -3.86 47.95
C ALA A 518 -48.53 -3.10 46.72
N VAL A 519 -48.55 -3.77 45.57
CA VAL A 519 -48.17 -3.25 44.27
C VAL A 519 -49.40 -3.34 43.36
N ILE A 520 -49.75 -2.24 42.69
CA ILE A 520 -50.84 -2.22 41.73
C ILE A 520 -50.29 -1.72 40.40
N GLU A 521 -50.58 -2.47 39.32
CA GLU A 521 -50.04 -2.15 38.00
C GLU A 521 -51.08 -2.33 36.92
N GLY A 522 -50.99 -1.45 35.92
CA GLY A 522 -51.66 -1.66 34.66
C GLY A 522 -50.68 -1.39 33.52
N ASN A 523 -50.91 -2.06 32.39
CA ASN A 523 -49.98 -1.89 31.27
C ASN A 523 -50.60 -1.18 30.08
N ASN A 524 -51.66 -0.42 30.29
CA ASN A 524 -52.36 0.26 29.21
C ASN A 524 -52.60 1.72 29.59
N PRO A 525 -52.00 2.69 28.88
CA PRO A 525 -52.25 4.11 29.20
C PRO A 525 -53.71 4.54 29.08
N SER A 526 -54.56 3.78 28.40
CA SER A 526 -55.96 4.12 28.23
C SER A 526 -56.82 3.70 29.41
N LEU A 527 -56.23 3.02 30.39
CA LEU A 527 -56.99 2.47 31.50
C LEU A 527 -57.88 3.52 32.15
N ARG A 528 -59.18 3.24 32.18
CA ARG A 528 -60.16 4.06 32.89
C ARG A 528 -61.08 3.15 33.69
N LEU A 529 -61.18 3.40 35.00
CA LEU A 529 -62.09 2.63 35.84
C LEU A 529 -63.52 3.19 35.76
N LYS A 530 -64.49 2.32 35.83
CA LYS A 530 -65.86 2.80 35.94
C LYS A 530 -66.07 3.42 37.33
N ALA A 531 -67.04 4.34 37.41
CA ALA A 531 -67.37 4.94 38.69
C ALA A 531 -67.78 3.88 39.73
N SER A 532 -68.24 2.72 39.29
CA SER A 532 -68.58 1.65 40.21
C SER A 532 -67.45 0.65 40.43
N ASP A 533 -66.32 0.77 39.74
CA ASP A 533 -65.24 -0.19 39.89
C ASP A 533 -64.54 -0.02 41.24
N ARG A 534 -64.19 -1.15 41.83
CA ARG A 534 -63.47 -1.16 43.12
C ARG A 534 -62.33 -2.17 43.06
N VAL A 535 -61.13 -1.75 43.39
CA VAL A 535 -59.98 -2.67 43.46
C VAL A 535 -59.72 -2.91 44.93
N VAL A 536 -60.08 -4.11 45.36
CA VAL A 536 -60.04 -4.53 46.76
C VAL A 536 -58.79 -5.38 46.92
N VAL A 537 -57.78 -4.83 47.60
CA VAL A 537 -56.50 -5.49 47.78
C VAL A 537 -56.47 -6.06 49.19
N ASN A 538 -56.52 -7.38 49.28
CA ASN A 538 -56.38 -8.04 50.57
C ASN A 538 -54.93 -7.98 51.01
N MET A 539 -54.68 -7.35 52.17
CA MET A 539 -53.34 -7.19 52.71
C MET A 539 -52.94 -8.30 53.65
N GLY A 540 -53.88 -9.09 54.14
CA GLY A 540 -53.57 -10.12 55.09
C GLY A 540 -54.11 -9.81 56.49
N ALA A 541 -54.29 -10.88 57.27
CA ALA A 541 -54.93 -10.77 58.58
C ALA A 541 -54.14 -9.95 59.60
N ALA A 542 -52.86 -9.66 59.33
CA ALA A 542 -52.11 -8.79 60.21
C ALA A 542 -52.42 -7.32 60.00
N HIS A 543 -53.22 -6.98 59.00
CA HIS A 543 -53.33 -5.58 58.65
C HIS A 543 -54.78 -5.09 58.64
N LYS A 544 -55.59 -5.51 59.60
CA LYS A 544 -56.93 -4.93 59.72
C LYS A 544 -56.83 -3.56 60.36
N ASN A 545 -57.64 -2.61 59.87
CA ASN A 545 -57.79 -1.27 60.44
C ASN A 545 -56.44 -0.57 60.59
N GLN A 546 -55.74 -0.40 59.46
CA GLN A 546 -54.36 0.05 59.53
C GLN A 546 -54.10 1.19 58.55
N ALA A 547 -53.21 2.09 58.97
CA ALA A 547 -52.80 3.19 58.12
C ALA A 547 -51.75 2.69 57.16
N TYR A 548 -51.91 3.10 55.89
CA TYR A 548 -50.99 2.81 54.80
C TYR A 548 -50.66 4.10 54.12
N ARG A 549 -49.45 4.19 53.58
CA ARG A 549 -48.95 5.36 52.88
C ARG A 549 -48.27 4.94 51.60
N PRO A 550 -48.19 5.83 50.61
CA PRO A 550 -47.57 5.46 49.34
C PRO A 550 -46.06 5.38 49.45
N LEU A 551 -45.49 4.43 48.69
CA LEU A 551 -44.06 4.40 48.39
C LEU A 551 -43.78 4.94 47.00
N LEU A 552 -44.54 4.52 46.00
CA LEU A 552 -44.35 5.06 44.66
C LEU A 552 -45.72 5.37 44.11
N LEU A 553 -45.85 6.53 43.46
CA LEU A 553 -47.12 6.85 42.80
C LEU A 553 -46.87 7.41 41.41
N THR A 554 -47.56 6.86 40.40
CA THR A 554 -47.48 7.43 39.08
C THR A 554 -48.09 8.83 39.08
N THR A 555 -47.38 9.77 38.44
CA THR A 555 -47.85 11.13 38.19
C THR A 555 -47.88 11.41 36.69
N ASP A 556 -48.32 12.63 36.35
CA ASP A 556 -48.44 12.98 34.93
C ASP A 556 -47.11 12.85 34.23
N ASN A 557 -46.05 13.34 34.84
CA ASN A 557 -44.79 13.39 34.13
C ASN A 557 -43.83 12.29 34.52
N GLY A 558 -44.17 11.46 35.52
CA GLY A 558 -43.27 10.37 35.89
C GLY A 558 -43.75 9.60 37.10
N ILE A 559 -42.85 9.46 38.07
CA ILE A 559 -43.10 8.68 39.28
C ILE A 559 -42.67 9.50 40.47
N LYS A 560 -43.55 9.66 41.43
CA LYS A 560 -43.17 10.29 42.69
C LYS A 560 -42.78 9.20 43.67
N ALA A 561 -41.62 9.35 44.27
CA ALA A 561 -41.11 8.42 45.27
C ALA A 561 -41.25 9.05 46.66
N TYR A 562 -41.64 8.24 47.65
CA TYR A 562 -41.79 8.72 49.03
C TYR A 562 -40.77 7.98 49.89
N HIS A 563 -39.79 8.73 50.42
CA HIS A 563 -38.65 8.19 51.13
C HIS A 563 -38.84 8.09 52.64
N SER A 564 -40.03 8.42 53.15
CA SER A 564 -40.28 8.41 54.59
C SER A 564 -41.78 8.42 54.86
N ASP A 565 -42.14 8.09 56.10
CA ASP A 565 -43.54 8.23 56.45
C ASP A 565 -43.95 9.70 56.48
N GLN A 566 -43.01 10.59 56.78
CA GLN A 566 -43.41 12.02 56.83
C GLN A 566 -43.50 12.59 55.40
N GLU A 567 -42.71 12.10 54.45
CA GLU A 567 -42.84 12.62 53.12
C GLU A 567 -44.20 12.30 52.54
N ALA A 568 -44.88 11.27 53.06
CA ALA A 568 -46.17 10.86 52.52
C ALA A 568 -47.32 11.23 53.44
N ALA A 569 -47.07 12.09 54.42
CA ALA A 569 -47.99 12.30 55.53
C ALA A 569 -49.41 12.61 55.03
N GLY A 570 -49.53 13.37 53.95
CA GLY A 570 -50.87 13.71 53.49
C GLY A 570 -51.62 12.69 52.64
N LEU A 571 -51.07 11.52 52.35
CA LEU A 571 -51.73 10.57 51.46
C LEU A 571 -52.09 9.27 52.19
N VAL A 572 -52.11 9.29 53.52
CA VAL A 572 -52.42 8.09 54.29
C VAL A 572 -53.83 7.63 53.93
N ARG A 573 -54.01 6.31 53.82
CA ARG A 573 -55.32 5.70 53.66
C ARG A 573 -55.34 4.46 54.53
N TYR A 574 -56.51 3.83 54.67
CA TYR A 574 -56.69 2.81 55.71
C TYR A 574 -57.28 1.52 55.15
N THR A 575 -56.86 0.41 55.74
CA THR A 575 -57.56 -0.84 55.50
C THR A 575 -58.84 -0.85 56.32
N ASN A 576 -59.81 -1.61 55.84
CA ASN A 576 -61.03 -1.80 56.58
C ASN A 576 -60.86 -2.91 57.62
N ASP A 577 -61.95 -3.29 58.25
CA ASP A 577 -61.90 -4.29 59.30
C ASP A 577 -61.45 -5.66 58.80
N ARG A 578 -61.50 -5.90 57.49
CA ARG A 578 -61.10 -7.19 56.94
C ARG A 578 -59.67 -7.20 56.42
N GLY A 579 -58.92 -6.11 56.61
CA GLY A 579 -57.57 -6.01 56.08
C GLY A 579 -57.46 -5.67 54.59
N GLU A 580 -58.45 -4.98 54.03
CA GLU A 580 -58.45 -4.66 52.60
C GLU A 580 -58.17 -3.18 52.39
N LEU A 581 -57.23 -2.88 51.49
CA LEU A 581 -57.16 -1.54 50.90
C LEU A 581 -58.12 -1.47 49.72
N ILE A 582 -58.80 -0.33 49.56
CA ILE A 582 -59.77 -0.20 48.48
C ILE A 582 -59.46 1.01 47.64
N PHE A 583 -59.38 0.81 46.32
CA PHE A 583 -59.01 1.86 45.37
C PHE A 583 -60.13 2.03 44.36
N THR A 584 -60.30 3.27 43.88
CA THR A 584 -61.33 3.56 42.87
C THR A 584 -60.75 4.32 41.70
N ALA A 585 -61.61 4.81 40.80
CA ALA A 585 -61.12 5.64 39.70
C ALA A 585 -60.36 6.84 40.22
N ALA A 586 -60.71 7.32 41.42
CA ALA A 586 -60.00 8.44 41.99
C ALA A 586 -58.54 8.13 42.27
N ASP A 587 -58.17 6.85 42.38
CA ASP A 587 -56.79 6.44 42.66
C ASP A 587 -56.03 5.91 41.44
N ILE A 588 -56.69 5.12 40.58
CA ILE A 588 -56.05 4.35 39.52
C ILE A 588 -56.56 4.83 38.16
N LYS A 589 -55.63 5.20 37.27
CA LYS A 589 -55.94 5.45 35.88
C LYS A 589 -54.67 5.26 35.07
N GLY A 590 -54.84 5.15 33.75
CA GLY A 590 -53.71 4.99 32.89
C GLY A 590 -53.00 6.32 32.65
N TYR A 591 -51.68 6.25 32.56
CA TYR A 591 -50.83 7.38 32.26
C TYR A 591 -49.91 7.05 31.08
N ALA A 592 -49.31 8.09 30.51
CA ALA A 592 -48.34 7.92 29.43
C ALA A 592 -47.23 8.97 29.58
N ASN A 593 -46.11 8.58 30.21
CA ASN A 593 -45.01 9.50 30.41
C ASN A 593 -43.70 8.73 30.19
N PRO A 594 -42.52 9.38 30.23
CA PRO A 594 -41.27 8.65 29.91
C PRO A 594 -41.01 7.46 30.81
N GLN A 595 -41.72 7.35 31.93
CA GLN A 595 -41.51 6.25 32.86
C GLN A 595 -42.63 5.23 32.92
N VAL A 596 -43.88 5.62 32.64
CA VAL A 596 -45.01 4.70 32.77
C VAL A 596 -45.86 4.75 31.52
N SER A 597 -46.14 3.58 30.95
CA SER A 597 -47.17 3.41 29.92
C SER A 597 -48.23 2.47 30.52
N GLY A 598 -49.14 3.05 31.30
CA GLY A 598 -50.07 2.27 32.09
C GLY A 598 -50.21 2.91 33.47
N TYR A 599 -49.96 2.16 34.56
CA TYR A 599 -50.13 2.67 35.92
C TYR A 599 -49.27 1.89 36.90
N LEU A 600 -48.68 2.60 37.86
CA LEU A 600 -47.98 1.97 38.98
C LEU A 600 -48.26 2.68 40.29
N GLY A 601 -48.57 1.90 41.31
CA GLY A 601 -48.72 2.37 42.69
C GLY A 601 -48.19 1.33 43.68
N VAL A 602 -47.40 1.79 44.64
CA VAL A 602 -46.85 0.93 45.66
C VAL A 602 -47.13 1.56 47.02
N TRP A 603 -47.64 0.74 47.94
CA TRP A 603 -48.05 1.15 49.27
C TRP A 603 -47.43 0.25 50.34
N VAL A 604 -47.00 0.88 51.44
CA VAL A 604 -46.38 0.22 52.58
C VAL A 604 -47.12 0.61 53.85
N PRO A 605 -47.10 -0.24 54.87
CA PRO A 605 -47.76 0.12 56.12
C PRO A 605 -47.00 1.24 56.82
N VAL A 606 -47.77 2.10 57.51
CA VAL A 606 -47.22 3.26 58.21
C VAL A 606 -46.57 2.78 59.50
N GLY A 607 -45.41 3.33 59.82
CA GLY A 607 -44.85 3.17 61.14
C GLY A 607 -43.75 2.17 61.31
N ALA A 608 -43.02 1.82 60.26
CA ALA A 608 -41.89 0.93 60.46
C ALA A 608 -40.75 1.75 61.04
N ALA A 609 -40.05 1.16 62.02
CA ALA A 609 -38.86 1.79 62.58
C ALA A 609 -37.87 2.09 61.48
N ALA A 610 -37.10 3.16 61.68
CA ALA A 610 -36.13 3.57 60.67
C ALA A 610 -35.19 2.44 60.30
N ASP A 611 -34.91 1.53 61.23
CA ASP A 611 -33.96 0.48 60.96
C ASP A 611 -34.62 -0.88 60.83
N GLN A 612 -35.93 -0.93 60.60
CA GLN A 612 -36.61 -2.21 60.44
C GLN A 612 -36.03 -2.99 59.26
N ASP A 613 -35.61 -4.21 59.51
CA ASP A 613 -34.98 -5.05 58.50
C ASP A 613 -35.63 -6.43 58.62
N VAL A 614 -36.43 -6.81 57.62
CA VAL A 614 -37.17 -8.06 57.68
C VAL A 614 -36.44 -9.20 56.98
N ARG A 615 -35.18 -9.00 56.59
CA ARG A 615 -34.43 -10.08 55.96
C ARG A 615 -34.07 -11.14 56.99
N VAL A 616 -33.61 -12.29 56.51
CA VAL A 616 -33.39 -13.50 57.30
C VAL A 616 -32.06 -14.12 56.87
N ALA A 617 -31.21 -14.50 57.83
CA ALA A 617 -29.90 -15.07 57.49
C ALA A 617 -30.00 -16.56 57.24
N ALA A 618 -29.06 -17.10 56.48
CA ALA A 618 -29.10 -18.52 56.17
C ALA A 618 -28.75 -19.35 57.39
N SER A 619 -29.44 -20.48 57.53
CA SER A 619 -29.27 -21.37 58.65
C SER A 619 -28.07 -22.32 58.44
N THR A 620 -27.47 -22.74 59.54
CA THR A 620 -26.46 -23.78 59.51
C THR A 620 -27.04 -25.18 59.71
N ALA A 621 -28.35 -25.30 59.88
CA ALA A 621 -28.99 -26.60 60.02
C ALA A 621 -28.67 -27.47 58.81
N PRO A 622 -28.52 -28.78 58.99
CA PRO A 622 -28.14 -29.63 57.85
C PRO A 622 -29.21 -29.67 56.80
N SER A 623 -28.78 -29.65 55.55
CA SER A 623 -29.68 -29.89 54.44
C SER A 623 -29.97 -31.37 54.32
N THR A 624 -31.23 -31.70 54.03
CA THR A 624 -31.67 -33.08 54.09
C THR A 624 -32.48 -33.50 52.88
N ASP A 625 -32.56 -32.67 51.84
CA ASP A 625 -33.39 -33.03 50.69
C ASP A 625 -32.57 -33.31 49.45
N GLY A 626 -31.24 -33.28 49.54
CA GLY A 626 -30.40 -33.58 48.38
C GLY A 626 -30.13 -32.44 47.43
N LYS A 627 -30.55 -31.22 47.76
CA LYS A 627 -30.29 -30.01 46.99
C LYS A 627 -29.34 -29.09 47.77
N SER A 628 -28.60 -28.25 47.06
CA SER A 628 -27.75 -27.33 47.76
C SER A 628 -28.40 -25.99 48.00
N VAL A 629 -28.91 -25.34 46.94
CA VAL A 629 -29.61 -24.07 47.07
C VAL A 629 -31.10 -24.32 47.31
N HIS A 630 -31.66 -23.60 48.29
CA HIS A 630 -33.08 -23.68 48.64
C HIS A 630 -33.71 -22.29 48.55
N GLN A 631 -34.76 -22.16 47.73
CA GLN A 631 -35.43 -20.86 47.56
C GLN A 631 -36.38 -20.64 48.74
N ASN A 632 -35.81 -20.25 49.87
CA ASN A 632 -36.56 -19.99 51.10
C ASN A 632 -36.43 -18.51 51.48
N ALA A 633 -36.85 -18.16 52.70
CA ALA A 633 -36.82 -16.75 53.09
C ALA A 633 -35.41 -16.20 53.12
N ALA A 634 -34.42 -17.01 53.50
CA ALA A 634 -33.06 -16.50 53.55
C ALA A 634 -32.52 -16.20 52.14
N LEU A 635 -32.75 -17.10 51.17
CA LEU A 635 -32.30 -16.83 49.81
C LEU A 635 -33.11 -15.68 49.18
N ASP A 636 -34.43 -15.69 49.40
CA ASP A 636 -35.27 -14.56 48.96
C ASP A 636 -34.81 -13.23 49.55
N SER A 637 -34.11 -13.24 50.70
CA SER A 637 -33.54 -12.02 51.28
C SER A 637 -32.36 -11.46 50.48
N ARG A 638 -31.82 -12.18 49.47
CA ARG A 638 -30.66 -11.74 48.72
C ARG A 638 -31.06 -10.88 47.53
N VAL A 639 -30.12 -10.05 47.10
CA VAL A 639 -30.23 -9.22 45.90
C VAL A 639 -28.91 -9.30 45.13
N MET A 640 -29.02 -9.58 43.86
CA MET A 640 -27.89 -9.68 42.96
C MET A 640 -27.82 -8.39 42.14
N PHE A 641 -26.60 -7.91 41.90
CA PHE A 641 -26.39 -6.66 41.18
C PHE A 641 -25.41 -6.94 40.05
N GLU A 642 -25.89 -6.81 38.81
CA GLU A 642 -25.01 -6.94 37.65
C GLU A 642 -24.24 -5.62 37.45
N GLY A 643 -22.99 -5.59 37.91
CA GLY A 643 -22.38 -4.29 38.16
C GLY A 643 -21.61 -3.68 37.02
N PHE A 644 -22.08 -3.84 35.77
CA PHE A 644 -21.40 -3.20 34.64
C PHE A 644 -22.34 -3.09 33.46
N SER A 645 -21.89 -2.35 32.47
CA SER A 645 -22.54 -2.21 31.18
C SER A 645 -21.53 -2.48 30.09
N ASN A 646 -21.94 -3.23 29.06
CA ASN A 646 -21.11 -3.41 27.87
C ASN A 646 -20.62 -2.08 27.33
N PHE A 647 -21.46 -1.05 27.38
CA PHE A 647 -21.22 0.19 26.67
C PHE A 647 -20.72 1.30 27.59
N GLN A 648 -20.21 0.95 28.77
CA GLN A 648 -19.51 1.92 29.61
C GLN A 648 -18.44 2.61 28.78
N ALA A 649 -18.26 3.92 29.01
CA ALA A 649 -17.13 4.63 28.41
C ALA A 649 -15.81 4.09 28.95
N PHE A 650 -14.72 4.34 28.20
CA PHE A 650 -13.40 4.06 28.75
C PHE A 650 -12.94 5.16 29.70
N ALA A 651 -12.39 4.74 30.85
CA ALA A 651 -11.94 5.68 31.86
C ALA A 651 -10.87 6.61 31.31
N THR A 652 -10.98 7.90 31.62
CA THR A 652 -9.96 8.84 31.18
C THR A 652 -8.94 9.15 32.25
N LYS A 653 -9.27 8.88 33.50
CA LYS A 653 -8.33 9.04 34.60
C LYS A 653 -8.57 7.90 35.57
N LYS A 654 -7.62 7.73 36.48
CA LYS A 654 -7.67 6.56 37.32
C LYS A 654 -8.90 6.57 38.23
N GLU A 655 -9.34 7.75 38.72
CA GLU A 655 -10.49 7.79 39.61
C GLU A 655 -11.81 7.47 38.91
N GLU A 656 -11.80 7.35 37.59
CA GLU A 656 -12.99 6.90 36.88
C GLU A 656 -13.01 5.40 36.61
N TYR A 657 -11.91 4.71 36.92
CA TYR A 657 -11.83 3.23 36.75
C TYR A 657 -13.01 2.58 37.49
N THR A 658 -13.69 1.63 36.83
CA THR A 658 -14.87 1.01 37.42
C THR A 658 -14.58 0.42 38.79
N ASN A 659 -13.46 -0.33 38.91
CA ASN A 659 -13.20 -0.98 40.19
C ASN A 659 -12.83 0.03 41.27
N VAL A 660 -12.19 1.13 40.86
CA VAL A 660 -11.92 2.20 41.83
C VAL A 660 -13.23 2.79 42.33
N VAL A 661 -14.16 3.06 41.42
CA VAL A 661 -15.42 3.66 41.81
C VAL A 661 -16.22 2.69 42.69
N ILE A 662 -16.17 1.38 42.38
CA ILE A 662 -16.89 0.39 43.17
C ILE A 662 -16.38 0.40 44.60
N ALA A 663 -15.04 0.41 44.76
CA ALA A 663 -14.49 0.49 46.10
C ALA A 663 -14.96 1.75 46.83
N LYS A 664 -15.11 2.84 46.08
CA LYS A 664 -15.51 4.16 46.65
C LYS A 664 -17.02 4.25 46.94
N ASN A 665 -17.83 3.26 46.53
CA ASN A 665 -19.26 3.35 46.78
C ASN A 665 -19.88 2.10 47.42
N VAL A 666 -19.11 1.29 48.15
CA VAL A 666 -19.69 0.05 48.66
C VAL A 666 -20.80 0.34 49.66
N ASP A 667 -20.75 1.52 50.28
CA ASP A 667 -21.80 1.89 51.21
C ASP A 667 -23.15 1.97 50.50
N LYS A 668 -23.12 2.44 49.25
CA LYS A 668 -24.33 2.52 48.44
C LYS A 668 -24.89 1.12 48.17
N PHE A 669 -24.02 0.17 47.84
CA PHE A 669 -24.49 -1.17 47.53
C PHE A 669 -25.06 -1.87 48.75
N ALA A 670 -24.43 -1.67 49.93
CA ALA A 670 -24.97 -2.21 51.17
C ALA A 670 -26.33 -1.60 51.50
N GLU A 671 -26.49 -0.29 51.31
CA GLU A 671 -27.77 0.29 51.64
C GLU A 671 -28.86 -0.11 50.67
N TRP A 672 -28.49 -0.56 49.46
CA TRP A 672 -29.50 -1.14 48.56
C TRP A 672 -29.83 -2.60 48.86
N GLY A 673 -29.18 -3.23 49.84
CA GLY A 673 -29.43 -4.63 50.06
C GLY A 673 -28.78 -5.58 49.06
N VAL A 674 -27.80 -5.10 48.29
CA VAL A 674 -27.02 -5.97 47.41
C VAL A 674 -26.23 -6.97 48.25
N THR A 675 -26.48 -8.25 48.03
CA THR A 675 -25.70 -9.29 48.71
C THR A 675 -24.72 -9.97 47.79
N ASP A 676 -24.94 -9.87 46.47
CA ASP A 676 -24.10 -10.53 45.48
C ASP A 676 -23.78 -9.55 44.37
N PHE A 677 -22.52 -9.11 44.30
CA PHE A 677 -22.05 -8.21 43.27
C PHE A 677 -21.46 -9.05 42.13
N GLU A 678 -22.17 -9.09 41.01
CA GLU A 678 -21.70 -9.80 39.83
C GLU A 678 -20.86 -8.80 39.04
N MET A 679 -19.54 -8.97 39.13
CA MET A 679 -18.58 -8.14 38.42
C MET A 679 -18.49 -8.56 36.97
N ALA A 680 -18.05 -7.61 36.14
CA ALA A 680 -17.71 -7.94 34.78
C ALA A 680 -16.57 -8.95 34.77
N PRO A 681 -16.47 -9.76 33.71
CA PRO A 681 -15.26 -10.58 33.50
C PRO A 681 -14.03 -9.69 33.51
N GLN A 682 -13.02 -10.09 34.28
CA GLN A 682 -11.90 -9.21 34.55
C GLN A 682 -10.68 -9.50 33.68
N TYR A 683 -10.83 -10.33 32.66
CA TYR A 683 -9.70 -10.67 31.82
C TYR A 683 -9.39 -9.51 30.88
N VAL A 684 -8.09 -9.27 30.69
CA VAL A 684 -7.69 -8.20 29.78
C VAL A 684 -8.24 -8.50 28.39
N SER A 685 -8.94 -7.53 27.81
CA SER A 685 -9.67 -7.82 26.58
C SER A 685 -8.73 -7.80 25.39
N SER A 686 -9.03 -8.63 24.41
CA SER A 686 -8.36 -8.47 23.15
C SER A 686 -8.98 -7.26 22.42
N THR A 687 -8.31 -6.82 21.34
CA THR A 687 -8.66 -5.60 20.63
C THR A 687 -8.88 -5.82 19.14
N ASP A 688 -9.17 -7.05 18.73
CA ASP A 688 -9.31 -7.36 17.31
C ASP A 688 -10.55 -6.71 16.70
N GLY A 689 -11.56 -6.44 17.52
CA GLY A 689 -12.79 -5.82 17.03
C GLY A 689 -13.68 -6.71 16.20
N SER A 690 -13.44 -8.03 16.19
CA SER A 690 -14.24 -8.96 15.40
C SER A 690 -15.62 -9.22 16.01
N PHE A 691 -15.88 -8.73 17.22
CA PHE A 691 -17.20 -8.85 17.83
C PHE A 691 -17.38 -7.68 18.76
N LEU A 692 -18.64 -7.42 19.11
CA LEU A 692 -18.95 -6.36 20.05
C LEU A 692 -18.03 -6.43 21.28
N ASP A 693 -17.77 -7.64 21.81
CA ASP A 693 -17.04 -7.77 23.08
C ASP A 693 -15.61 -7.25 22.98
N SER A 694 -14.96 -7.43 21.83
CA SER A 694 -13.62 -6.90 21.61
C SER A 694 -13.60 -5.52 20.97
N VAL A 695 -14.77 -4.93 20.70
CA VAL A 695 -14.85 -3.51 20.33
C VAL A 695 -15.02 -2.65 21.57
N ILE A 696 -15.96 -2.97 22.46
CA ILE A 696 -16.12 -2.19 23.69
C ILE A 696 -15.37 -2.81 24.86
N GLN A 697 -14.71 -3.95 24.66
CA GLN A 697 -13.68 -4.48 25.56
C GLN A 697 -14.22 -4.78 26.94
N ASN A 698 -15.35 -5.54 26.96
CA ASN A 698 -16.05 -5.81 28.22
C ASN A 698 -15.37 -6.84 29.10
N GLY A 699 -14.56 -7.73 28.53
CA GLY A 699 -13.88 -8.77 29.28
C GLY A 699 -14.21 -10.17 28.82
N TYR A 700 -15.22 -10.31 27.97
CA TYR A 700 -15.63 -11.58 27.40
C TYR A 700 -14.79 -12.03 26.20
N ALA A 701 -14.00 -11.15 25.60
CA ALA A 701 -13.14 -11.49 24.46
C ALA A 701 -11.70 -11.35 24.98
N PHE A 702 -11.01 -12.48 25.16
CA PHE A 702 -9.70 -12.41 25.82
C PHE A 702 -8.78 -13.49 25.25
N THR A 703 -7.49 -13.29 25.46
CA THR A 703 -6.44 -14.18 25.00
C THR A 703 -5.77 -14.93 26.13
N ASP A 704 -5.95 -14.47 27.36
CA ASP A 704 -5.22 -15.00 28.51
C ASP A 704 -6.19 -15.09 29.68
N ARG A 705 -6.59 -16.31 30.03
CA ARG A 705 -7.59 -16.50 31.08
C ARG A 705 -7.14 -16.02 32.46
N TYR A 706 -5.84 -15.89 32.68
CA TYR A 706 -5.36 -15.55 34.02
C TYR A 706 -4.93 -14.10 34.13
N ASP A 707 -5.06 -13.31 33.06
CA ASP A 707 -4.57 -11.92 33.07
C ASP A 707 -5.70 -11.00 33.52
N LEU A 708 -5.91 -10.97 34.83
CA LEU A 708 -6.98 -10.18 35.42
C LEU A 708 -6.43 -8.79 35.71
N GLY A 709 -6.18 -8.06 34.63
CA GLY A 709 -5.60 -6.76 34.77
C GLY A 709 -4.18 -6.76 35.29
N ILE A 710 -3.41 -7.82 34.99
CA ILE A 710 -2.10 -8.02 35.57
C ILE A 710 -1.00 -7.46 34.69
N SER A 711 -0.98 -7.78 33.41
CA SER A 711 0.01 -7.26 32.48
C SER A 711 -0.29 -5.84 32.02
N LYS A 712 -1.50 -5.40 32.19
CA LYS A 712 -2.06 -4.19 31.63
C LYS A 712 -3.40 -4.01 32.34
N PRO A 713 -3.92 -2.80 32.55
CA PRO A 713 -5.25 -2.71 33.19
C PRO A 713 -6.29 -3.35 32.30
N ASN A 714 -7.31 -3.93 32.91
CA ASN A 714 -8.49 -4.22 32.13
C ASN A 714 -9.34 -2.94 32.05
N LYS A 715 -10.48 -2.99 31.37
CA LYS A 715 -11.30 -1.78 31.22
C LYS A 715 -11.67 -1.17 32.57
N TYR A 716 -11.58 -1.93 33.66
CA TYR A 716 -12.11 -1.54 34.96
C TYR A 716 -11.01 -1.14 35.94
N GLY A 717 -9.73 -1.22 35.54
CA GLY A 717 -8.66 -0.83 36.41
C GLY A 717 -7.55 -1.85 36.38
N THR A 718 -6.63 -1.71 37.30
CA THR A 718 -5.51 -2.64 37.42
C THR A 718 -5.91 -3.80 38.30
N ALA A 719 -5.07 -4.83 38.32
CA ALA A 719 -5.30 -5.94 39.22
C ALA A 719 -5.40 -5.48 40.69
N ASP A 720 -4.60 -4.49 41.09
CA ASP A 720 -4.76 -4.01 42.47
C ASP A 720 -6.09 -3.28 42.66
N ASP A 721 -6.59 -2.60 41.63
CA ASP A 721 -7.92 -2.04 41.75
C ASP A 721 -8.97 -3.12 41.96
N LEU A 722 -8.83 -4.25 41.27
CA LEU A 722 -9.75 -5.35 41.47
C LEU A 722 -9.65 -5.87 42.89
N VAL A 723 -8.42 -6.10 43.37
CA VAL A 723 -8.21 -6.58 44.74
C VAL A 723 -8.88 -5.66 45.75
N LYS A 724 -8.69 -4.34 45.56
CA LYS A 724 -9.26 -3.40 46.51
C LYS A 724 -10.78 -3.40 46.43
N ALA A 725 -11.34 -3.52 45.23
CA ALA A 725 -12.79 -3.56 45.11
C ALA A 725 -13.37 -4.81 45.79
N ILE A 726 -12.73 -5.96 45.59
CA ILE A 726 -13.22 -7.15 46.26
C ILE A 726 -13.15 -6.96 47.76
N LYS A 727 -12.05 -6.41 48.26
CA LYS A 727 -11.93 -6.22 49.69
C LYS A 727 -12.98 -5.25 50.21
N ALA A 728 -13.23 -4.17 49.46
CA ALA A 728 -14.22 -3.20 49.89
C ALA A 728 -15.62 -3.82 49.92
N LEU A 729 -15.94 -4.64 48.92
CA LEU A 729 -17.24 -5.32 48.91
C LEU A 729 -17.36 -6.28 50.08
N HIS A 730 -16.32 -7.08 50.32
CA HIS A 730 -16.30 -7.99 51.48
C HIS A 730 -16.41 -7.24 52.80
N SER A 731 -15.82 -6.05 52.88
CA SER A 731 -15.89 -5.28 54.11
C SER A 731 -17.33 -4.93 54.47
N LYS A 732 -18.29 -5.08 53.56
CA LYS A 732 -19.70 -4.87 53.87
C LYS A 732 -20.48 -6.17 53.84
N GLY A 733 -19.80 -7.31 53.81
CA GLY A 733 -20.55 -8.54 53.74
C GLY A 733 -21.11 -8.88 52.39
N ILE A 734 -20.74 -8.15 51.34
CA ILE A 734 -21.21 -8.43 49.98
C ILE A 734 -20.32 -9.48 49.35
N LYS A 735 -20.94 -10.51 48.77
CA LYS A 735 -20.24 -11.58 48.07
C LYS A 735 -19.94 -11.13 46.63
N VAL A 736 -18.85 -11.67 46.05
CA VAL A 736 -18.38 -11.19 44.75
C VAL A 736 -18.26 -12.36 43.79
N MET A 737 -18.76 -12.15 42.57
CA MET A 737 -18.95 -13.21 41.59
C MET A 737 -17.99 -13.04 40.41
N ALA A 738 -17.25 -14.11 40.12
CA ALA A 738 -16.32 -14.19 38.99
C ALA A 738 -17.04 -14.79 37.79
N ASP A 739 -16.76 -14.24 36.59
CA ASP A 739 -17.38 -14.69 35.31
C ASP A 739 -16.48 -15.75 34.66
N TRP A 740 -16.91 -17.02 34.77
CA TRP A 740 -16.20 -18.19 34.20
C TRP A 740 -16.61 -18.29 32.73
N VAL A 741 -15.65 -18.12 31.82
CA VAL A 741 -15.93 -18.10 30.38
C VAL A 741 -15.15 -19.20 29.65
N PRO A 742 -15.55 -20.46 29.74
CA PRO A 742 -14.79 -21.53 29.09
C PRO A 742 -15.12 -21.74 27.62
N ASP A 743 -16.03 -20.95 27.01
CA ASP A 743 -16.45 -21.29 25.65
C ASP A 743 -15.37 -21.00 24.62
N GLN A 744 -14.80 -19.79 24.64
CA GLN A 744 -13.98 -19.36 23.52
C GLN A 744 -12.84 -18.48 23.99
N MET A 745 -11.86 -18.30 23.10
CA MET A 745 -10.80 -17.32 23.30
C MET A 745 -10.53 -16.60 21.97
N TYR A 746 -9.99 -15.38 22.08
CA TYR A 746 -9.76 -14.51 20.94
C TYR A 746 -8.27 -14.21 20.70
N ALA A 747 -7.94 -13.97 19.43
CA ALA A 747 -6.76 -13.20 19.05
C ALA A 747 -5.45 -13.80 19.55
N PHE A 748 -5.25 -15.08 19.28
CA PHE A 748 -3.99 -15.69 19.71
C PHE A 748 -2.81 -15.10 18.94
N PRO A 749 -1.66 -14.89 19.61
CA PRO A 749 -0.54 -14.22 18.92
C PRO A 749 0.24 -15.07 17.93
N GLU A 750 0.17 -16.40 17.98
CA GLU A 750 0.97 -17.22 17.05
C GLU A 750 0.07 -18.04 16.14
N LYS A 751 0.44 -18.08 14.87
CA LYS A 751 -0.27 -18.85 13.85
C LYS A 751 0.06 -20.34 13.95
N GLU A 752 -0.85 -21.15 13.39
CA GLU A 752 -0.72 -22.61 13.32
C GLU A 752 -1.43 -23.09 12.05
N VAL A 753 -0.90 -24.13 11.44
CA VAL A 753 -1.53 -24.71 10.26
C VAL A 753 -2.29 -25.93 10.72
N VAL A 754 -3.58 -25.99 10.40
CA VAL A 754 -4.46 -27.09 10.82
C VAL A 754 -5.12 -27.68 9.58
N THR A 755 -5.66 -28.89 9.74
CA THR A 755 -6.55 -29.47 8.75
C THR A 755 -7.99 -29.12 9.13
N ALA A 756 -8.72 -28.46 8.24
CA ALA A 756 -10.01 -27.93 8.64
C ALA A 756 -11.10 -28.25 7.63
N THR A 757 -12.34 -28.19 8.12
CA THR A 757 -13.53 -28.38 7.30
C THR A 757 -14.52 -27.26 7.59
N ARG A 758 -14.95 -26.54 6.55
CA ARG A 758 -15.97 -25.52 6.73
C ARG A 758 -17.29 -26.13 7.23
N VAL A 759 -17.86 -25.55 8.30
CA VAL A 759 -19.02 -26.12 8.98
C VAL A 759 -20.03 -25.05 9.40
N ASP A 760 -21.25 -25.49 9.68
CA ASP A 760 -22.23 -24.60 10.29
C ASP A 760 -21.97 -24.58 11.81
N LYS A 761 -22.78 -23.84 12.55
CA LYS A 761 -22.49 -23.68 13.97
C LYS A 761 -22.73 -24.95 14.77
N PHE A 762 -23.28 -25.99 14.16
CA PHE A 762 -23.46 -27.28 14.79
C PHE A 762 -22.32 -28.23 14.42
N GLY A 763 -21.36 -27.77 13.63
CA GLY A 763 -20.32 -28.66 13.15
C GLY A 763 -20.68 -29.52 11.93
N LYS A 764 -21.79 -29.20 11.17
CA LYS A 764 -22.10 -29.99 9.98
C LYS A 764 -21.38 -29.40 8.78
N PRO A 765 -20.71 -30.21 7.97
CA PRO A 765 -19.95 -29.66 6.84
C PRO A 765 -20.86 -29.03 5.79
N VAL A 766 -20.44 -27.87 5.28
CA VAL A 766 -21.12 -27.15 4.21
C VAL A 766 -20.64 -27.72 2.88
N GLU A 767 -21.50 -28.34 2.10
CA GLU A 767 -20.83 -28.78 0.88
C GLU A 767 -20.96 -27.74 -0.20
N GLY A 768 -20.17 -27.93 -1.25
CA GLY A 768 -19.82 -26.88 -2.18
C GLY A 768 -18.80 -25.99 -1.56
N SER A 769 -18.00 -26.52 -0.64
CA SER A 769 -17.00 -25.73 0.05
C SER A 769 -15.64 -26.28 -0.28
N GLN A 770 -14.72 -25.39 -0.62
CA GLN A 770 -13.38 -25.83 -0.95
C GLN A 770 -12.55 -26.15 0.28
N ILE A 771 -13.03 -25.79 1.47
CA ILE A 771 -12.33 -26.11 2.72
C ILE A 771 -12.91 -27.41 3.27
N LYS A 772 -12.24 -28.52 2.99
CA LYS A 772 -12.72 -29.83 3.36
C LYS A 772 -11.49 -30.73 3.51
N SER A 773 -11.12 -31.04 4.76
CA SER A 773 -9.87 -31.74 5.06
C SER A 773 -8.71 -31.09 4.31
N VAL A 774 -8.54 -29.80 4.60
CA VAL A 774 -7.78 -28.84 3.83
C VAL A 774 -6.89 -28.07 4.79
N LEU A 775 -5.68 -27.75 4.35
CA LEU A 775 -4.79 -26.96 5.18
C LEU A 775 -5.31 -25.54 5.28
N TYR A 776 -5.33 -25.00 6.50
CA TYR A 776 -5.89 -23.71 6.81
C TYR A 776 -5.04 -23.08 7.90
N VAL A 777 -4.81 -21.77 7.82
CA VAL A 777 -3.95 -21.08 8.79
C VAL A 777 -4.80 -20.29 9.78
N ALA A 778 -4.66 -20.63 11.05
CA ALA A 778 -5.46 -20.09 12.14
C ALA A 778 -4.50 -19.35 13.06
N ASP A 779 -5.05 -18.51 13.92
CA ASP A 779 -4.27 -17.92 15.03
C ASP A 779 -4.61 -18.74 16.26
N SER A 780 -3.87 -19.81 16.56
CA SER A 780 -4.36 -20.55 17.72
C SER A 780 -3.23 -20.99 18.63
N LYS A 781 -2.20 -20.17 18.80
CA LYS A 781 -1.23 -20.51 19.83
C LYS A 781 -1.01 -19.30 20.72
N SER A 782 -1.06 -19.55 22.02
CA SER A 782 -0.73 -18.49 22.95
C SER A 782 0.79 -18.37 23.02
N SER A 783 1.25 -17.33 23.73
CA SER A 783 2.66 -16.96 23.68
C SER A 783 3.58 -17.92 24.42
N GLY A 784 3.07 -18.67 25.41
CA GLY A 784 3.96 -19.39 26.30
C GLY A 784 4.73 -18.52 27.28
N LYS A 785 4.48 -17.20 27.31
CA LYS A 785 5.17 -16.27 28.21
C LYS A 785 4.17 -15.39 28.94
N ASP A 786 2.95 -15.86 29.11
CA ASP A 786 1.88 -15.04 29.66
C ASP A 786 1.42 -15.60 31.01
N GLN A 787 0.26 -15.17 31.48
CA GLN A 787 -0.24 -15.70 32.73
C GLN A 787 -0.65 -17.17 32.60
N GLN A 788 -1.19 -17.54 31.43
CA GLN A 788 -1.50 -18.94 31.19
C GLN A 788 -0.28 -19.83 31.38
N ALA A 789 0.87 -19.39 30.89
CA ALA A 789 2.09 -20.18 31.07
C ALA A 789 2.51 -20.21 32.53
N LYS A 790 2.13 -19.23 33.33
CA LYS A 790 2.52 -19.26 34.74
C LYS A 790 1.61 -20.17 35.55
N TYR A 791 0.29 -20.04 35.36
CA TYR A 791 -0.68 -20.68 36.23
C TYR A 791 -1.32 -21.93 35.63
N GLY A 792 -1.21 -22.15 34.32
CA GLY A 792 -1.88 -23.25 33.69
C GLY A 792 -1.54 -24.58 34.35
N GLY A 793 -2.57 -25.26 34.86
CA GLY A 793 -2.35 -26.54 35.53
C GLY A 793 -1.56 -26.46 36.82
N ALA A 794 -1.34 -25.26 37.35
CA ALA A 794 -0.47 -25.11 38.52
C ALA A 794 -1.12 -25.63 39.80
N PHE A 795 -2.43 -25.85 39.82
CA PHE A 795 -3.12 -26.28 41.02
C PHE A 795 -3.67 -27.70 40.90
N LEU A 796 -3.39 -28.39 39.79
CA LEU A 796 -4.01 -29.70 39.63
C LEU A 796 -3.54 -30.68 40.70
N GLU A 797 -2.27 -30.62 41.10
CA GLU A 797 -1.80 -31.56 42.12
C GLU A 797 -2.46 -31.25 43.46
N GLU A 798 -2.52 -29.97 43.85
CA GLU A 798 -3.24 -29.60 45.05
C GLU A 798 -4.70 -30.05 45.00
N LEU A 799 -5.38 -29.86 43.85
CA LEU A 799 -6.79 -30.25 43.77
C LEU A 799 -6.99 -31.76 43.84
N GLN A 800 -6.14 -32.51 43.11
CA GLN A 800 -6.20 -33.98 43.20
C GLN A 800 -5.95 -34.48 44.61
N ALA A 801 -4.97 -33.87 45.30
CA ALA A 801 -4.64 -34.28 46.66
C ALA A 801 -5.81 -34.04 47.60
N LYS A 802 -6.37 -32.82 47.60
CA LYS A 802 -7.48 -32.50 48.52
C LYS A 802 -8.76 -33.24 48.13
N TYR A 803 -9.04 -33.34 46.83
CA TYR A 803 -10.36 -33.74 46.35
C TYR A 803 -10.24 -34.81 45.28
N PRO A 804 -9.76 -36.00 45.64
CA PRO A 804 -9.58 -37.03 44.61
C PRO A 804 -10.87 -37.36 43.87
N GLU A 805 -12.03 -37.21 44.52
CA GLU A 805 -13.26 -37.64 43.85
C GLU A 805 -13.59 -36.78 42.63
N LEU A 806 -13.15 -35.51 42.59
CA LEU A 806 -13.30 -34.71 41.38
C LEU A 806 -12.62 -35.36 40.18
N PHE A 807 -11.48 -36.00 40.40
CA PHE A 807 -10.81 -36.57 39.26
C PHE A 807 -11.19 -38.02 39.05
N ALA A 808 -11.96 -38.60 39.97
CA ALA A 808 -12.47 -39.95 39.77
C ALA A 808 -13.77 -39.99 38.96
N ARG A 809 -14.61 -38.96 39.07
CA ARG A 809 -15.88 -38.97 38.35
C ARG A 809 -15.66 -39.23 36.87
N LYS A 810 -16.44 -40.13 36.29
CA LYS A 810 -16.40 -40.31 34.84
C LYS A 810 -17.38 -39.32 34.25
N GLN A 811 -16.87 -38.40 33.47
CA GLN A 811 -17.71 -37.33 32.95
C GLN A 811 -18.72 -37.91 31.96
N ILE A 812 -19.90 -37.28 31.90
CA ILE A 812 -21.02 -37.88 31.18
C ILE A 812 -20.74 -37.91 29.67
N SER A 813 -20.30 -36.79 29.09
CA SER A 813 -20.17 -36.74 27.63
C SER A 813 -19.06 -37.64 27.10
N THR A 814 -17.99 -37.82 27.86
CA THR A 814 -16.83 -38.57 27.39
C THR A 814 -16.74 -39.99 27.92
N GLY A 815 -17.37 -40.29 29.06
CA GLY A 815 -17.20 -41.58 29.68
C GLY A 815 -15.91 -41.78 30.45
N VAL A 816 -15.04 -40.77 30.56
CA VAL A 816 -13.76 -40.89 31.27
C VAL A 816 -13.61 -39.73 32.26
N PRO A 817 -12.66 -39.85 33.17
CA PRO A 817 -12.33 -38.73 34.07
C PRO A 817 -11.65 -37.58 33.35
N MET A 818 -11.58 -36.47 34.05
CA MET A 818 -10.65 -35.42 33.67
C MET A 818 -9.23 -35.98 33.67
N ASP A 819 -8.38 -35.41 32.81
CA ASP A 819 -6.99 -35.84 32.67
C ASP A 819 -6.04 -34.73 33.13
N PRO A 820 -5.63 -34.72 34.41
CA PRO A 820 -4.68 -33.72 34.88
C PRO A 820 -3.21 -34.07 34.65
N SER A 821 -2.89 -35.13 33.91
CA SER A 821 -1.50 -35.50 33.69
C SER A 821 -0.79 -34.57 32.72
N VAL A 822 -1.51 -33.67 32.05
CA VAL A 822 -0.94 -32.66 31.17
C VAL A 822 -1.36 -31.29 31.68
N LYS A 823 -0.40 -30.38 31.83
CA LYS A 823 -0.70 -28.98 32.13
C LYS A 823 -0.77 -28.21 30.81
N ILE A 824 -1.76 -27.32 30.67
CA ILE A 824 -1.80 -26.45 29.51
C ILE A 824 -1.05 -25.16 29.87
N LYS A 825 0.19 -25.07 29.40
CA LYS A 825 0.98 -23.86 29.52
C LYS A 825 0.88 -23.01 28.25
N GLN A 826 0.63 -23.65 27.13
CA GLN A 826 0.45 -22.93 25.87
C GLN A 826 -0.77 -23.49 25.17
N TRP A 827 -1.73 -22.62 24.88
CA TRP A 827 -2.86 -23.04 24.05
C TRP A 827 -2.36 -23.36 22.66
N SER A 828 -2.99 -24.35 22.05
CA SER A 828 -2.64 -24.78 20.72
C SER A 828 -3.92 -25.35 20.12
N ALA A 829 -3.97 -25.46 18.79
CA ALA A 829 -5.19 -25.91 18.11
C ALA A 829 -5.71 -27.28 18.58
N LYS A 830 -4.83 -28.11 19.15
CA LYS A 830 -5.20 -29.48 19.60
C LYS A 830 -6.25 -29.42 20.72
N TYR A 831 -6.38 -28.26 21.37
CA TYR A 831 -7.30 -28.03 22.47
C TYR A 831 -8.56 -27.27 22.05
N PHE A 832 -8.77 -27.07 20.74
CA PHE A 832 -9.91 -26.30 20.27
C PHE A 832 -10.70 -27.11 19.25
N ASN A 833 -12.02 -26.92 19.26
CA ASN A 833 -12.86 -27.53 18.22
C ASN A 833 -12.62 -26.90 16.85
N GLY A 834 -12.38 -25.59 16.79
CA GLY A 834 -12.23 -24.91 15.52
C GLY A 834 -12.28 -23.41 15.76
N THR A 835 -12.55 -22.67 14.68
CA THR A 835 -12.49 -21.21 14.77
C THR A 835 -13.49 -20.57 13.81
N ASN A 836 -13.92 -19.35 14.14
CA ASN A 836 -14.65 -18.58 13.13
C ASN A 836 -13.75 -18.37 11.91
N ILE A 837 -14.38 -18.23 10.72
CA ILE A 837 -13.60 -18.10 9.48
C ILE A 837 -12.80 -16.82 9.51
N LEU A 838 -11.57 -16.88 8.98
CA LEU A 838 -10.62 -15.79 9.17
C LEU A 838 -10.39 -14.98 7.91
N GLY A 839 -11.10 -15.28 6.81
CA GLY A 839 -10.92 -14.51 5.60
C GLY A 839 -9.56 -14.72 4.98
N ARG A 840 -8.98 -15.90 5.17
CA ARG A 840 -7.71 -16.27 4.62
C ARG A 840 -7.84 -17.22 3.43
N GLY A 841 -9.03 -17.76 3.21
CA GLY A 841 -9.30 -18.51 1.99
C GLY A 841 -8.92 -19.98 2.12
N ALA A 842 -9.32 -20.74 1.10
CA ALA A 842 -9.09 -22.17 1.05
C ALA A 842 -7.70 -22.56 0.52
N GLY A 843 -6.93 -21.63 -0.05
CA GLY A 843 -5.66 -22.00 -0.66
C GLY A 843 -4.49 -21.21 -0.17
N TYR A 844 -4.57 -20.75 1.07
CA TYR A 844 -3.55 -19.88 1.64
C TYR A 844 -2.21 -20.60 1.82
N VAL A 845 -2.21 -21.91 2.04
CA VAL A 845 -0.98 -22.68 2.22
C VAL A 845 -0.47 -23.11 0.85
N LEU A 846 0.79 -22.77 0.53
CA LEU A 846 1.27 -22.83 -0.84
C LEU A 846 1.66 -24.24 -1.26
N LYS A 847 1.36 -24.56 -2.51
CA LYS A 847 1.67 -25.86 -3.09
C LYS A 847 2.66 -25.69 -4.23
N ASP A 848 3.49 -26.71 -4.44
CA ASP A 848 4.25 -26.78 -5.68
C ASP A 848 3.27 -27.06 -6.81
N GLN A 849 3.23 -26.17 -7.81
CA GLN A 849 2.23 -26.31 -8.87
C GLN A 849 2.45 -27.57 -9.69
N ALA A 850 3.71 -27.97 -9.87
CA ALA A 850 4.00 -29.14 -10.69
C ALA A 850 3.37 -30.39 -10.10
N THR A 851 3.54 -30.60 -8.80
CA THR A 851 3.16 -31.85 -8.16
C THR A 851 1.88 -31.76 -7.35
N ASN A 852 1.25 -30.58 -7.26
CA ASN A 852 0.06 -30.36 -6.41
C ASN A 852 0.33 -30.86 -4.99
N THR A 853 1.49 -30.49 -4.48
CA THR A 853 1.99 -30.90 -3.17
C THR A 853 2.26 -29.67 -2.33
N TYR A 854 1.90 -29.73 -1.05
CA TYR A 854 2.23 -28.61 -0.18
C TYR A 854 3.73 -28.52 0.01
N PHE A 855 4.26 -27.30 -0.02
CA PHE A 855 5.65 -27.09 0.35
C PHE A 855 5.84 -27.40 1.83
N ASN A 856 6.89 -28.14 2.17
CA ASN A 856 7.25 -28.32 3.57
C ASN A 856 8.77 -28.20 3.75
N ILE A 857 9.16 -27.82 4.96
CA ILE A 857 10.55 -27.67 5.36
C ILE A 857 10.87 -28.55 6.58
N LYS B 19 -13.02 29.68 -2.79
CA LYS B 19 -11.62 29.70 -2.30
C LYS B 19 -11.63 29.52 -0.78
N ASP B 20 -10.50 29.15 -0.20
CA ASP B 20 -10.39 28.95 1.26
C ASP B 20 -11.52 28.01 1.72
N VAL B 22 -13.43 25.23 3.61
CA VAL B 22 -13.32 24.14 4.64
C VAL B 22 -13.59 22.80 3.95
N THR B 23 -14.49 22.01 4.53
CA THR B 23 -14.95 20.70 4.00
C THR B 23 -16.38 20.92 3.47
N THR B 24 -17.33 20.00 3.70
CA THR B 24 -18.71 20.23 3.23
C THR B 24 -19.77 19.67 4.19
N ARG B 25 -20.11 18.38 4.02
CA ARG B 25 -21.23 17.70 4.70
C ARG B 25 -21.07 16.20 4.72
N SER B 26 -19.86 15.71 4.43
CA SER B 26 -19.62 14.31 4.20
C SER B 26 -18.59 13.76 5.17
N ASN B 27 -18.61 14.26 6.40
CA ASN B 27 -17.60 13.87 7.37
C ASN B 27 -18.23 13.84 8.76
N LEU B 28 -18.26 12.66 9.37
CA LEU B 28 -18.89 12.54 10.68
C LEU B 28 -18.13 13.33 11.75
N TYR B 29 -16.80 13.27 11.72
CA TYR B 29 -15.97 13.93 12.74
C TYR B 29 -15.53 15.34 12.36
N LYS B 30 -16.38 16.06 11.59
CA LYS B 30 -16.08 17.39 10.99
C LYS B 30 -15.55 18.46 11.95
N LYS B 31 -15.89 18.39 13.25
CA LYS B 31 -15.52 19.43 14.18
C LYS B 31 -14.08 19.24 14.63
N TYR B 32 -13.57 18.02 14.54
CA TYR B 32 -12.18 17.73 14.79
C TYR B 32 -11.33 17.75 13.53
N ASN B 33 -11.93 17.37 12.39
CA ASN B 33 -11.20 17.26 11.14
C ASN B 33 -11.07 18.58 10.41
N GLN B 34 -11.69 19.63 10.89
CA GLN B 34 -11.61 20.91 10.21
C GLN B 34 -10.15 21.36 10.15
N VAL B 35 -9.84 22.20 9.17
CA VAL B 35 -8.46 22.60 8.98
C VAL B 35 -8.04 23.49 10.14
N TYR B 36 -6.79 23.33 10.60
CA TYR B 36 -6.28 24.07 11.76
C TYR B 36 -6.58 25.57 11.68
N ASP B 37 -6.03 26.28 10.69
CA ASP B 37 -6.33 27.69 10.50
C ASP B 37 -6.46 27.99 9.01
N ARG B 38 -6.82 29.23 8.67
CA ARG B 38 -6.88 29.66 7.27
C ARG B 38 -5.50 29.98 6.69
N SER B 39 -4.43 29.81 7.48
CA SER B 39 -3.06 29.96 7.01
C SER B 39 -2.74 28.98 5.89
N ALA B 40 -1.82 29.40 5.02
CA ALA B 40 -1.29 28.52 3.99
C ALA B 40 -0.34 27.47 4.55
N GLN B 41 0.15 27.64 5.77
CA GLN B 41 1.09 26.66 6.29
C GLN B 41 0.38 25.48 6.92
N SER B 42 -0.95 25.45 6.91
CA SER B 42 -1.70 24.27 7.28
C SER B 42 -2.05 23.40 6.09
N PHE B 43 -1.65 23.80 4.88
CA PHE B 43 -1.92 23.06 3.66
C PHE B 43 -0.63 22.75 2.92
N GLU B 44 -0.53 21.53 2.38
CA GLU B 44 0.49 21.24 1.37
C GLU B 44 -0.07 21.71 0.03
N HIS B 45 0.37 22.88 -0.40
CA HIS B 45 -0.15 23.55 -1.57
C HIS B 45 0.94 23.72 -2.62
N VAL B 46 0.50 24.01 -3.85
CA VAL B 46 1.38 24.37 -4.95
C VAL B 46 0.85 25.70 -5.49
N ASP B 47 1.63 26.76 -5.32
CA ASP B 47 1.20 28.10 -5.75
C ASP B 47 -0.18 28.44 -5.21
N HIS B 48 -0.44 28.01 -3.97
CA HIS B 48 -1.70 28.25 -3.25
C HIS B 48 -2.88 27.51 -3.88
N TYR B 49 -2.62 26.54 -4.75
CA TYR B 49 -3.64 25.59 -5.16
C TYR B 49 -3.42 24.29 -4.41
N LEU B 50 -4.44 23.44 -4.46
CA LEU B 50 -4.42 22.14 -3.80
C LEU B 50 -4.53 21.03 -4.83
N THR B 51 -3.79 19.95 -4.60
CA THR B 51 -3.86 18.76 -5.43
C THR B 51 -4.53 17.62 -4.69
N ALA B 52 -4.95 16.61 -5.46
CA ALA B 52 -5.55 15.43 -4.86
C ALA B 52 -4.59 14.74 -3.89
N GLU B 53 -3.28 14.93 -4.02
CA GLU B 53 -2.32 14.31 -3.11
C GLU B 53 -1.89 15.28 -2.02
N SER B 54 -2.65 16.34 -1.79
CA SER B 54 -2.26 17.31 -0.78
C SER B 54 -2.59 16.79 0.63
N TRP B 55 -1.72 17.10 1.59
CA TRP B 55 -1.99 16.80 2.98
C TRP B 55 -2.12 18.13 3.72
N TYR B 56 -2.85 18.09 4.84
CA TYR B 56 -3.16 19.27 5.61
C TYR B 56 -3.09 18.95 7.09
N ARG B 57 -3.09 20.00 7.91
CA ARG B 57 -3.11 19.87 9.35
C ARG B 57 -4.52 20.12 9.86
N PRO B 58 -5.22 19.12 10.38
CA PRO B 58 -6.54 19.38 10.98
C PRO B 58 -6.34 19.97 12.38
N LYS B 59 -7.47 20.25 13.05
CA LYS B 59 -7.36 20.79 14.41
C LYS B 59 -7.02 19.70 15.42
N TYR B 60 -7.70 18.58 15.32
CA TYR B 60 -7.47 17.49 16.25
C TYR B 60 -7.13 16.26 15.44
N ILE B 61 -6.34 15.39 16.06
CA ILE B 61 -5.96 14.11 15.49
C ILE B 61 -6.48 13.04 16.44
N LEU B 62 -7.11 12.02 15.91
CA LEU B 62 -7.57 10.91 16.72
C LEU B 62 -6.41 9.94 16.92
N LYS B 63 -5.55 10.19 17.91
CA LYS B 63 -4.39 9.31 18.11
C LYS B 63 -4.88 7.88 18.37
N ASP B 64 -4.43 6.93 17.54
CA ASP B 64 -5.04 5.61 17.44
C ASP B 64 -6.54 5.69 17.16
N GLY B 65 -7.28 4.63 17.45
CA GLY B 65 -8.70 4.75 17.22
C GLY B 65 -9.34 5.28 18.48
N LYS B 66 -8.51 5.88 19.36
CA LYS B 66 -8.90 6.13 20.73
C LYS B 66 -9.16 7.60 21.07
N THR B 67 -8.08 8.30 21.39
CA THR B 67 -8.23 9.66 21.96
C THR B 67 -8.09 10.76 20.91
N TRP B 68 -9.02 11.71 20.91
CA TRP B 68 -8.86 12.89 20.03
C TRP B 68 -7.77 13.75 20.68
N THR B 69 -6.49 13.48 20.39
CA THR B 69 -5.38 14.23 21.02
C THR B 69 -5.58 15.71 20.75
N GLN B 70 -5.80 16.42 21.86
CA GLN B 70 -6.07 17.87 22.02
C GLN B 70 -5.79 18.65 20.75
N SER B 71 -4.55 19.11 20.62
CA SER B 71 -4.21 19.91 19.43
C SER B 71 -3.37 19.06 18.48
N THR B 72 -2.82 19.71 17.46
CA THR B 72 -2.03 19.04 16.46
C THR B 72 -0.71 19.77 16.30
N GLU B 73 0.34 19.06 15.90
CA GLU B 73 1.62 19.76 15.69
C GLU B 73 2.16 19.60 14.28
N LYS B 74 2.85 18.51 14.03
CA LYS B 74 3.37 18.13 12.73
C LYS B 74 2.44 17.11 12.06
N ASP B 75 1.25 16.90 12.61
CA ASP B 75 0.40 15.80 12.18
C ASP B 75 -0.38 16.23 10.96
N PHE B 76 0.22 16.01 9.79
CA PHE B 76 -0.46 16.23 8.53
C PHE B 76 -1.10 14.93 8.10
N ARG B 77 -2.28 15.04 7.55
CA ARG B 77 -3.07 13.90 7.11
C ARG B 77 -3.56 14.18 5.71
N PRO B 78 -3.82 13.13 4.93
CA PRO B 78 -4.36 13.33 3.58
C PRO B 78 -5.66 14.09 3.62
N LEU B 79 -5.81 15.05 2.72
CA LEU B 79 -7.10 15.67 2.60
C LEU B 79 -8.14 14.67 2.11
N LEU B 80 -7.71 13.65 1.37
CA LEU B 80 -8.65 12.61 0.94
C LEU B 80 -9.14 11.74 2.10
N MET B 81 -8.55 11.89 3.28
CA MET B 81 -9.05 11.17 4.45
C MET B 81 -10.39 11.73 4.91
N THR B 82 -10.61 13.04 4.76
CA THR B 82 -11.79 13.69 5.29
C THR B 82 -12.62 14.43 4.24
N TRP B 83 -12.11 14.60 3.02
CA TRP B 83 -12.75 15.39 1.98
C TRP B 83 -12.63 14.64 0.65
N TRP B 84 -13.65 14.81 -0.19
CA TRP B 84 -13.70 14.19 -1.50
C TRP B 84 -14.32 15.17 -2.49
N PRO B 85 -13.94 15.08 -3.77
CA PRO B 85 -14.53 16.00 -4.76
C PRO B 85 -15.99 15.73 -5.05
N SER B 86 -16.39 14.46 -5.09
CA SER B 86 -17.75 14.01 -5.37
C SER B 86 -18.02 12.80 -4.50
N GLN B 87 -19.29 12.44 -4.35
CA GLN B 87 -19.66 11.26 -3.57
C GLN B 87 -19.18 9.97 -4.23
N GLU B 88 -19.16 9.92 -5.57
CA GLU B 88 -18.63 8.75 -6.26
C GLU B 88 -17.18 8.51 -5.91
N THR B 89 -16.38 9.60 -5.86
CA THR B 89 -14.98 9.46 -5.48
C THR B 89 -14.86 8.99 -4.02
N GLN B 90 -15.75 9.48 -3.15
CA GLN B 90 -15.73 9.00 -1.76
C GLN B 90 -16.01 7.51 -1.72
N ARG B 91 -16.96 7.04 -2.52
CA ARG B 91 -17.26 5.61 -2.56
C ARG B 91 -16.05 4.81 -3.02
N GLN B 92 -15.38 5.30 -4.08
CA GLN B 92 -14.16 4.65 -4.56
C GLN B 92 -13.07 4.64 -3.47
N TYR B 93 -12.92 5.75 -2.76
CA TYR B 93 -11.97 5.85 -1.67
C TYR B 93 -12.27 4.83 -0.58
N VAL B 94 -13.55 4.66 -0.25
CA VAL B 94 -13.94 3.78 0.85
C VAL B 94 -13.66 2.32 0.49
N ASN B 95 -14.04 1.93 -0.73
CA ASN B 95 -13.73 0.58 -1.20
C ASN B 95 -12.21 0.34 -1.22
N TYR B 96 -11.46 1.30 -1.78
CA TYR B 96 -10.02 1.15 -1.93
C TYR B 96 -9.34 1.02 -0.58
N MET B 97 -9.64 1.93 0.34
CA MET B 97 -9.01 1.90 1.65
C MET B 97 -9.47 0.69 2.47
N ASN B 98 -10.73 0.27 2.29
CA ASN B 98 -11.20 -0.95 2.93
C ASN B 98 -10.31 -2.12 2.54
N ALA B 99 -10.10 -2.29 1.23
CA ALA B 99 -9.24 -3.38 0.78
C ALA B 99 -7.82 -3.21 1.32
N GLN B 100 -7.34 -1.98 1.40
CA GLN B 100 -5.98 -1.77 1.88
C GLN B 100 -5.84 -2.02 3.37
N LEU B 101 -6.94 -2.00 4.13
CA LEU B 101 -6.84 -2.05 5.59
C LEU B 101 -7.52 -3.28 6.22
N GLY B 102 -7.94 -4.26 5.42
CA GLY B 102 -8.54 -5.46 5.99
C GLY B 102 -9.92 -5.27 6.59
N ILE B 103 -10.75 -4.49 5.95
CA ILE B 103 -12.11 -4.27 6.37
C ILE B 103 -12.92 -4.86 5.23
N ASN B 104 -13.41 -6.11 5.34
CA ASN B 104 -14.02 -6.83 4.19
C ASN B 104 -15.47 -6.48 3.86
N LYS B 105 -15.75 -5.22 3.49
CA LYS B 105 -17.05 -4.68 3.09
C LYS B 105 -16.83 -3.68 1.95
N THR B 106 -17.63 -3.80 0.88
CA THR B 106 -17.57 -2.97 -0.31
C THR B 106 -18.93 -2.30 -0.50
N TYR B 107 -18.95 -1.11 -1.09
CA TYR B 107 -20.15 -0.29 -1.20
C TYR B 107 -20.47 -0.05 -2.67
N ASP B 108 -21.67 -0.42 -3.07
CA ASP B 108 -22.08 -0.28 -4.46
C ASP B 108 -22.66 1.13 -4.69
N ASP B 109 -22.85 1.48 -5.97
CA ASP B 109 -23.23 2.84 -6.34
C ASP B 109 -24.60 3.23 -5.78
N THR B 110 -25.25 2.33 -5.06
CA THR B 110 -26.52 2.64 -4.40
C THR B 110 -26.32 3.15 -2.97
N SER B 111 -25.08 3.21 -2.48
CA SER B 111 -24.81 3.60 -1.09
C SER B 111 -25.23 5.04 -0.83
N ASN B 112 -25.71 5.30 0.38
CA ASN B 112 -26.15 6.64 0.72
C ASN B 112 -25.03 7.38 1.46
N GLN B 113 -25.27 8.66 1.77
CA GLN B 113 -24.20 9.53 2.24
C GLN B 113 -23.70 9.12 3.63
N LEU B 114 -24.62 8.80 4.56
CA LEU B 114 -24.22 8.50 5.95
C LEU B 114 -23.46 7.19 6.01
N GLN B 115 -23.86 6.25 5.15
CA GLN B 115 -23.18 4.98 4.99
C GLN B 115 -21.71 5.19 4.63
N LEU B 116 -21.48 6.10 3.68
CA LEU B 116 -20.13 6.44 3.25
C LEU B 116 -19.37 7.18 4.34
N ASN B 117 -20.03 8.06 5.10
CA ASN B 117 -19.33 8.84 6.12
C ASN B 117 -18.95 7.99 7.32
N ILE B 118 -19.80 7.02 7.68
CA ILE B 118 -19.46 6.13 8.77
C ILE B 118 -18.32 5.21 8.34
N ALA B 119 -18.35 4.74 7.08
CA ALA B 119 -17.25 3.94 6.57
C ALA B 119 -15.95 4.74 6.58
N ALA B 120 -15.99 5.99 6.12
CA ALA B 120 -14.80 6.82 6.12
C ALA B 120 -14.30 7.03 7.54
N ALA B 121 -15.23 7.20 8.49
CA ALA B 121 -14.88 7.34 9.91
C ALA B 121 -14.14 6.11 10.43
N THR B 122 -14.64 4.92 10.08
CA THR B 122 -13.93 3.71 10.48
C THR B 122 -12.53 3.66 9.87
N ILE B 123 -12.42 4.03 8.60
CA ILE B 123 -11.15 4.06 7.89
C ILE B 123 -10.18 5.03 8.57
N GLN B 124 -10.66 6.21 8.98
CA GLN B 124 -9.79 7.17 9.66
C GLN B 124 -9.30 6.61 11.00
N ALA B 125 -10.20 5.97 11.76
CA ALA B 125 -9.78 5.39 13.04
C ALA B 125 -8.67 4.38 12.82
N LYS B 126 -8.82 3.50 11.81
CA LYS B 126 -7.83 2.43 11.64
C LYS B 126 -6.58 2.91 10.91
N ILE B 127 -6.68 3.96 10.09
CA ILE B 127 -5.47 4.62 9.59
C ILE B 127 -4.63 5.11 10.75
N GLU B 128 -5.27 5.81 11.70
CA GLU B 128 -4.51 6.34 12.84
C GLU B 128 -3.96 5.22 13.70
N ALA B 129 -4.72 4.13 13.81
CA ALA B 129 -4.22 2.93 14.48
C ALA B 129 -2.91 2.47 13.86
N LYS B 130 -2.85 2.37 12.52
CA LYS B 130 -1.59 1.97 11.87
C LYS B 130 -0.51 3.01 12.07
N ILE B 131 -0.86 4.30 11.95
CA ILE B 131 0.15 5.35 12.10
C ILE B 131 0.85 5.23 13.45
N THR B 132 0.09 4.93 14.51
CA THR B 132 0.72 4.72 15.81
C THR B 132 1.31 3.32 15.96
N THR B 133 0.86 2.34 15.16
CA THR B 133 1.51 1.04 15.24
C THR B 133 2.87 1.07 14.56
N LEU B 134 2.89 1.46 13.29
CA LEU B 134 4.18 1.42 12.56
C LEU B 134 4.95 2.75 12.67
N LYS B 135 4.48 3.64 13.54
CA LYS B 135 5.15 4.91 13.92
C LYS B 135 5.62 5.80 12.75
N ASN B 136 4.92 5.81 11.61
CA ASN B 136 5.29 6.71 10.48
C ASN B 136 4.10 6.83 9.53
N THR B 137 4.23 7.68 8.51
CA THR B 137 3.14 7.86 7.56
C THR B 137 3.49 7.48 6.13
N ASP B 138 4.67 6.91 5.90
CA ASP B 138 5.13 6.64 4.54
C ASP B 138 4.15 5.73 3.81
N TRP B 139 3.76 4.64 4.45
CA TRP B 139 2.79 3.74 3.85
C TRP B 139 1.52 4.50 3.49
N LEU B 140 1.14 5.51 4.27
CA LEU B 140 -0.08 6.23 3.95
C LEU B 140 0.09 7.15 2.73
N ARG B 141 1.22 7.85 2.65
CA ARG B 141 1.57 8.59 1.43
C ARG B 141 1.45 7.70 0.18
N GLN B 142 2.06 6.51 0.25
CA GLN B 142 2.01 5.62 -0.90
C GLN B 142 0.59 5.14 -1.20
N THR B 143 -0.18 4.76 -0.16
CA THR B 143 -1.53 4.25 -0.38
C THR B 143 -2.44 5.33 -0.96
N ILE B 144 -2.33 6.55 -0.43
CA ILE B 144 -3.12 7.65 -0.95
C ILE B 144 -2.78 7.92 -2.41
N SER B 145 -1.48 7.93 -2.77
CA SER B 145 -1.14 8.24 -4.16
C SER B 145 -1.63 7.15 -5.11
N ALA B 146 -1.53 5.89 -4.67
CA ALA B 146 -2.01 4.78 -5.47
C ALA B 146 -3.51 4.89 -5.72
N PHE B 147 -4.28 5.18 -4.67
CA PHE B 147 -5.70 5.39 -4.86
C PHE B 147 -5.94 6.52 -5.86
N VAL B 148 -5.23 7.63 -5.70
CA VAL B 148 -5.45 8.79 -6.55
C VAL B 148 -5.25 8.43 -8.00
N LYS B 149 -4.20 7.65 -8.28
CA LYS B 149 -3.92 7.21 -9.65
C LYS B 149 -4.99 6.26 -10.17
N THR B 150 -5.74 5.58 -9.31
CA THR B 150 -6.85 4.78 -9.85
C THR B 150 -7.95 5.63 -10.49
N GLN B 151 -8.02 6.94 -10.23
CA GLN B 151 -9.11 7.81 -10.70
C GLN B 151 -8.76 8.46 -12.03
N SER B 152 -9.64 8.30 -13.04
CA SER B 152 -9.26 8.69 -14.40
C SER B 152 -9.01 10.20 -14.53
N ALA B 153 -9.67 11.02 -13.70
CA ALA B 153 -9.37 12.45 -13.68
C ALA B 153 -8.01 12.75 -13.08
N TRP B 154 -7.33 11.76 -12.53
CA TRP B 154 -6.08 11.98 -11.85
C TRP B 154 -4.99 11.05 -12.38
N ASN B 155 -5.14 10.59 -13.63
CA ASN B 155 -4.17 9.71 -14.25
C ASN B 155 -4.15 9.93 -15.77
N SER B 156 -3.37 9.10 -16.47
CA SER B 156 -3.14 9.17 -17.92
C SER B 156 -4.43 9.18 -18.73
N ASP B 157 -5.53 8.66 -18.17
CA ASP B 157 -6.77 8.53 -18.93
C ASP B 157 -7.27 9.88 -19.43
N SER B 158 -7.24 10.90 -18.59
CA SER B 158 -7.73 12.18 -19.07
C SER B 158 -6.67 12.92 -19.88
N GLU B 159 -5.50 12.29 -20.08
CA GLU B 159 -4.45 12.82 -20.93
C GLU B 159 -4.47 12.20 -22.32
N LYS B 160 -5.34 11.23 -22.54
CA LYS B 160 -5.52 10.66 -23.85
C LYS B 160 -6.24 11.66 -24.74
N PRO B 161 -6.22 11.45 -26.08
CA PRO B 161 -5.53 10.38 -26.84
C PRO B 161 -4.00 10.56 -26.87
N PHE B 162 -3.22 9.47 -26.80
CA PHE B 162 -1.77 9.62 -26.98
C PHE B 162 -1.47 9.85 -28.46
N ASP B 163 -0.29 10.44 -28.71
CA ASP B 163 0.16 10.79 -30.05
C ASP B 163 1.65 10.48 -30.12
N ASP B 164 2.26 10.80 -31.25
CA ASP B 164 3.62 10.36 -31.55
C ASP B 164 4.73 11.19 -30.91
N HIS B 165 4.44 12.06 -29.94
CA HIS B 165 5.50 12.51 -29.05
C HIS B 165 6.22 11.28 -28.49
N LEU B 166 7.55 11.37 -28.33
CA LEU B 166 8.34 10.21 -27.92
C LEU B 166 7.79 9.57 -26.64
N GLN B 167 7.21 10.40 -25.76
CA GLN B 167 6.66 9.98 -24.47
C GLN B 167 5.13 10.16 -24.42
N ASN B 168 4.44 9.96 -25.54
CA ASN B 168 3.00 9.80 -25.70
C ASN B 168 2.20 11.11 -25.74
N GLY B 169 2.78 12.25 -25.40
CA GLY B 169 2.06 13.50 -25.54
C GLY B 169 2.79 14.61 -24.84
N ALA B 170 2.24 15.82 -24.99
CA ALA B 170 2.80 17.00 -24.34
C ALA B 170 1.67 17.96 -24.06
N VAL B 171 1.92 18.85 -23.12
CA VAL B 171 1.06 20.01 -22.87
C VAL B 171 1.88 21.27 -23.09
N LEU B 172 1.22 22.27 -23.63
CA LEU B 172 1.80 23.57 -23.95
C LEU B 172 1.31 24.58 -22.91
N TYR B 173 2.23 25.38 -22.40
CA TYR B 173 1.86 26.39 -21.40
C TYR B 173 1.26 27.62 -22.06
N ASP B 174 0.10 28.08 -21.58
CA ASP B 174 -0.59 29.22 -22.18
C ASP B 174 0.20 30.50 -21.94
N ASN B 175 0.28 31.33 -22.96
CA ASN B 175 1.07 32.55 -22.78
C ASN B 175 0.39 33.52 -21.83
N GLU B 176 -0.94 33.45 -21.69
CA GLU B 176 -1.68 34.27 -20.73
C GLU B 176 -2.72 33.40 -20.02
N GLY B 177 -2.41 32.96 -18.81
CA GLY B 177 -3.36 32.25 -17.98
C GLY B 177 -3.75 33.08 -16.78
N LYS B 178 -5.04 33.44 -16.65
CA LYS B 178 -5.43 34.37 -15.60
C LYS B 178 -5.09 33.82 -14.22
N LEU B 179 -5.19 32.50 -14.03
CA LEU B 179 -4.94 31.88 -12.73
C LEU B 179 -3.47 31.56 -12.46
N THR B 180 -2.58 31.67 -13.45
CA THR B 180 -1.15 31.39 -13.24
C THR B 180 -0.31 32.41 -13.97
N PRO B 181 -0.51 33.70 -13.69
CA PRO B 181 0.22 34.76 -14.42
C PRO B 181 1.72 34.69 -14.23
N TYR B 182 2.19 34.05 -13.14
CA TYR B 182 3.63 33.86 -12.93
C TYR B 182 4.25 32.94 -13.99
N ALA B 183 3.44 32.25 -14.78
CA ALA B 183 3.90 31.40 -15.86
C ALA B 183 3.66 32.04 -17.22
N ASN B 184 3.20 33.27 -17.26
CA ASN B 184 2.97 33.90 -18.56
C ASN B 184 4.29 34.13 -19.29
N SER B 185 4.18 34.28 -20.61
CA SER B 185 5.34 34.72 -21.39
C SER B 185 4.82 35.34 -22.67
N ASN B 186 5.64 36.19 -23.28
CA ASN B 186 5.32 36.75 -24.58
C ASN B 186 5.97 35.97 -25.73
N TYR B 187 6.57 34.81 -25.48
CA TYR B 187 7.29 34.10 -26.53
C TYR B 187 6.67 32.73 -26.76
N ARG B 188 7.38 31.65 -26.41
CA ARG B 188 6.92 30.32 -26.78
C ARG B 188 6.63 30.23 -28.28
N ILE B 189 7.55 30.78 -29.07
CA ILE B 189 7.46 30.65 -30.51
C ILE B 189 8.03 29.28 -30.89
N LEU B 190 7.16 28.42 -31.44
CA LEU B 190 7.45 27.00 -31.60
C LEU B 190 7.87 26.64 -33.02
N ASN B 191 8.66 25.57 -33.12
CA ASN B 191 8.96 24.89 -34.37
C ASN B 191 9.80 25.73 -35.29
N ARG B 192 10.51 26.65 -34.67
CA ARG B 192 11.42 27.50 -35.42
C ARG B 192 12.71 26.71 -35.62
N THR B 193 12.65 25.70 -36.52
CA THR B 193 13.73 24.86 -37.03
C THR B 193 14.54 25.71 -38.01
N PRO B 194 15.71 25.28 -38.47
CA PRO B 194 16.36 26.07 -39.52
C PRO B 194 15.48 26.21 -40.74
N THR B 195 14.77 25.14 -41.13
CA THR B 195 13.87 25.17 -42.27
C THR B 195 12.76 26.20 -42.07
N ASN B 196 12.29 26.35 -40.83
CA ASN B 196 11.09 27.09 -40.49
C ASN B 196 11.43 28.27 -39.58
N GLN B 197 12.68 28.75 -39.67
CA GLN B 197 13.14 29.72 -38.65
C GLN B 197 12.31 30.99 -38.65
N THR B 198 11.78 31.41 -39.79
CA THR B 198 10.97 32.59 -39.81
C THR B 198 9.50 32.32 -39.56
N GLY B 199 9.12 31.06 -39.34
CA GLY B 199 7.69 30.80 -39.09
C GLY B 199 7.02 30.34 -40.35
N LYS B 200 7.73 30.44 -41.46
CA LYS B 200 7.26 29.90 -42.72
C LYS B 200 8.37 29.00 -43.28
N LYS B 201 7.97 28.01 -44.07
CA LYS B 201 8.96 27.11 -44.66
C LYS B 201 9.89 27.88 -45.61
N ASP B 202 11.18 27.71 -45.43
CA ASP B 202 12.17 28.42 -46.23
C ASP B 202 12.11 27.99 -47.69
N PRO B 203 11.88 28.90 -48.64
CA PRO B 203 11.78 28.48 -50.05
C PRO B 203 13.11 28.15 -50.68
N ARG B 204 14.22 28.43 -49.99
CA ARG B 204 15.53 28.13 -50.55
C ARG B 204 15.85 26.64 -50.54
N TYR B 205 15.28 25.88 -49.60
CA TYR B 205 15.76 24.52 -49.36
C TYR B 205 14.65 23.53 -49.64
N THR B 206 14.88 22.66 -50.62
CA THR B 206 13.82 21.76 -51.06
C THR B 206 14.17 20.30 -50.87
N ALA B 207 15.31 19.97 -50.29
CA ALA B 207 15.59 18.56 -50.08
C ALA B 207 14.64 17.91 -49.09
N ASP B 208 14.06 18.72 -48.20
CA ASP B 208 13.12 18.23 -47.16
C ASP B 208 11.73 18.86 -47.38
N ASN B 209 10.72 18.02 -47.62
CA ASN B 209 9.35 18.49 -47.85
C ASN B 209 8.73 19.20 -46.66
N THR B 210 9.18 18.86 -45.47
CA THR B 210 8.52 19.21 -44.23
C THR B 210 9.05 20.54 -43.71
N ILE B 211 8.55 20.92 -42.52
CA ILE B 211 9.13 22.07 -41.82
C ILE B 211 10.44 21.69 -41.15
N GLY B 212 10.89 20.43 -41.32
CA GLY B 212 12.25 20.11 -40.92
C GLY B 212 12.47 19.95 -39.44
N GLY B 213 11.47 19.49 -38.69
CA GLY B 213 11.63 19.23 -37.27
C GLY B 213 10.32 19.47 -36.53
N TYR B 214 10.41 19.46 -35.20
CA TYR B 214 9.25 19.69 -34.34
C TYR B 214 9.77 20.09 -32.97
N GLU B 215 8.92 20.79 -32.21
CA GLU B 215 9.36 21.49 -31.00
C GLU B 215 9.47 20.56 -29.79
N PHE B 216 8.44 19.74 -29.57
CA PHE B 216 8.37 18.95 -28.35
C PHE B 216 9.00 17.61 -28.62
N LEU B 217 10.12 17.33 -27.96
CA LEU B 217 10.89 16.10 -28.15
C LEU B 217 10.82 15.22 -26.91
N LEU B 218 11.32 15.72 -25.77
CA LEU B 218 11.40 15.01 -24.50
C LEU B 218 11.27 15.97 -23.33
N ALA B 219 10.63 15.51 -22.26
CA ALA B 219 10.70 16.09 -20.92
C ALA B 219 10.22 17.55 -20.93
N ASN B 220 10.82 18.42 -20.10
CA ASN B 220 10.45 19.83 -20.06
C ASN B 220 11.14 20.55 -21.20
N ASP B 221 10.36 21.13 -22.11
CA ASP B 221 10.92 21.72 -23.32
C ASP B 221 11.28 23.17 -23.05
N VAL B 222 12.59 23.48 -23.13
CA VAL B 222 13.08 24.84 -22.96
C VAL B 222 12.56 25.77 -24.05
N ASP B 223 12.11 26.97 -23.65
CA ASP B 223 11.63 27.93 -24.66
C ASP B 223 12.83 28.72 -25.17
N ASN B 224 13.44 28.23 -26.23
CA ASN B 224 14.60 28.90 -26.79
C ASN B 224 14.25 30.03 -27.74
N SER B 225 12.97 30.38 -27.85
CA SER B 225 12.58 31.64 -28.49
C SER B 225 12.55 32.82 -27.51
N ASN B 226 12.80 32.56 -26.23
CA ASN B 226 12.76 33.62 -25.22
C ASN B 226 14.12 34.30 -25.15
N PRO B 227 14.21 35.61 -25.42
CA PRO B 227 15.51 36.29 -25.45
C PRO B 227 16.34 36.14 -24.19
N VAL B 228 15.68 36.07 -23.03
CA VAL B 228 16.39 35.82 -21.78
C VAL B 228 16.96 34.39 -21.78
N VAL B 229 16.15 33.42 -22.20
CA VAL B 229 16.64 32.05 -22.33
C VAL B 229 17.81 32.01 -23.31
N GLN B 230 17.71 32.76 -24.42
CA GLN B 230 18.78 32.75 -25.40
C GLN B 230 20.08 33.23 -24.79
N ALA B 231 20.02 34.36 -24.07
CA ALA B 231 21.23 34.83 -23.40
C ALA B 231 21.75 33.81 -22.39
N GLU B 232 20.85 33.03 -21.74
CA GLU B 232 21.34 32.01 -20.79
C GLU B 232 21.97 30.81 -21.50
N GLN B 233 21.50 30.47 -22.70
CA GLN B 233 22.18 29.45 -23.48
C GLN B 233 23.58 29.90 -23.88
N LEU B 234 23.71 31.20 -24.22
CA LEU B 234 25.04 31.74 -24.54
C LEU B 234 25.95 31.75 -23.32
N ASN B 235 25.40 32.12 -22.15
CA ASN B 235 26.18 32.08 -20.91
C ASN B 235 26.74 30.68 -20.69
N TRP B 236 25.86 29.67 -20.79
CA TRP B 236 26.27 28.28 -20.62
C TRP B 236 27.33 27.88 -21.63
N LEU B 237 27.16 28.33 -22.88
CA LEU B 237 28.14 28.05 -23.92
C LEU B 237 29.51 28.56 -23.52
N HIS B 238 29.56 29.83 -23.09
CA HIS B 238 30.82 30.44 -22.62
C HIS B 238 31.40 29.67 -21.45
N PHE B 239 30.54 29.25 -20.53
CA PHE B 239 30.94 28.40 -19.41
C PHE B 239 31.66 27.14 -19.89
N LEU B 240 31.04 26.42 -20.83
CA LEU B 240 31.65 25.18 -21.26
C LEU B 240 33.00 25.43 -21.95
N MET B 241 33.08 26.47 -22.76
CA MET B 241 34.35 26.69 -23.44
C MET B 241 35.40 27.32 -22.53
N ASN B 242 35.03 27.64 -21.28
CA ASN B 242 36.00 28.07 -20.28
C ASN B 242 35.95 27.22 -19.02
N PHE B 243 35.43 26.00 -19.12
CA PHE B 243 35.28 25.14 -17.96
C PHE B 243 36.55 25.06 -17.13
N GLY B 244 37.70 24.90 -17.77
CA GLY B 244 38.94 24.79 -17.03
C GLY B 244 39.20 26.03 -16.18
N ASN B 245 39.17 27.22 -16.81
CA ASN B 245 39.34 28.47 -16.10
C ASN B 245 38.34 28.62 -14.98
N ILE B 246 37.07 28.36 -15.27
CA ILE B 246 36.03 28.72 -14.31
C ILE B 246 36.02 27.76 -13.14
N TYR B 247 36.10 26.45 -13.42
CA TYR B 247 35.96 25.50 -12.32
C TYR B 247 37.29 25.20 -11.61
N ALA B 248 38.41 25.12 -12.33
CA ALA B 248 39.65 24.67 -11.71
C ALA B 248 40.78 25.67 -11.81
N ASN B 249 40.52 26.88 -12.28
CA ASN B 249 41.56 27.84 -12.61
C ASN B 249 42.67 27.21 -13.45
N ASP B 250 42.27 26.45 -14.46
CA ASP B 250 43.23 25.74 -15.30
C ASP B 250 42.85 25.91 -16.76
N PRO B 251 43.56 26.76 -17.50
CA PRO B 251 43.20 26.96 -18.93
C PRO B 251 43.43 25.72 -19.78
N ASP B 252 44.23 24.76 -19.31
CA ASP B 252 44.40 23.55 -20.07
C ASP B 252 43.24 22.59 -19.95
N ALA B 253 42.19 22.94 -19.22
CA ALA B 253 41.07 22.02 -19.07
C ALA B 253 39.77 22.59 -19.65
N ASN B 254 39.87 23.52 -20.60
CA ASN B 254 38.67 24.00 -21.28
C ASN B 254 38.26 23.03 -22.38
N PHE B 255 36.95 22.91 -22.60
CA PHE B 255 36.46 22.33 -23.84
C PHE B 255 36.81 23.26 -25.00
N ASP B 256 37.22 22.68 -26.12
CA ASP B 256 37.59 23.44 -27.29
C ASP B 256 36.46 23.63 -28.26
N SER B 257 35.48 22.73 -28.29
CA SER B 257 34.47 22.81 -29.35
C SER B 257 33.13 22.33 -28.82
N ILE B 258 32.09 22.45 -29.64
CA ILE B 258 30.78 22.01 -29.19
C ILE B 258 30.09 21.14 -30.24
N ARG B 259 29.16 20.35 -29.75
CA ARG B 259 28.14 19.67 -30.56
C ARG B 259 26.80 20.28 -30.19
N VAL B 260 26.02 20.71 -31.19
CA VAL B 260 24.69 21.24 -30.94
C VAL B 260 23.70 20.09 -31.01
N ASP B 261 23.12 19.76 -29.86
CA ASP B 261 22.23 18.62 -29.77
C ASP B 261 20.83 19.03 -30.21
N ALA B 262 20.17 18.14 -30.94
CA ALA B 262 18.75 18.27 -31.26
C ALA B 262 18.44 19.59 -31.99
N VAL B 263 19.24 19.90 -33.01
CA VAL B 263 19.05 21.13 -33.79
C VAL B 263 17.61 21.26 -34.29
N ASP B 264 17.02 20.17 -34.78
CA ASP B 264 15.70 20.26 -35.40
C ASP B 264 14.56 20.39 -34.39
N ASN B 265 14.87 20.52 -33.11
CA ASN B 265 13.85 20.64 -32.06
C ASN B 265 13.98 21.89 -31.23
N VAL B 266 14.84 22.82 -31.60
CA VAL B 266 14.99 24.06 -30.85
C VAL B 266 14.93 25.23 -31.83
N ASP B 267 14.80 26.41 -31.26
CA ASP B 267 14.80 27.62 -32.08
C ASP B 267 16.17 27.80 -32.73
N ALA B 268 16.20 27.90 -34.08
CA ALA B 268 17.47 27.98 -34.81
C ALA B 268 18.26 29.27 -34.56
N ASP B 269 17.66 30.25 -33.87
CA ASP B 269 18.42 31.43 -33.44
C ASP B 269 19.69 31.02 -32.69
N LEU B 270 19.63 29.91 -31.97
CA LEU B 270 20.79 29.41 -31.24
C LEU B 270 21.98 29.17 -32.15
N LEU B 271 21.74 28.75 -33.40
CA LEU B 271 22.82 28.51 -34.36
C LEU B 271 23.57 29.80 -34.71
N GLN B 272 22.82 30.90 -34.85
CA GLN B 272 23.46 32.20 -35.05
C GLN B 272 24.22 32.60 -33.78
N ILE B 273 23.66 32.27 -32.60
CA ILE B 273 24.26 32.74 -31.37
C ILE B 273 25.56 32.01 -31.12
N ALA B 274 25.58 30.71 -31.35
CA ALA B 274 26.79 29.91 -31.21
C ALA B 274 27.82 30.31 -32.28
N GLY B 275 27.37 30.41 -33.54
CA GLY B 275 28.28 30.83 -34.60
C GLY B 275 28.95 32.14 -34.25
N ASP B 276 28.13 33.15 -33.93
CA ASP B 276 28.65 34.44 -33.48
C ASP B 276 29.65 34.27 -32.36
N TYR B 277 29.32 33.45 -31.35
CA TYR B 277 30.23 33.31 -30.23
C TYR B 277 31.56 32.72 -30.71
N LEU B 278 31.49 31.65 -31.52
CA LEU B 278 32.72 31.05 -32.02
C LEU B 278 33.52 32.06 -32.81
N LYS B 279 32.84 32.95 -33.55
CA LYS B 279 33.58 33.94 -34.31
C LYS B 279 34.16 35.00 -33.39
N ALA B 280 33.37 35.47 -32.42
CA ALA B 280 33.83 36.59 -31.61
C ALA B 280 34.83 36.16 -30.54
N ALA B 281 34.59 35.06 -29.84
CA ALA B 281 35.49 34.70 -28.77
C ALA B 281 36.67 33.84 -29.24
N LYS B 282 36.54 33.07 -30.34
CA LYS B 282 37.64 32.17 -30.76
C LYS B 282 38.24 32.49 -32.12
N GLY B 283 37.71 33.46 -32.85
CA GLY B 283 38.27 33.88 -34.12
C GLY B 283 38.25 32.86 -35.24
N ILE B 284 37.24 31.99 -35.29
CA ILE B 284 37.22 30.90 -36.28
C ILE B 284 37.08 31.42 -37.70
N HIS B 285 36.54 32.62 -37.91
CA HIS B 285 36.41 33.10 -39.29
C HIS B 285 37.71 33.64 -39.85
N LYS B 286 38.75 33.78 -39.02
CA LYS B 286 39.96 34.45 -39.47
C LYS B 286 40.88 33.54 -40.30
N ASN B 287 41.09 32.31 -39.89
CA ASN B 287 41.97 31.42 -40.64
C ASN B 287 41.63 29.98 -40.24
N ASP B 288 42.22 29.02 -40.99
CA ASP B 288 41.89 27.60 -40.80
C ASP B 288 42.42 27.06 -39.48
N LYS B 289 43.52 27.62 -38.96
CA LYS B 289 44.04 27.13 -37.69
C LYS B 289 43.08 27.44 -36.54
N ALA B 290 42.48 28.63 -36.54
CA ALA B 290 41.48 28.97 -35.53
C ALA B 290 40.26 28.07 -35.64
N ALA B 291 39.69 28.00 -36.86
CA ALA B 291 38.51 27.17 -37.06
C ALA B 291 38.77 25.72 -36.65
N ASN B 292 39.88 25.15 -37.13
CA ASN B 292 40.19 23.76 -36.82
C ASN B 292 40.53 23.53 -35.36
N ASP B 293 40.96 24.57 -34.63
CA ASP B 293 41.14 24.46 -33.19
C ASP B 293 39.84 24.49 -32.43
N HIS B 294 38.75 24.86 -33.05
CA HIS B 294 37.48 24.84 -32.34
C HIS B 294 36.38 24.21 -33.18
N LEU B 295 36.69 23.10 -33.86
CA LEU B 295 35.80 22.48 -34.86
C LEU B 295 34.50 21.99 -34.22
N SER B 296 33.37 22.58 -34.59
CA SER B 296 32.11 22.33 -33.92
C SER B 296 31.08 21.74 -34.89
N ILE B 297 30.16 20.92 -34.37
CA ILE B 297 29.27 20.13 -35.21
C ILE B 297 27.81 20.31 -34.77
N LEU B 298 26.92 20.00 -35.69
CA LEU B 298 25.48 19.94 -35.44
C LEU B 298 25.00 18.51 -35.53
N GLU B 299 24.01 18.18 -34.74
CA GLU B 299 23.20 16.98 -34.98
C GLU B 299 21.88 17.48 -35.53
N ALA B 300 21.83 17.59 -36.86
CA ALA B 300 20.71 18.22 -37.58
C ALA B 300 20.24 17.27 -38.66
N TRP B 301 19.10 16.62 -38.45
CA TRP B 301 18.74 15.48 -39.29
C TRP B 301 18.10 15.88 -40.61
N SER B 302 17.45 17.03 -40.67
CA SER B 302 16.83 17.46 -41.90
C SER B 302 17.88 17.68 -42.98
N ASP B 303 17.55 17.21 -44.17
CA ASP B 303 18.40 17.46 -45.32
C ASP B 303 18.45 18.90 -45.77
N ASN B 304 17.61 19.81 -45.20
CA ASN B 304 17.81 21.23 -45.48
C ASN B 304 18.87 21.85 -44.59
N ASP B 305 19.29 21.13 -43.55
CA ASP B 305 20.12 21.75 -42.53
C ASP B 305 21.53 22.01 -43.03
N THR B 306 22.07 21.14 -43.88
CA THR B 306 23.40 21.40 -44.43
C THR B 306 23.40 22.59 -45.38
N PRO B 307 22.51 22.69 -46.37
CA PRO B 307 22.51 23.93 -47.18
C PRO B 307 22.25 25.17 -46.35
N TYR B 308 21.34 25.10 -45.35
CA TYR B 308 21.15 26.22 -44.44
C TYR B 308 22.46 26.60 -43.74
N LEU B 309 23.16 25.62 -43.17
CA LEU B 309 24.37 25.90 -42.40
C LEU B 309 25.49 26.38 -43.32
N HIS B 310 25.47 25.93 -44.58
CA HIS B 310 26.43 26.44 -45.54
C HIS B 310 26.16 27.91 -45.84
N ASP B 311 24.89 28.27 -46.12
CA ASP B 311 24.54 29.68 -46.33
C ASP B 311 24.80 30.51 -45.07
N ASP B 312 24.66 29.91 -43.89
CA ASP B 312 24.94 30.64 -42.66
C ASP B 312 26.42 30.96 -42.49
N GLY B 313 27.32 30.38 -43.28
CA GLY B 313 28.74 30.71 -43.14
C GLY B 313 29.72 29.60 -42.73
N ASP B 314 29.28 28.32 -42.70
CA ASP B 314 30.12 27.18 -42.27
C ASP B 314 30.85 27.49 -40.96
N ASN B 315 30.08 27.95 -39.97
CA ASN B 315 30.64 28.13 -38.65
C ASN B 315 30.66 26.83 -37.87
N MET B 316 29.87 25.86 -38.29
CA MET B 316 29.85 24.51 -37.78
C MET B 316 29.71 23.56 -38.96
N ILE B 317 29.83 22.27 -38.70
CA ILE B 317 29.64 21.30 -39.75
C ILE B 317 28.54 20.33 -39.34
N ASN B 318 27.82 19.86 -40.35
CA ASN B 318 26.74 18.91 -40.18
C ASN B 318 27.18 17.53 -40.68
N MET B 319 26.41 16.53 -40.31
CA MET B 319 26.62 15.18 -40.83
C MET B 319 26.29 15.12 -42.33
N ASP B 320 26.87 14.13 -43.01
CA ASP B 320 26.48 13.75 -44.38
C ASP B 320 25.45 12.62 -44.24
N ASN B 321 24.19 13.01 -44.08
CA ASN B 321 23.13 12.03 -43.92
C ASN B 321 22.93 11.16 -45.16
N LYS B 322 23.16 11.73 -46.35
CA LYS B 322 23.05 10.96 -47.58
C LYS B 322 24.08 9.83 -47.64
N LEU B 323 25.36 10.14 -47.36
CA LEU B 323 26.38 9.09 -47.32
C LEU B 323 26.03 8.06 -46.25
N ARG B 324 25.50 8.52 -45.12
CA ARG B 324 25.14 7.60 -44.04
C ARG B 324 24.14 6.57 -44.53
N LEU B 325 23.03 7.05 -45.13
CA LEU B 325 22.02 6.15 -45.67
C LEU B 325 22.59 5.26 -46.78
N SER B 326 23.49 5.81 -47.59
CA SER B 326 24.07 5.00 -48.67
C SER B 326 24.84 3.82 -48.09
N LEU B 327 25.66 4.09 -47.07
CA LEU B 327 26.36 3.01 -46.37
C LEU B 327 25.37 2.02 -45.76
N LEU B 328 24.34 2.54 -45.09
CA LEU B 328 23.41 1.66 -44.39
C LEU B 328 22.69 0.73 -45.35
N PHE B 329 22.17 1.27 -46.48
CA PHE B 329 21.37 0.42 -47.38
C PHE B 329 22.21 -0.34 -48.39
N SER B 330 23.42 0.05 -48.67
CA SER B 330 24.13 -0.76 -49.64
C SER B 330 25.09 -1.76 -48.98
N LEU B 331 25.48 -1.57 -47.73
CA LEU B 331 26.40 -2.47 -47.03
C LEU B 331 25.84 -3.09 -45.74
N ALA B 332 25.13 -2.31 -44.89
CA ALA B 332 24.79 -2.77 -43.53
C ALA B 332 23.51 -3.64 -43.46
N LYS B 333 22.58 -3.45 -44.37
CA LYS B 333 21.31 -4.12 -44.34
C LYS B 333 21.46 -5.63 -44.54
N PRO B 334 20.47 -6.40 -44.11
CA PRO B 334 20.42 -7.83 -44.47
C PRO B 334 20.46 -8.00 -45.98
N LEU B 335 20.97 -9.15 -46.41
CA LEU B 335 21.36 -9.34 -47.81
C LEU B 335 20.21 -9.08 -48.80
N ASN B 336 19.03 -9.59 -48.52
CA ASN B 336 18.00 -9.43 -49.55
C ASN B 336 17.42 -8.03 -49.55
N GLN B 337 17.81 -7.20 -48.59
CA GLN B 337 17.36 -5.82 -48.51
C GLN B 337 18.42 -4.82 -48.92
N ARG B 338 19.55 -5.32 -49.44
CA ARG B 338 20.65 -4.40 -49.78
C ARG B 338 20.46 -3.79 -51.16
N SER B 339 20.75 -2.51 -51.26
CA SER B 339 20.69 -1.84 -52.55
C SER B 339 21.97 -2.08 -53.35
N GLY B 340 21.94 -1.65 -54.61
CA GLY B 340 23.14 -1.65 -55.41
C GLY B 340 24.21 -0.73 -54.80
N MET B 341 25.43 -0.83 -55.32
CA MET B 341 26.56 -0.18 -54.67
C MET B 341 26.85 1.23 -55.16
N ASN B 342 26.38 1.61 -56.34
CA ASN B 342 26.74 2.91 -56.87
C ASN B 342 26.36 4.07 -55.97
N PRO B 343 25.29 4.02 -55.14
CA PRO B 343 25.04 5.16 -54.21
C PRO B 343 26.23 5.56 -53.33
N LEU B 344 27.08 4.60 -52.91
CA LEU B 344 28.28 4.93 -52.13
C LEU B 344 29.18 5.90 -52.85
N ILE B 345 29.11 5.95 -54.18
CA ILE B 345 29.89 6.94 -54.89
C ILE B 345 29.14 8.26 -54.98
N THR B 346 27.86 8.20 -55.28
CA THR B 346 27.17 9.38 -55.78
C THR B 346 26.14 9.94 -54.83
N ASN B 347 25.62 9.13 -53.90
CA ASN B 347 24.56 9.64 -53.04
C ASN B 347 25.19 10.08 -51.73
N SER B 348 25.65 11.33 -51.75
CA SER B 348 26.45 11.94 -50.73
C SER B 348 26.50 13.44 -51.01
N LEU B 349 26.89 14.21 -50.00
CA LEU B 349 27.19 15.62 -50.19
C LEU B 349 28.20 15.85 -51.30
N VAL B 350 29.09 14.87 -51.48
CA VAL B 350 30.24 14.94 -52.36
C VAL B 350 30.18 13.72 -53.28
N ASN B 351 30.06 13.96 -54.57
CA ASN B 351 30.13 12.88 -55.55
C ASN B 351 31.59 12.46 -55.68
N ARG B 352 31.91 11.22 -55.30
CA ARG B 352 33.30 10.81 -55.22
C ARG B 352 33.77 10.06 -56.45
N THR B 353 33.09 10.21 -57.59
CA THR B 353 33.57 9.62 -58.83
C THR B 353 34.95 10.15 -59.18
N ASP B 354 35.12 11.47 -59.18
CA ASP B 354 36.44 12.07 -59.36
C ASP B 354 36.46 13.34 -58.51
N ASP B 355 36.97 13.19 -57.28
CA ASP B 355 37.09 14.30 -56.32
C ASP B 355 38.52 14.82 -56.39
N ASN B 356 38.73 15.89 -57.15
CA ASN B 356 40.06 16.45 -57.36
C ASN B 356 40.21 17.84 -56.74
N ALA B 357 39.28 18.25 -55.89
CA ALA B 357 39.23 19.62 -55.41
C ALA B 357 40.18 19.83 -54.25
N GLU B 358 40.80 20.99 -54.26
CA GLU B 358 41.67 21.39 -53.14
C GLU B 358 40.76 21.60 -51.94
N THR B 359 39.56 22.13 -52.16
CA THR B 359 38.59 22.37 -51.10
C THR B 359 37.25 21.94 -51.60
N ALA B 360 36.59 21.03 -50.86
CA ALA B 360 35.25 20.59 -51.25
C ALA B 360 34.26 21.74 -51.11
N ALA B 361 33.11 21.58 -51.74
CA ALA B 361 32.14 22.67 -51.78
C ALA B 361 31.54 22.90 -50.40
N VAL B 362 31.19 21.84 -49.67
CA VAL B 362 30.59 21.97 -48.35
C VAL B 362 31.34 21.07 -47.39
N PRO B 363 31.70 21.52 -46.19
CA PRO B 363 32.33 20.63 -45.20
C PRO B 363 31.26 19.82 -44.48
N SER B 364 31.68 18.68 -43.91
CA SER B 364 30.79 17.74 -43.21
C SER B 364 31.61 16.70 -42.44
N TYR B 365 30.90 15.97 -41.60
CA TYR B 365 31.46 14.77 -41.02
C TYR B 365 30.60 13.59 -41.44
N SER B 366 31.21 12.41 -41.45
CA SER B 366 30.61 11.19 -41.98
C SER B 366 30.69 10.09 -40.93
N PHE B 367 29.62 9.31 -40.82
CA PHE B 367 29.61 8.19 -39.88
C PHE B 367 28.58 7.17 -40.33
N ILE B 368 28.69 5.97 -39.76
CA ILE B 368 27.74 4.90 -39.99
C ILE B 368 26.89 4.59 -38.76
N ARG B 369 27.45 4.83 -37.58
CA ARG B 369 26.74 4.58 -36.31
C ARG B 369 27.09 5.69 -35.33
N ALA B 370 26.17 5.99 -34.42
CA ALA B 370 26.42 6.93 -33.33
C ALA B 370 25.81 6.36 -32.07
N HIS B 371 26.05 7.05 -30.95
CA HIS B 371 25.57 6.54 -29.66
C HIS B 371 24.07 6.31 -29.69
N ASP B 372 23.35 7.18 -30.39
CA ASP B 372 21.93 6.91 -30.49
C ASP B 372 21.60 6.20 -31.79
N SER B 373 22.15 6.69 -32.90
CA SER B 373 21.70 6.29 -34.22
C SER B 373 22.29 4.94 -34.64
N GLU B 374 21.38 4.03 -35.05
CA GLU B 374 21.70 2.65 -35.39
C GLU B 374 22.24 1.87 -34.20
N VAL B 375 21.89 2.27 -32.96
CA VAL B 375 22.15 1.46 -31.78
C VAL B 375 20.86 1.24 -30.98
N GLN B 376 20.35 2.30 -30.34
CA GLN B 376 19.08 2.19 -29.63
C GLN B 376 17.94 1.81 -30.58
N ASP B 377 18.05 2.11 -31.88
CA ASP B 377 17.07 1.62 -32.84
C ASP B 377 17.09 0.11 -32.94
N LEU B 378 18.27 -0.49 -32.95
CA LEU B 378 18.36 -1.94 -33.03
C LEU B 378 17.84 -2.59 -31.75
N ILE B 379 18.16 -1.97 -30.60
CA ILE B 379 17.64 -2.42 -29.30
C ILE B 379 16.11 -2.35 -29.29
N ARG B 380 15.54 -1.25 -29.82
CA ARG B 380 14.09 -1.12 -29.89
C ARG B 380 13.50 -2.19 -30.80
N ASP B 381 14.16 -2.48 -31.92
CA ASP B 381 13.69 -3.53 -32.81
C ASP B 381 13.61 -4.87 -32.09
N ILE B 382 14.67 -5.21 -31.35
CA ILE B 382 14.69 -6.48 -30.63
C ILE B 382 13.59 -6.52 -29.59
N ILE B 383 13.45 -5.44 -28.83
CA ILE B 383 12.44 -5.40 -27.79
C ILE B 383 11.06 -5.52 -28.42
N LYS B 384 10.80 -4.72 -29.45
CA LYS B 384 9.48 -4.77 -30.06
C LYS B 384 9.20 -6.13 -30.68
N ALA B 385 10.24 -6.86 -31.09
CA ALA B 385 10.00 -8.09 -31.82
C ALA B 385 10.08 -9.35 -30.96
N GLU B 386 10.56 -9.26 -29.71
CA GLU B 386 10.80 -10.48 -28.95
C GLU B 386 10.52 -10.33 -27.46
N ILE B 387 10.27 -9.12 -26.99
CA ILE B 387 10.13 -8.87 -25.55
C ILE B 387 8.81 -8.18 -25.28
N ASN B 388 8.68 -6.92 -25.69
CA ASN B 388 7.46 -6.14 -25.46
C ASN B 388 7.03 -5.44 -26.75
N PRO B 389 6.05 -5.98 -27.48
CA PRO B 389 5.61 -5.33 -28.73
C PRO B 389 4.95 -3.97 -28.55
N ASN B 390 4.58 -3.58 -27.33
CA ASN B 390 3.96 -2.30 -27.07
C ASN B 390 4.94 -1.30 -26.49
N VAL B 391 6.24 -1.54 -26.69
CA VAL B 391 7.19 -0.60 -26.18
C VAL B 391 6.96 0.76 -26.83
N VAL B 392 7.06 1.81 -26.02
CA VAL B 392 6.81 3.17 -26.48
C VAL B 392 8.15 3.87 -26.70
N GLY B 393 8.36 4.33 -27.93
CA GLY B 393 9.56 5.03 -28.33
C GLY B 393 10.85 4.37 -27.90
N TYR B 394 11.67 5.09 -27.16
CA TYR B 394 12.89 4.56 -26.57
C TYR B 394 12.78 4.58 -25.05
N SER B 395 11.55 4.49 -24.53
CA SER B 395 11.32 4.46 -23.09
C SER B 395 11.43 3.01 -22.60
N PHE B 396 12.66 2.54 -22.57
CA PHE B 396 12.95 1.18 -22.19
C PHE B 396 13.09 1.11 -20.67
N THR B 397 12.77 -0.04 -20.10
CA THR B 397 13.19 -0.34 -18.75
C THR B 397 14.59 -0.96 -18.79
N MET B 398 15.28 -0.90 -17.66
CA MET B 398 16.59 -1.53 -17.58
C MET B 398 16.52 -3.03 -17.87
N GLU B 399 15.44 -3.67 -17.43
CA GLU B 399 15.30 -5.12 -17.59
C GLU B 399 15.15 -5.47 -19.05
N GLU B 400 14.31 -4.71 -19.75
CA GLU B 400 14.18 -4.84 -21.20
C GLU B 400 15.52 -4.70 -21.89
N ILE B 401 16.33 -3.75 -21.44
CA ILE B 401 17.63 -3.51 -22.03
C ILE B 401 18.54 -4.72 -21.86
N LYS B 402 18.54 -5.32 -20.67
CA LYS B 402 19.48 -6.43 -20.45
C LYS B 402 19.04 -7.67 -21.21
N LYS B 403 17.74 -7.94 -21.25
CA LYS B 403 17.29 -9.07 -22.02
C LYS B 403 17.53 -8.84 -23.51
N ALA B 404 17.41 -7.60 -23.98
CA ALA B 404 17.65 -7.32 -25.38
C ALA B 404 19.13 -7.46 -25.72
N PHE B 405 20.00 -7.08 -24.80
CA PHE B 405 21.43 -7.18 -25.08
C PHE B 405 21.89 -8.64 -25.10
N GLU B 406 21.18 -9.55 -24.44
CA GLU B 406 21.49 -10.96 -24.67
C GLU B 406 21.35 -11.32 -26.15
N ILE B 407 20.19 -11.00 -26.73
CA ILE B 407 19.93 -11.28 -28.14
C ILE B 407 20.90 -10.52 -29.03
N TYR B 408 21.09 -9.24 -28.74
CA TYR B 408 21.96 -8.38 -29.51
C TYR B 408 23.40 -8.89 -29.55
N ASN B 409 23.98 -9.18 -28.38
CA ASN B 409 25.37 -9.60 -28.38
C ASN B 409 25.51 -10.94 -29.06
N LYS B 410 24.47 -11.78 -29.04
CA LYS B 410 24.63 -13.00 -29.82
C LYS B 410 24.51 -12.72 -31.33
N ASP B 411 23.70 -11.74 -31.72
CA ASP B 411 23.57 -11.41 -33.14
C ASP B 411 24.87 -10.83 -33.70
N LEU B 412 25.62 -10.07 -32.90
CA LEU B 412 26.86 -9.45 -33.37
C LEU B 412 27.82 -10.50 -33.93
N LEU B 413 27.86 -11.70 -33.34
CA LEU B 413 28.84 -12.69 -33.78
C LEU B 413 28.29 -13.68 -34.81
N ALA B 414 27.02 -13.57 -35.20
CA ALA B 414 26.49 -14.45 -36.22
C ALA B 414 26.94 -14.04 -37.62
N THR B 415 27.02 -15.03 -38.51
CA THR B 415 27.14 -14.74 -39.95
C THR B 415 25.81 -14.28 -40.52
N GLU B 416 24.72 -14.83 -40.03
CA GLU B 416 23.41 -14.44 -40.50
C GLU B 416 22.82 -13.59 -39.38
N LYS B 417 22.90 -12.28 -39.54
CA LYS B 417 22.45 -11.37 -38.50
C LYS B 417 20.97 -11.06 -38.73
N LYS B 418 20.20 -11.05 -37.65
CA LYS B 418 18.82 -10.69 -37.82
C LYS B 418 18.55 -9.27 -37.38
N TYR B 419 19.43 -8.68 -36.58
CA TYR B 419 19.15 -7.40 -35.95
C TYR B 419 20.25 -6.38 -36.14
N THR B 420 21.49 -6.82 -36.33
CA THR B 420 22.63 -5.94 -36.27
C THR B 420 23.24 -5.77 -37.66
N HIS B 421 24.17 -4.81 -37.77
CA HIS B 421 24.74 -4.40 -39.05
C HIS B 421 25.67 -5.43 -39.69
N TYR B 422 25.56 -5.57 -40.99
CA TYR B 422 26.59 -6.27 -41.75
C TYR B 422 27.71 -5.29 -42.17
N ASN B 423 28.89 -5.85 -42.47
CA ASN B 423 29.91 -5.16 -43.25
C ASN B 423 30.43 -3.89 -42.57
N THR B 424 30.46 -3.89 -41.23
CA THR B 424 31.00 -2.73 -40.51
C THR B 424 32.38 -2.32 -41.04
N ALA B 425 33.27 -3.29 -41.23
CA ALA B 425 34.61 -2.98 -41.70
C ALA B 425 34.62 -2.42 -43.13
N LEU B 426 33.71 -2.88 -44.00
CA LEU B 426 33.59 -2.28 -45.34
C LEU B 426 33.20 -0.80 -45.23
N SER B 427 32.28 -0.50 -44.28
CA SER B 427 31.85 0.88 -44.04
C SER B 427 33.00 1.75 -43.54
N TYR B 428 33.77 1.27 -42.56
CA TYR B 428 34.89 2.09 -42.07
C TYR B 428 36.02 2.21 -43.09
N ALA B 429 36.21 1.19 -43.93
CA ALA B 429 37.19 1.33 -45.02
C ALA B 429 36.84 2.50 -45.94
N LEU B 430 35.54 2.64 -46.32
CA LEU B 430 35.16 3.81 -47.11
C LEU B 430 35.27 5.09 -46.29
N LEU B 431 34.74 5.07 -45.07
CA LEU B 431 34.71 6.25 -44.20
C LEU B 431 36.11 6.76 -43.91
N LEU B 432 37.04 5.86 -43.67
CA LEU B 432 38.35 6.30 -43.27
C LEU B 432 39.30 6.53 -44.45
N THR B 433 38.87 6.29 -45.71
CA THR B 433 39.67 6.69 -46.86
C THR B 433 38.99 7.69 -47.78
N ASN B 434 37.71 7.99 -47.58
CA ASN B 434 37.05 9.00 -48.38
C ASN B 434 37.75 10.35 -48.27
N LYS B 435 37.81 11.05 -49.38
CA LYS B 435 38.22 12.44 -49.36
C LYS B 435 37.01 13.31 -49.05
N SER B 436 37.28 14.50 -48.53
CA SER B 436 36.30 15.60 -48.42
C SER B 436 35.23 15.34 -47.40
N SER B 437 35.57 14.64 -46.34
CA SER B 437 34.68 14.57 -45.21
C SER B 437 35.55 14.20 -44.03
N VAL B 438 35.08 14.56 -42.84
CA VAL B 438 35.77 14.24 -41.59
C VAL B 438 35.14 12.97 -41.04
N PRO B 439 35.84 11.87 -40.96
CA PRO B 439 35.22 10.67 -40.40
C PRO B 439 35.01 10.84 -38.90
N ARG B 440 33.89 10.31 -38.41
CA ARG B 440 33.67 10.19 -36.96
C ARG B 440 33.51 8.72 -36.62
N VAL B 441 34.50 8.17 -35.91
CA VAL B 441 34.44 6.78 -35.47
C VAL B 441 33.55 6.70 -34.24
N TYR B 442 32.63 5.72 -34.23
CA TYR B 442 31.78 5.43 -33.07
C TYR B 442 32.47 4.44 -32.12
N TYR B 443 32.52 4.82 -30.83
CA TYR B 443 33.14 3.98 -29.79
C TYR B 443 32.67 2.53 -29.86
N GLY B 444 31.35 2.32 -29.92
CA GLY B 444 30.73 1.02 -29.88
C GLY B 444 30.96 0.16 -31.10
N ASP B 445 31.73 0.64 -32.06
CA ASP B 445 32.13 -0.21 -33.17
C ASP B 445 33.53 -0.79 -32.95
N MET B 446 34.33 -0.17 -32.09
CA MET B 446 35.62 -0.72 -31.67
C MET B 446 35.56 -1.47 -30.34
N PHE B 447 34.72 -1.02 -29.40
CA PHE B 447 34.51 -1.68 -28.11
C PHE B 447 33.04 -2.06 -27.99
N THR B 448 32.73 -2.95 -27.05
CA THR B 448 31.36 -3.44 -26.93
C THR B 448 30.41 -2.31 -26.53
N ASP B 449 29.18 -2.35 -27.08
CA ASP B 449 28.22 -1.28 -26.73
C ASP B 449 27.89 -1.32 -25.25
N ASP B 450 27.95 -2.49 -24.62
CA ASP B 450 27.74 -2.62 -23.18
C ASP B 450 29.06 -2.98 -22.52
N GLY B 451 29.02 -3.13 -21.21
CA GLY B 451 30.23 -3.44 -20.48
C GLY B 451 30.99 -2.20 -20.09
N GLN B 452 32.09 -2.43 -19.37
CA GLN B 452 32.86 -1.33 -18.86
C GLN B 452 33.61 -0.64 -19.99
N TYR B 453 33.96 0.62 -19.75
CA TYR B 453 34.52 1.46 -20.77
C TYR B 453 35.88 0.92 -21.25
N MET B 454 35.97 0.65 -22.55
CA MET B 454 37.13 0.10 -23.23
C MET B 454 37.52 -1.30 -22.72
N ALA B 455 36.61 -2.05 -22.12
CA ALA B 455 37.03 -3.32 -21.54
C ALA B 455 37.04 -4.47 -22.54
N HIS B 456 36.20 -4.43 -23.58
CA HIS B 456 36.06 -5.56 -24.50
C HIS B 456 36.04 -5.07 -25.93
N LYS B 457 36.97 -5.59 -26.73
CA LYS B 457 37.05 -5.23 -28.13
C LYS B 457 35.97 -5.97 -28.91
N THR B 458 35.45 -5.32 -29.95
CA THR B 458 34.58 -6.01 -30.88
C THR B 458 35.43 -6.81 -31.86
N ILE B 459 34.77 -7.66 -32.64
CA ILE B 459 35.51 -8.41 -33.64
C ILE B 459 36.04 -7.49 -34.73
N ASN B 460 35.56 -6.26 -34.82
CA ASN B 460 36.08 -5.36 -35.86
C ASN B 460 37.14 -4.41 -35.34
N TYR B 461 37.48 -4.50 -34.05
CA TYR B 461 38.47 -3.58 -33.48
C TYR B 461 39.73 -3.58 -34.31
N GLU B 462 40.25 -4.76 -34.67
CA GLU B 462 41.53 -4.82 -35.36
C GLU B 462 41.46 -4.16 -36.73
N ALA B 463 40.41 -4.45 -37.51
CA ALA B 463 40.25 -3.84 -38.84
C ALA B 463 40.19 -2.31 -38.75
N ILE B 464 39.42 -1.78 -37.78
CA ILE B 464 39.27 -0.32 -37.67
C ILE B 464 40.55 0.31 -37.15
N GLU B 465 41.20 -0.30 -36.17
CA GLU B 465 42.46 0.25 -35.68
C GLU B 465 43.52 0.29 -36.78
N THR B 466 43.61 -0.80 -37.55
CA THR B 466 44.52 -0.85 -38.69
C THR B 466 44.21 0.24 -39.68
N LEU B 467 42.92 0.46 -39.97
CA LEU B 467 42.57 1.54 -40.90
C LEU B 467 42.97 2.90 -40.36
N LEU B 468 42.76 3.15 -39.06
CA LEU B 468 43.10 4.47 -38.51
C LEU B 468 44.59 4.75 -38.60
N LYS B 469 45.40 3.76 -38.25
CA LYS B 469 46.85 3.97 -38.37
C LYS B 469 47.27 4.18 -39.83
N ALA B 470 46.69 3.38 -40.74
CA ALA B 470 47.03 3.54 -42.15
C ALA B 470 46.54 4.89 -42.67
N ARG B 471 45.45 5.41 -42.13
CA ARG B 471 44.95 6.68 -42.62
C ARG B 471 45.96 7.77 -42.36
N ILE B 472 46.57 7.76 -41.16
CA ILE B 472 47.68 8.69 -40.90
C ILE B 472 48.78 8.52 -41.94
N LYS B 473 49.16 7.30 -42.25
CA LYS B 473 50.36 7.11 -43.09
C LYS B 473 50.14 7.22 -44.59
N TYR B 474 48.99 6.83 -45.10
CA TYR B 474 48.84 6.66 -46.54
C TYR B 474 47.77 7.53 -47.18
N VAL B 475 46.78 8.03 -46.44
CA VAL B 475 45.55 8.53 -47.05
C VAL B 475 45.63 10.03 -47.32
N SER B 476 45.79 10.39 -48.59
CA SER B 476 45.98 11.76 -49.04
C SER B 476 45.85 11.80 -50.57
N GLY B 477 45.62 12.97 -51.11
CA GLY B 477 45.45 13.14 -52.55
C GLY B 477 43.99 13.16 -53.01
N GLY B 478 43.82 13.34 -54.31
CA GLY B 478 42.50 13.21 -54.89
C GLY B 478 41.98 11.77 -54.77
N GLN B 479 40.68 11.62 -55.09
CA GLN B 479 39.96 10.36 -54.97
C GLN B 479 39.28 10.02 -56.28
N ALA B 480 39.25 8.73 -56.60
CA ALA B 480 38.44 8.20 -57.70
C ALA B 480 37.71 6.96 -57.24
N MET B 481 36.40 6.92 -57.49
CA MET B 481 35.59 5.76 -57.16
C MET B 481 35.02 5.22 -58.45
N ARG B 482 35.02 3.90 -58.59
CA ARG B 482 34.48 3.26 -59.79
C ARG B 482 33.53 2.16 -59.39
N ASN B 483 32.55 1.94 -60.26
CA ASN B 483 31.56 0.89 -60.10
C ASN B 483 31.67 -0.04 -61.29
N GLN B 484 31.90 -1.31 -61.04
CA GLN B 484 32.10 -2.24 -62.15
C GLN B 484 31.20 -3.46 -62.00
N GLN B 485 30.44 -3.78 -63.06
CA GLN B 485 29.71 -5.04 -63.12
C GLN B 485 30.68 -6.17 -63.47
N VAL B 486 30.74 -7.19 -62.62
CA VAL B 486 31.63 -8.34 -62.81
C VAL B 486 30.82 -9.56 -62.45
N GLY B 487 30.96 -10.60 -63.26
CA GLY B 487 30.32 -11.87 -63.02
C GLY B 487 28.84 -11.69 -62.78
N ASN B 488 28.38 -12.16 -61.63
CA ASN B 488 26.98 -12.14 -61.28
C ASN B 488 26.61 -10.92 -60.43
N SER B 489 27.53 -9.97 -60.24
CA SER B 489 27.28 -8.88 -59.29
C SER B 489 28.09 -7.63 -59.65
N GLU B 490 28.54 -6.90 -58.63
CA GLU B 490 29.31 -5.70 -58.91
C GLU B 490 30.36 -5.53 -57.82
N ILE B 491 31.32 -4.67 -58.12
CA ILE B 491 32.27 -4.23 -57.12
C ILE B 491 32.41 -2.72 -57.27
N ILE B 492 32.97 -2.11 -56.22
CA ILE B 492 33.43 -0.74 -56.28
C ILE B 492 34.90 -0.71 -55.90
N THR B 493 35.62 0.18 -56.55
CA THR B 493 36.97 0.54 -56.17
C THR B 493 36.97 1.99 -55.70
N SER B 494 37.84 2.29 -54.74
CA SER B 494 38.04 3.67 -54.33
C SER B 494 39.52 3.86 -54.08
N VAL B 495 40.08 4.95 -54.64
CA VAL B 495 41.52 5.18 -54.73
C VAL B 495 41.83 6.59 -54.23
N ARG B 496 42.87 6.69 -53.40
CA ARG B 496 43.51 7.98 -53.12
C ARG B 496 44.91 7.96 -53.76
N TYR B 497 45.23 9.02 -54.50
CA TYR B 497 46.43 9.05 -55.35
C TYR B 497 47.74 9.23 -54.59
N GLY B 498 47.72 9.61 -53.33
CA GLY B 498 48.93 9.93 -52.60
C GLY B 498 49.07 11.43 -52.36
N LYS B 499 49.86 11.77 -51.35
CA LYS B 499 50.01 13.17 -50.94
C LYS B 499 50.48 14.03 -52.10
N GLY B 500 49.80 15.15 -52.31
CA GLY B 500 50.23 16.06 -53.35
C GLY B 500 49.71 15.74 -54.75
N ALA B 501 49.00 14.62 -54.94
CA ALA B 501 48.45 14.23 -56.24
C ALA B 501 46.92 14.34 -56.18
N LEU B 502 46.40 15.49 -56.64
CA LEU B 502 44.95 15.70 -56.71
C LEU B 502 44.35 15.03 -57.93
N LYS B 503 45.10 14.88 -59.03
CA LYS B 503 44.58 14.22 -60.23
C LYS B 503 45.39 12.96 -60.58
N ALA B 504 44.75 12.09 -61.37
CA ALA B 504 45.36 10.83 -61.74
C ALA B 504 46.63 10.99 -62.56
N THR B 505 46.81 12.13 -63.23
CA THR B 505 48.00 12.44 -64.03
C THR B 505 49.13 13.12 -63.26
N ASP B 506 48.93 13.53 -62.01
CA ASP B 506 50.00 14.11 -61.21
C ASP B 506 51.09 13.06 -60.94
N THR B 507 52.34 13.34 -61.34
CA THR B 507 53.36 12.29 -61.21
C THR B 507 53.98 12.22 -59.83
N GLY B 508 53.74 13.21 -58.99
CA GLY B 508 54.09 13.16 -57.59
C GLY B 508 55.57 13.43 -57.33
N ASP B 509 55.91 13.50 -56.04
CA ASP B 509 57.27 13.41 -55.54
C ASP B 509 57.43 12.09 -54.77
N ARG B 510 58.50 11.98 -54.00
CA ARG B 510 58.81 10.73 -53.27
C ARG B 510 57.71 10.42 -52.26
N THR B 511 57.18 11.42 -51.58
CA THR B 511 56.12 11.14 -50.61
C THR B 511 54.84 10.67 -51.29
N THR B 512 54.53 11.20 -52.49
CA THR B 512 53.40 10.67 -53.26
C THR B 512 53.56 9.19 -53.55
N ARG B 513 54.75 8.80 -53.96
CA ARG B 513 54.97 7.45 -54.43
C ARG B 513 54.68 6.44 -53.32
N THR B 514 54.98 6.78 -52.06
CA THR B 514 54.79 5.84 -50.94
C THR B 514 53.53 6.14 -50.11
N SER B 515 52.60 6.93 -50.64
CA SER B 515 51.30 7.13 -50.02
C SER B 515 50.24 6.79 -51.07
N GLY B 516 48.97 6.99 -50.70
CA GLY B 516 47.86 6.53 -51.51
C GLY B 516 47.33 5.18 -51.04
N VAL B 517 46.14 4.80 -51.53
CA VAL B 517 45.51 3.57 -51.07
C VAL B 517 44.50 3.13 -52.11
N ALA B 518 44.26 1.81 -52.17
CA ALA B 518 43.17 1.26 -52.97
C ALA B 518 42.29 0.39 -52.10
N VAL B 519 40.97 0.59 -52.21
CA VAL B 519 39.94 -0.17 -51.49
C VAL B 519 39.08 -0.84 -52.55
N ILE B 520 38.80 -2.14 -52.39
CA ILE B 520 37.90 -2.90 -53.25
C ILE B 520 36.80 -3.54 -52.40
N GLU B 521 35.54 -3.36 -52.82
CA GLU B 521 34.41 -3.81 -52.02
C GLU B 521 33.33 -4.42 -52.88
N GLY B 522 32.71 -5.48 -52.36
CA GLY B 522 31.47 -5.99 -52.90
C GLY B 522 30.52 -6.22 -51.75
N ASN B 523 29.21 -6.10 -52.07
CA ASN B 523 28.19 -6.25 -51.04
C ASN B 523 27.32 -7.50 -51.22
N ASN B 524 27.82 -8.51 -51.91
CA ASN B 524 27.05 -9.72 -52.21
C ASN B 524 27.90 -10.97 -51.95
N PRO B 525 27.55 -11.81 -50.97
CA PRO B 525 28.35 -13.01 -50.70
C PRO B 525 28.42 -14.01 -51.85
N SER B 526 27.51 -13.96 -52.82
CA SER B 526 27.53 -14.90 -53.95
C SER B 526 28.45 -14.47 -55.08
N LEU B 527 29.06 -13.29 -55.00
CA LEU B 527 29.81 -12.74 -56.11
C LEU B 527 30.88 -13.71 -56.62
N ARG B 528 30.85 -14.01 -57.90
CA ARG B 528 31.89 -14.87 -58.52
C ARG B 528 32.25 -14.23 -59.85
N LEU B 529 33.51 -13.87 -60.05
CA LEU B 529 33.98 -13.30 -61.29
C LEU B 529 34.12 -14.40 -62.33
N LYS B 530 33.91 -14.04 -63.59
CA LYS B 530 34.24 -14.98 -64.66
C LYS B 530 35.75 -15.15 -64.73
N ALA B 531 36.16 -16.26 -65.33
CA ALA B 531 37.59 -16.48 -65.51
C ALA B 531 38.21 -15.36 -66.33
N SER B 532 37.43 -14.68 -67.15
CA SER B 532 37.98 -13.61 -67.98
C SER B 532 37.81 -12.23 -67.36
N ASP B 533 37.17 -12.10 -66.20
CA ASP B 533 37.00 -10.78 -65.59
C ASP B 533 38.30 -10.25 -64.98
N ARG B 534 38.53 -8.97 -65.18
CA ARG B 534 39.65 -8.26 -64.58
C ARG B 534 39.12 -6.96 -63.99
N VAL B 535 39.53 -6.64 -62.76
CA VAL B 535 39.25 -5.34 -62.15
C VAL B 535 40.54 -4.52 -62.25
N VAL B 536 40.49 -3.46 -63.06
CA VAL B 536 41.64 -2.61 -63.35
C VAL B 536 41.50 -1.33 -62.55
N VAL B 537 42.33 -1.15 -61.53
CA VAL B 537 42.28 -0.02 -60.61
C VAL B 537 43.41 0.95 -60.95
N ASN B 538 43.06 2.14 -61.43
CA ASN B 538 44.08 3.16 -61.67
C ASN B 538 44.56 3.74 -60.35
N MET B 539 45.86 3.64 -60.07
CA MET B 539 46.38 4.10 -58.79
C MET B 539 46.90 5.53 -58.86
N GLY B 540 47.15 6.04 -60.06
CA GLY B 540 47.72 7.35 -60.28
C GLY B 540 49.13 7.25 -60.83
N ALA B 541 49.54 8.31 -61.53
CA ALA B 541 50.77 8.38 -62.30
C ALA B 541 52.02 8.32 -61.44
N ALA B 542 51.91 8.50 -60.13
CA ALA B 542 53.05 8.32 -59.23
C ALA B 542 53.32 6.84 -58.87
N HIS B 543 52.49 5.91 -59.34
CA HIS B 543 52.53 4.53 -58.88
C HIS B 543 52.71 3.56 -60.03
N LYS B 544 53.52 3.92 -61.01
CA LYS B 544 53.89 2.99 -62.07
C LYS B 544 54.96 1.99 -61.61
N ASN B 545 54.79 0.72 -61.98
CA ASN B 545 55.80 -0.30 -61.73
C ASN B 545 56.20 -0.34 -60.27
N GLN B 546 55.21 -0.55 -59.40
CA GLN B 546 55.39 -0.36 -57.97
C GLN B 546 54.82 -1.55 -57.20
N ALA B 547 55.46 -1.88 -56.06
CA ALA B 547 54.97 -2.97 -55.22
C ALA B 547 53.87 -2.52 -54.27
N TYR B 548 52.82 -3.35 -54.16
CA TYR B 548 51.75 -3.11 -53.21
C TYR B 548 51.64 -4.32 -52.30
N ARG B 549 51.24 -4.05 -51.06
CA ARG B 549 51.04 -5.13 -50.13
C ARG B 549 49.67 -4.94 -49.48
N PRO B 550 49.04 -6.01 -49.01
CA PRO B 550 47.70 -5.86 -48.43
C PRO B 550 47.74 -5.19 -47.06
N LEU B 551 46.71 -4.40 -46.78
CA LEU B 551 46.36 -3.92 -45.45
C LEU B 551 45.26 -4.77 -44.82
N LEU B 552 44.21 -5.05 -45.59
CA LEU B 552 43.12 -5.88 -45.11
C LEU B 552 42.72 -6.83 -46.23
N LEU B 553 42.49 -8.09 -45.88
CA LEU B 553 41.97 -9.07 -46.82
C LEU B 553 40.86 -9.83 -46.12
N THR B 554 39.77 -10.04 -46.83
CA THR B 554 38.73 -10.94 -46.36
C THR B 554 39.20 -12.40 -46.40
N THR B 555 38.94 -13.12 -45.34
CA THR B 555 39.20 -14.55 -45.28
C THR B 555 37.89 -15.30 -45.09
N ASP B 556 38.00 -16.63 -45.03
CA ASP B 556 36.84 -17.46 -44.84
C ASP B 556 36.10 -17.09 -43.57
N ASN B 557 36.84 -16.83 -42.49
CA ASN B 557 36.18 -16.60 -41.20
C ASN B 557 36.17 -15.16 -40.76
N GLY B 558 36.85 -14.26 -41.47
CA GLY B 558 36.82 -12.90 -41.01
C GLY B 558 37.66 -12.00 -41.87
N ILE B 559 38.54 -11.22 -41.25
CA ILE B 559 39.37 -10.25 -41.95
C ILE B 559 40.79 -10.34 -41.41
N LYS B 560 41.74 -10.55 -42.29
CA LYS B 560 43.12 -10.55 -41.87
C LYS B 560 43.68 -9.14 -42.04
N ALA B 561 44.26 -8.61 -40.97
CA ALA B 561 44.91 -7.30 -40.96
C ALA B 561 46.43 -7.48 -41.00
N TYR B 562 47.11 -6.60 -41.72
CA TYR B 562 48.56 -6.63 -41.84
C TYR B 562 49.16 -5.35 -41.28
N HIS B 563 49.94 -5.47 -40.22
CA HIS B 563 50.39 -4.29 -39.50
C HIS B 563 51.74 -3.77 -39.99
N SER B 564 52.31 -4.37 -41.03
CA SER B 564 53.63 -4.00 -41.50
C SER B 564 53.82 -4.57 -42.90
N ASP B 565 54.83 -4.07 -43.60
CA ASP B 565 55.15 -4.67 -44.87
C ASP B 565 55.68 -6.08 -44.68
N GLN B 566 56.36 -6.35 -43.56
CA GLN B 566 56.93 -7.68 -43.42
C GLN B 566 55.88 -8.71 -43.06
N GLU B 567 54.86 -8.30 -42.31
CA GLU B 567 53.75 -9.19 -42.04
C GLU B 567 53.02 -9.57 -43.30
N ALA B 568 53.15 -8.78 -44.36
CA ALA B 568 52.48 -9.05 -45.61
C ALA B 568 53.42 -9.59 -46.65
N ALA B 569 54.61 -10.03 -46.23
CA ALA B 569 55.74 -10.27 -47.11
C ALA B 569 55.45 -11.19 -48.30
N GLY B 570 54.64 -12.25 -48.10
CA GLY B 570 54.37 -13.14 -49.23
C GLY B 570 53.25 -12.72 -50.18
N LEU B 571 52.62 -11.56 -49.98
CA LEU B 571 51.41 -11.21 -50.71
C LEU B 571 51.59 -9.98 -51.58
N VAL B 572 52.85 -9.58 -51.82
CA VAL B 572 53.10 -8.43 -52.64
C VAL B 572 52.57 -8.65 -54.04
N ARG B 573 52.02 -7.60 -54.62
CA ARG B 573 51.63 -7.56 -56.02
C ARG B 573 52.10 -6.22 -56.57
N TYR B 574 52.01 -6.04 -57.89
CA TYR B 574 52.64 -4.93 -58.60
C TYR B 574 51.66 -4.26 -59.54
N THR B 575 51.81 -2.95 -59.68
CA THR B 575 51.18 -2.18 -60.73
C THR B 575 51.94 -2.40 -62.02
N ASN B 576 51.26 -2.21 -63.14
CA ASN B 576 51.92 -2.28 -64.43
C ASN B 576 52.50 -0.92 -64.75
N ASP B 577 53.04 -0.78 -65.96
CA ASP B 577 53.67 0.46 -66.41
C ASP B 577 52.66 1.60 -66.55
N ARG B 578 51.37 1.33 -66.46
CA ARG B 578 50.36 2.38 -66.51
C ARG B 578 49.91 2.81 -65.13
N GLY B 579 50.48 2.24 -64.07
CA GLY B 579 50.08 2.57 -62.72
C GLY B 579 48.78 1.92 -62.28
N GLU B 580 48.43 0.76 -62.85
CA GLU B 580 47.20 0.04 -62.55
C GLU B 580 47.52 -1.19 -61.72
N LEU B 581 46.78 -1.38 -60.64
CA LEU B 581 46.67 -2.66 -59.99
C LEU B 581 45.57 -3.43 -60.72
N ILE B 582 45.75 -4.73 -60.89
CA ILE B 582 44.77 -5.55 -61.61
C ILE B 582 44.49 -6.79 -60.77
N PHE B 583 43.20 -7.09 -60.60
CA PHE B 583 42.73 -8.22 -59.81
C PHE B 583 41.85 -9.15 -60.64
N THR B 584 41.89 -10.44 -60.31
CA THR B 584 41.05 -11.39 -61.02
C THR B 584 40.23 -12.22 -60.03
N ALA B 585 39.58 -13.28 -60.53
CA ALA B 585 38.84 -14.17 -59.66
C ALA B 585 39.71 -14.76 -58.57
N ALA B 586 41.00 -14.93 -58.83
CA ALA B 586 41.86 -15.48 -57.79
C ALA B 586 41.98 -14.56 -56.59
N ASP B 587 41.68 -13.27 -56.76
CA ASP B 587 41.75 -12.29 -55.68
C ASP B 587 40.39 -11.99 -55.07
N ILE B 588 39.34 -11.91 -55.89
CA ILE B 588 38.06 -11.35 -55.47
C ILE B 588 37.00 -12.42 -55.55
N LYS B 589 36.30 -12.62 -54.45
CA LYS B 589 35.08 -13.41 -54.48
C LYS B 589 34.23 -13.01 -53.29
N GLY B 590 32.97 -13.45 -53.32
CA GLY B 590 32.08 -13.19 -52.20
C GLY B 590 32.38 -14.11 -51.01
N TYR B 591 32.26 -13.55 -49.81
CA TYR B 591 32.42 -14.28 -48.58
C TYR B 591 31.18 -14.04 -47.72
N ALA B 592 31.00 -14.89 -46.70
CA ALA B 592 29.93 -14.69 -45.72
C ALA B 592 30.45 -15.13 -44.35
N ASN B 593 30.84 -14.19 -43.52
CA ASN B 593 31.32 -14.55 -42.19
C ASN B 593 30.84 -13.45 -41.25
N PRO B 594 31.08 -13.51 -39.93
CA PRO B 594 30.49 -12.49 -39.04
C PRO B 594 30.90 -11.07 -39.36
N GLN B 595 31.95 -10.86 -40.14
CA GLN B 595 32.45 -9.53 -40.40
C GLN B 595 32.17 -9.04 -41.80
N VAL B 596 32.09 -9.93 -42.78
CA VAL B 596 31.97 -9.58 -44.18
C VAL B 596 30.84 -10.37 -44.81
N SER B 597 29.95 -9.66 -45.48
CA SER B 597 28.91 -10.20 -46.34
C SER B 597 29.17 -9.60 -47.71
N GLY B 598 30.07 -10.22 -48.46
CA GLY B 598 30.50 -9.64 -49.71
C GLY B 598 32.00 -9.77 -49.81
N TYR B 599 32.70 -8.67 -50.01
CA TYR B 599 34.14 -8.74 -50.18
C TYR B 599 34.74 -7.42 -49.75
N LEU B 600 35.88 -7.49 -49.05
CA LEU B 600 36.71 -6.31 -48.79
C LEU B 600 38.19 -6.65 -48.94
N GLY B 601 38.89 -5.81 -49.69
CA GLY B 601 40.34 -5.87 -49.79
C GLY B 601 40.91 -4.47 -49.84
N VAL B 602 41.96 -4.20 -49.05
CA VAL B 602 42.60 -2.88 -48.95
C VAL B 602 44.09 -3.05 -49.18
N TRP B 603 44.65 -2.25 -50.10
CA TRP B 603 46.03 -2.33 -50.53
C TRP B 603 46.78 -0.98 -50.41
N VAL B 604 48.03 -1.03 -49.93
CA VAL B 604 48.85 0.16 -49.70
C VAL B 604 50.20 -0.05 -50.38
N PRO B 605 50.90 1.01 -50.77
CA PRO B 605 52.19 0.83 -51.44
C PRO B 605 53.25 0.36 -50.44
N VAL B 606 54.19 -0.46 -50.94
CA VAL B 606 55.26 -1.00 -50.10
C VAL B 606 56.30 0.08 -49.89
N GLY B 607 56.85 0.15 -48.68
CA GLY B 607 58.04 0.92 -48.43
C GLY B 607 57.89 2.26 -47.76
N ALA B 608 56.77 2.50 -47.06
CA ALA B 608 56.66 3.74 -46.31
C ALA B 608 57.45 3.62 -45.01
N ALA B 609 58.15 4.70 -44.66
CA ALA B 609 58.84 4.80 -43.38
C ALA B 609 57.89 4.54 -42.22
N ALA B 610 58.41 3.96 -41.15
CA ALA B 610 57.56 3.62 -40.03
C ALA B 610 56.82 4.84 -39.48
N ASP B 611 57.41 6.03 -39.62
CA ASP B 611 56.77 7.22 -39.09
C ASP B 611 56.21 8.13 -40.18
N GLN B 612 56.01 7.63 -41.40
CA GLN B 612 55.46 8.47 -42.45
C GLN B 612 54.06 8.96 -42.07
N ASP B 613 53.84 10.26 -42.20
CA ASP B 613 52.58 10.90 -41.82
C ASP B 613 52.24 11.88 -42.94
N VAL B 614 51.20 11.58 -43.72
CA VAL B 614 50.90 12.44 -44.89
C VAL B 614 49.87 13.50 -44.54
N ARG B 615 49.55 13.64 -43.25
CA ARG B 615 48.59 14.66 -42.86
C ARG B 615 49.18 16.05 -43.10
N VAL B 616 48.31 17.04 -42.96
CA VAL B 616 48.62 18.42 -43.32
C VAL B 616 48.04 19.34 -42.25
N ALA B 617 48.83 20.29 -41.80
CA ALA B 617 48.44 21.22 -40.76
C ALA B 617 47.63 22.38 -41.32
N ALA B 618 46.75 22.92 -40.49
CA ALA B 618 45.88 24.01 -40.93
C ALA B 618 46.66 25.29 -41.18
N SER B 619 46.26 26.03 -42.21
CA SER B 619 46.94 27.25 -42.59
C SER B 619 46.60 28.40 -41.65
N THR B 620 47.57 29.29 -41.45
CA THR B 620 47.32 30.54 -40.72
C THR B 620 46.99 31.70 -41.64
N ALA B 621 47.07 31.54 -42.96
CA ALA B 621 46.71 32.62 -43.87
C ALA B 621 45.24 33.06 -43.69
N PRO B 622 44.92 34.31 -43.99
CA PRO B 622 43.55 34.78 -43.78
C PRO B 622 42.58 34.07 -44.70
N SER B 623 41.40 33.76 -44.15
CA SER B 623 40.30 33.26 -44.96
C SER B 623 39.67 34.38 -45.76
N THR B 624 39.24 34.08 -46.99
CA THR B 624 38.79 35.13 -47.89
C THR B 624 37.47 34.80 -48.59
N ASP B 625 36.81 33.70 -48.24
CA ASP B 625 35.62 33.33 -49.00
C ASP B 625 34.32 33.46 -48.22
N GLY B 626 34.37 33.94 -46.98
CA GLY B 626 33.19 34.07 -46.17
C GLY B 626 32.71 32.84 -45.43
N LYS B 627 33.46 31.74 -45.47
CA LYS B 627 33.17 30.57 -44.66
C LYS B 627 34.25 30.42 -43.59
N SER B 628 33.89 29.83 -42.44
CA SER B 628 34.94 29.61 -41.43
C SER B 628 35.63 28.26 -41.60
N VAL B 629 34.88 27.16 -41.69
CA VAL B 629 35.43 25.83 -41.90
C VAL B 629 35.56 25.55 -43.39
N HIS B 630 36.72 25.06 -43.80
CA HIS B 630 37.03 24.71 -45.18
C HIS B 630 37.37 23.24 -45.30
N GLN B 631 36.64 22.52 -46.16
CA GLN B 631 36.92 21.10 -46.33
C GLN B 631 38.12 20.93 -47.27
N ASN B 632 39.32 21.16 -46.74
CA ASN B 632 40.57 21.00 -47.49
C ASN B 632 41.41 19.86 -46.91
N ALA B 633 42.66 19.75 -47.38
CA ALA B 633 43.51 18.67 -46.94
C ALA B 633 43.74 18.71 -45.43
N ALA B 634 43.80 19.92 -44.86
CA ALA B 634 44.01 20.01 -43.41
C ALA B 634 42.79 19.51 -42.65
N LEU B 635 41.58 19.86 -43.10
CA LEU B 635 40.40 19.33 -42.43
C LEU B 635 40.26 17.82 -42.68
N ASP B 636 40.56 17.36 -43.89
CA ASP B 636 40.53 15.92 -44.14
C ASP B 636 41.50 15.14 -43.23
N SER B 637 42.57 15.78 -42.74
CA SER B 637 43.50 15.12 -41.82
C SER B 637 42.90 14.90 -40.43
N ARG B 638 41.74 15.45 -40.15
CA ARG B 638 41.16 15.31 -38.83
C ARG B 638 40.37 14.02 -38.72
N VAL B 639 40.28 13.49 -37.50
CA VAL B 639 39.44 12.33 -37.24
C VAL B 639 38.71 12.57 -35.93
N MET B 640 37.41 12.36 -35.95
CA MET B 640 36.57 12.56 -34.80
C MET B 640 36.25 11.22 -34.14
N PHE B 641 36.21 11.21 -32.82
CA PHE B 641 35.94 9.99 -32.06
C PHE B 641 34.77 10.25 -31.13
N GLU B 642 33.65 9.55 -31.37
CA GLU B 642 32.51 9.64 -30.47
C GLU B 642 32.82 8.70 -29.30
N GLY B 643 33.26 9.27 -28.17
CA GLY B 643 33.93 8.46 -27.17
C GLY B 643 33.07 7.86 -26.06
N PHE B 644 31.87 7.41 -26.38
CA PHE B 644 31.01 6.77 -25.38
C PHE B 644 29.94 5.92 -26.10
N SER B 645 29.25 5.12 -25.29
CA SER B 645 28.09 4.34 -25.71
C SER B 645 27.00 4.57 -24.67
N ASN B 646 25.75 4.72 -25.14
CA ASN B 646 24.61 4.86 -24.24
C ASN B 646 24.58 3.76 -23.20
N PHE B 647 24.93 2.53 -23.61
CA PHE B 647 24.68 1.31 -22.86
C PHE B 647 25.92 0.82 -22.14
N GLN B 648 26.90 1.70 -21.94
CA GLN B 648 28.05 1.40 -21.12
C GLN B 648 27.62 0.95 -19.74
N ALA B 649 28.35 -0.01 -19.18
CA ALA B 649 28.10 -0.40 -17.79
C ALA B 649 28.43 0.75 -16.84
N PHE B 650 27.78 0.73 -15.67
CA PHE B 650 28.15 1.65 -14.60
C PHE B 650 29.42 1.17 -13.91
N ALA B 651 30.31 2.12 -13.67
CA ALA B 651 31.59 1.78 -13.06
C ALA B 651 31.38 1.20 -11.67
N THR B 652 32.10 0.13 -11.36
CA THR B 652 32.05 -0.41 -10.02
C THR B 652 33.19 0.08 -9.13
N LYS B 653 34.26 0.61 -9.72
CA LYS B 653 35.37 1.18 -8.98
C LYS B 653 35.91 2.37 -9.77
N LYS B 654 36.71 3.20 -9.10
CA LYS B 654 37.14 4.46 -9.72
C LYS B 654 37.98 4.21 -10.95
N GLU B 655 38.73 3.11 -10.96
CA GLU B 655 39.60 2.77 -12.08
C GLU B 655 38.79 2.44 -13.33
N GLU B 656 37.48 2.26 -13.21
CA GLU B 656 36.63 1.98 -14.34
C GLU B 656 35.90 3.20 -14.87
N TYR B 657 35.96 4.32 -14.16
CA TYR B 657 35.32 5.53 -14.67
C TYR B 657 35.83 5.87 -16.06
N THR B 658 34.89 6.23 -16.95
CA THR B 658 35.24 6.53 -18.34
C THR B 658 36.32 7.60 -18.39
N ASN B 659 36.17 8.67 -17.62
CA ASN B 659 37.13 9.76 -17.72
C ASN B 659 38.50 9.37 -17.17
N VAL B 660 38.55 8.50 -16.16
CA VAL B 660 39.82 7.96 -15.68
C VAL B 660 40.48 7.13 -16.78
N VAL B 661 39.69 6.25 -17.39
CA VAL B 661 40.22 5.39 -18.43
C VAL B 661 40.71 6.23 -19.61
N ILE B 662 39.97 7.30 -19.92
CA ILE B 662 40.36 8.16 -21.03
C ILE B 662 41.70 8.81 -20.75
N ALA B 663 41.86 9.38 -19.56
CA ALA B 663 43.15 9.96 -19.23
C ALA B 663 44.27 8.92 -19.34
N LYS B 664 44.00 7.66 -19.02
CA LYS B 664 45.08 6.69 -19.07
C LYS B 664 45.37 6.17 -20.47
N ASN B 665 44.46 6.33 -21.45
CA ASN B 665 44.67 5.73 -22.76
C ASN B 665 44.81 6.78 -23.86
N VAL B 666 45.26 7.96 -23.48
CA VAL B 666 45.33 9.07 -24.43
C VAL B 666 46.37 8.82 -25.55
N ASP B 667 47.42 8.01 -25.27
CA ASP B 667 48.39 7.67 -26.31
C ASP B 667 47.76 6.83 -27.40
N LYS B 668 46.84 5.95 -27.01
CA LYS B 668 46.11 5.15 -27.99
C LYS B 668 45.30 6.04 -28.93
N PHE B 669 44.65 7.08 -28.40
CA PHE B 669 43.86 7.97 -29.23
C PHE B 669 44.73 8.78 -30.16
N ALA B 670 45.90 9.22 -29.69
CA ALA B 670 46.82 9.90 -30.59
C ALA B 670 47.30 8.96 -31.70
N GLU B 671 47.52 7.69 -31.37
CA GLU B 671 48.00 6.75 -32.39
C GLU B 671 46.94 6.44 -33.42
N TRP B 672 45.68 6.56 -33.06
CA TRP B 672 44.66 6.40 -34.07
C TRP B 672 44.47 7.64 -34.93
N GLY B 673 45.16 8.74 -34.61
CA GLY B 673 44.92 9.98 -35.30
C GLY B 673 43.67 10.73 -34.88
N VAL B 674 43.10 10.46 -33.69
CA VAL B 674 41.96 11.27 -33.23
C VAL B 674 42.41 12.70 -33.01
N THR B 675 41.78 13.62 -33.73
CA THR B 675 42.04 15.03 -33.49
C THR B 675 40.93 15.69 -32.70
N ASP B 676 39.74 15.10 -32.68
CA ASP B 676 38.59 15.69 -31.99
C ASP B 676 37.86 14.61 -31.21
N PHE B 677 37.98 14.65 -29.89
CA PHE B 677 37.34 13.71 -29.00
C PHE B 677 36.01 14.27 -28.55
N GLU B 678 34.92 13.67 -29.02
CA GLU B 678 33.58 14.09 -28.63
C GLU B 678 33.23 13.34 -27.35
N MET B 679 33.24 14.04 -26.23
CA MET B 679 32.82 13.40 -24.99
C MET B 679 31.30 13.36 -24.92
N ALA B 680 30.82 12.45 -24.07
CA ALA B 680 29.42 12.39 -23.74
C ALA B 680 29.06 13.69 -23.04
N PRO B 681 27.79 14.07 -23.04
CA PRO B 681 27.35 15.15 -22.17
C PRO B 681 27.75 14.86 -20.72
N GLN B 682 28.40 15.83 -20.08
CA GLN B 682 28.98 15.65 -18.76
C GLN B 682 28.05 16.09 -17.61
N TYR B 683 26.79 16.39 -17.88
CA TYR B 683 25.87 16.83 -16.84
C TYR B 683 25.41 15.64 -15.99
N VAL B 684 25.31 15.86 -14.66
CA VAL B 684 24.86 14.80 -13.78
C VAL B 684 23.44 14.40 -14.19
N SER B 685 23.24 13.10 -14.39
CA SER B 685 22.02 12.61 -15.00
C SER B 685 20.91 12.56 -13.97
N SER B 686 19.70 12.79 -14.44
CA SER B 686 18.53 12.54 -13.61
C SER B 686 18.26 11.03 -13.58
N THR B 687 17.37 10.60 -12.70
CA THR B 687 17.13 9.17 -12.52
C THR B 687 15.66 8.79 -12.64
N ASP B 688 14.84 9.64 -13.25
CA ASP B 688 13.40 9.37 -13.29
C ASP B 688 13.05 8.12 -14.08
N GLY B 689 13.85 7.73 -15.07
CA GLY B 689 13.53 6.58 -15.92
C GLY B 689 12.45 6.78 -16.99
N SER B 690 12.03 8.01 -17.30
CA SER B 690 10.99 8.23 -18.31
C SER B 690 11.50 8.11 -19.75
N PHE B 691 12.80 8.01 -19.95
CA PHE B 691 13.34 7.85 -21.28
C PHE B 691 14.64 7.08 -21.16
N LEU B 692 15.06 6.51 -22.29
CA LEU B 692 16.32 5.77 -22.32
C LEU B 692 17.43 6.52 -21.62
N ASP B 693 17.49 7.85 -21.84
CA ASP B 693 18.62 8.64 -21.36
C ASP B 693 18.71 8.69 -19.85
N SER B 694 17.57 8.71 -19.14
CA SER B 694 17.58 8.73 -17.69
C SER B 694 17.54 7.35 -17.07
N VAL B 695 17.47 6.29 -17.88
CA VAL B 695 17.68 4.94 -17.39
C VAL B 695 19.16 4.58 -17.41
N ILE B 696 19.86 4.82 -18.53
CA ILE B 696 21.30 4.52 -18.58
C ILE B 696 22.17 5.72 -18.25
N GLN B 697 21.58 6.89 -18.01
CA GLN B 697 22.29 8.03 -17.44
C GLN B 697 23.47 8.49 -18.30
N ASN B 698 23.22 8.65 -19.61
CA ASN B 698 24.29 9.03 -20.53
C ASN B 698 24.69 10.50 -20.38
N GLY B 699 23.82 11.35 -19.86
CA GLY B 699 24.14 12.77 -19.71
C GLY B 699 23.23 13.70 -20.47
N TYR B 700 22.34 13.19 -21.33
CA TYR B 700 21.39 14.03 -22.04
C TYR B 700 20.13 14.37 -21.22
N ALA B 701 19.87 13.68 -20.11
CA ALA B 701 18.73 13.96 -19.22
C ALA B 701 19.27 14.54 -17.92
N PHE B 702 19.05 15.83 -17.68
CA PHE B 702 19.66 16.47 -16.51
C PHE B 702 18.76 17.54 -15.92
N THR B 703 19.04 17.88 -14.67
CA THR B 703 18.28 18.92 -13.97
C THR B 703 19.08 20.19 -13.76
N ASP B 704 20.40 20.13 -13.90
CA ASP B 704 21.29 21.24 -13.58
C ASP B 704 22.34 21.33 -14.69
N ARG B 705 22.21 22.35 -15.55
CA ARG B 705 23.09 22.49 -16.72
C ARG B 705 24.55 22.69 -16.38
N TYR B 706 24.87 23.15 -15.17
CA TYR B 706 26.24 23.47 -14.83
C TYR B 706 26.90 22.43 -13.93
N ASP B 707 26.19 21.35 -13.61
CA ASP B 707 26.66 20.31 -12.69
C ASP B 707 27.36 19.19 -13.46
N LEU B 708 28.61 19.45 -13.83
CA LEU B 708 29.43 18.52 -14.61
C LEU B 708 30.20 17.61 -13.66
N GLY B 709 29.46 16.73 -13.00
CA GLY B 709 30.04 15.88 -11.98
C GLY B 709 30.45 16.63 -10.72
N ILE B 710 29.76 17.72 -10.38
CA ILE B 710 30.20 18.58 -9.29
C ILE B 710 29.51 18.22 -7.98
N SER B 711 28.19 18.15 -7.97
CA SER B 711 27.46 17.81 -6.75
C SER B 711 27.61 16.34 -6.39
N LYS B 712 28.00 15.51 -7.35
CA LYS B 712 28.09 14.06 -7.27
C LYS B 712 28.73 13.61 -8.58
N PRO B 713 29.35 12.42 -8.63
CA PRO B 713 29.95 11.99 -9.90
C PRO B 713 28.89 11.86 -10.99
N ASN B 714 29.29 12.14 -12.22
CA ASN B 714 28.47 11.68 -13.31
C ASN B 714 28.87 10.25 -13.64
N LYS B 715 28.20 9.64 -14.63
CA LYS B 715 28.46 8.25 -14.99
C LYS B 715 29.92 8.00 -15.31
N TYR B 716 30.65 9.05 -15.66
CA TYR B 716 31.98 8.91 -16.22
C TYR B 716 33.08 9.31 -15.25
N GLY B 717 32.72 9.75 -14.04
CA GLY B 717 33.66 10.15 -13.01
C GLY B 717 33.27 11.46 -12.36
N THR B 718 34.20 12.02 -11.61
CA THR B 718 33.98 13.27 -10.91
C THR B 718 34.35 14.44 -11.79
N ALA B 719 33.99 15.64 -11.33
CA ALA B 719 34.41 16.83 -12.05
C ALA B 719 35.93 16.86 -12.18
N ASP B 720 36.65 16.44 -11.14
CA ASP B 720 38.10 16.43 -11.22
C ASP B 720 38.59 15.37 -12.20
N ASP B 721 37.87 14.26 -12.31
CA ASP B 721 38.17 13.29 -13.36
C ASP B 721 38.01 13.91 -14.74
N LEU B 722 36.96 14.70 -14.93
CA LEU B 722 36.76 15.37 -16.20
C LEU B 722 37.91 16.31 -16.51
N VAL B 723 38.28 17.12 -15.52
CA VAL B 723 39.42 18.03 -15.70
C VAL B 723 40.66 17.26 -16.13
N LYS B 724 40.93 16.12 -15.48
CA LYS B 724 42.15 15.38 -15.80
C LYS B 724 42.08 14.76 -17.19
N ALA B 725 40.90 14.29 -17.59
CA ALA B 725 40.73 13.72 -18.94
C ALA B 725 40.95 14.77 -20.02
N ILE B 726 40.39 15.96 -19.82
CA ILE B 726 40.60 17.01 -20.81
C ILE B 726 42.08 17.36 -20.87
N LYS B 727 42.73 17.48 -19.71
CA LYS B 727 44.15 17.83 -19.72
C LYS B 727 44.98 16.74 -20.40
N ALA B 728 44.64 15.47 -20.16
CA ALA B 728 45.38 14.40 -20.81
C ALA B 728 45.21 14.48 -22.32
N LEU B 729 43.98 14.73 -22.78
CA LEU B 729 43.74 14.85 -24.22
C LEU B 729 44.49 16.04 -24.79
N HIS B 730 44.39 17.22 -24.15
CA HIS B 730 45.15 18.37 -24.64
C HIS B 730 46.65 18.11 -24.66
N SER B 731 47.15 17.30 -23.74
CA SER B 731 48.57 17.00 -23.71
C SER B 731 49.05 16.30 -24.98
N LYS B 732 48.14 15.81 -25.82
CA LYS B 732 48.48 15.20 -27.11
C LYS B 732 48.00 16.04 -28.27
N GLY B 733 47.58 17.28 -28.01
CA GLY B 733 47.07 18.06 -29.10
C GLY B 733 45.69 17.66 -29.57
N ILE B 734 45.01 16.77 -28.84
CA ILE B 734 43.66 16.37 -29.20
C ILE B 734 42.66 17.38 -28.64
N LYS B 735 41.77 17.85 -29.50
CA LYS B 735 40.73 18.79 -29.07
C LYS B 735 39.57 18.01 -28.48
N VAL B 736 38.83 18.66 -27.56
CA VAL B 736 37.75 18.04 -26.78
C VAL B 736 36.46 18.84 -26.96
N MET B 737 35.38 18.11 -27.22
CA MET B 737 34.10 18.68 -27.62
C MET B 737 33.05 18.50 -26.52
N ALA B 738 32.42 19.62 -26.11
CA ALA B 738 31.32 19.64 -25.17
C ALA B 738 29.96 19.47 -25.84
N ASP B 739 29.08 18.70 -25.20
CA ASP B 739 27.76 18.45 -25.75
C ASP B 739 26.83 19.52 -25.22
N TRP B 740 26.43 20.46 -26.10
CA TRP B 740 25.55 21.57 -25.74
C TRP B 740 24.10 21.16 -25.96
N VAL B 741 23.34 20.99 -24.88
CA VAL B 741 22.02 20.38 -24.97
C VAL B 741 20.94 21.39 -24.56
N PRO B 742 20.55 22.33 -25.41
CA PRO B 742 19.56 23.33 -25.02
C PRO B 742 18.09 22.96 -25.14
N ASP B 743 17.75 21.75 -25.57
CA ASP B 743 16.35 21.47 -25.90
C ASP B 743 15.47 21.29 -24.66
N GLN B 744 15.92 20.49 -23.68
CA GLN B 744 15.06 20.04 -22.59
C GLN B 744 15.83 19.88 -21.28
N MET B 745 15.06 19.76 -20.19
CA MET B 745 15.54 19.41 -18.86
C MET B 745 14.57 18.43 -18.19
N TYR B 746 15.09 17.64 -17.26
CA TYR B 746 14.34 16.58 -16.61
C TYR B 746 14.21 16.82 -15.11
N ALA B 747 13.12 16.29 -14.54
CA ALA B 747 13.07 15.98 -13.12
C ALA B 747 13.35 17.20 -12.26
N PHE B 748 12.64 18.29 -12.51
CA PHE B 748 12.82 19.45 -11.65
C PHE B 748 12.29 19.12 -10.26
N PRO B 749 12.96 19.57 -9.20
CA PRO B 749 12.56 19.17 -7.84
C PRO B 749 11.31 19.86 -7.30
N GLU B 750 10.91 21.03 -7.81
CA GLU B 750 9.79 21.77 -7.24
C GLU B 750 8.61 21.85 -8.19
N LYS B 751 7.41 21.55 -7.68
CA LYS B 751 6.19 21.58 -8.47
C LYS B 751 5.72 23.01 -8.71
N GLU B 752 4.93 23.16 -9.76
CA GLU B 752 4.39 24.46 -10.12
C GLU B 752 3.06 24.23 -10.83
N VAL B 753 2.12 25.15 -10.66
CA VAL B 753 0.82 25.03 -11.30
C VAL B 753 0.80 25.97 -12.49
N VAL B 754 0.46 25.44 -13.66
CA VAL B 754 0.50 26.17 -14.92
C VAL B 754 -0.85 26.05 -15.61
N THR B 755 -1.14 26.98 -16.51
CA THR B 755 -2.27 26.83 -17.39
C THR B 755 -1.80 26.21 -18.70
N ALA B 756 -2.34 25.05 -19.03
CA ALA B 756 -1.75 24.25 -20.09
C ALA B 756 -2.84 23.68 -20.99
N THR B 757 -2.40 23.30 -22.18
CA THR B 757 -3.25 22.75 -23.22
C THR B 757 -2.60 21.52 -23.82
N ARG B 758 -3.32 20.41 -23.84
CA ARG B 758 -2.81 19.22 -24.50
C ARG B 758 -2.58 19.48 -25.98
N VAL B 759 -1.38 19.12 -26.47
CA VAL B 759 -0.95 19.41 -27.84
C VAL B 759 -0.22 18.20 -28.42
N ASP B 760 -0.04 18.21 -29.73
CA ASP B 760 0.84 17.24 -30.36
C ASP B 760 2.28 17.74 -30.33
N LYS B 761 3.19 16.98 -30.94
CA LYS B 761 4.58 17.40 -30.78
C LYS B 761 4.90 18.69 -31.54
N PHE B 762 3.97 19.20 -32.37
CA PHE B 762 4.14 20.46 -33.07
C PHE B 762 3.49 21.63 -32.34
N GLY B 763 2.87 21.39 -31.18
CA GLY B 763 2.13 22.40 -30.47
C GLY B 763 0.70 22.59 -30.92
N LYS B 764 0.19 21.71 -31.76
CA LYS B 764 -1.21 21.86 -32.20
C LYS B 764 -2.14 21.23 -31.15
N PRO B 765 -3.13 21.97 -30.64
CA PRO B 765 -4.02 21.48 -29.63
C PRO B 765 -4.85 20.26 -30.05
N VAL B 766 -4.98 19.30 -29.15
CA VAL B 766 -5.76 18.11 -29.43
C VAL B 766 -7.24 18.40 -29.19
N GLU B 767 -8.05 18.26 -30.22
CA GLU B 767 -9.43 18.56 -29.95
C GLU B 767 -10.10 17.35 -29.29
N GLY B 768 -11.16 17.63 -28.53
CA GLY B 768 -11.71 16.58 -27.68
C GLY B 768 -10.86 16.24 -26.47
N SER B 769 -10.11 17.20 -25.95
CA SER B 769 -9.22 16.96 -24.82
C SER B 769 -9.66 17.80 -23.64
N GLN B 770 -9.69 17.19 -22.45
CA GLN B 770 -10.10 17.95 -21.29
C GLN B 770 -9.02 18.90 -20.77
N ILE B 771 -7.80 18.80 -21.27
CA ILE B 771 -6.73 19.73 -20.89
C ILE B 771 -6.74 20.84 -21.93
N LYS B 772 -7.45 21.92 -21.66
CA LYS B 772 -7.59 23.04 -22.62
C LYS B 772 -7.63 24.33 -21.82
N SER B 773 -6.53 25.08 -21.78
CA SER B 773 -6.39 26.23 -20.88
C SER B 773 -6.90 25.86 -19.49
N VAL B 774 -6.17 24.93 -18.87
CA VAL B 774 -6.60 24.18 -17.70
C VAL B 774 -5.44 24.16 -16.71
N LEU B 775 -5.74 24.21 -15.42
CA LEU B 775 -4.66 24.13 -14.44
C LEU B 775 -4.07 22.73 -14.45
N TYR B 776 -2.73 22.65 -14.45
CA TYR B 776 -2.00 21.40 -14.51
C TYR B 776 -0.78 21.55 -13.61
N VAL B 777 -0.42 20.49 -12.85
CA VAL B 777 0.69 20.56 -11.91
C VAL B 777 1.91 19.93 -12.59
N ALA B 778 2.97 20.72 -12.71
CA ALA B 778 4.18 20.34 -13.41
C ALA B 778 5.30 20.32 -12.40
N ASP B 779 6.38 19.59 -12.71
CA ASP B 779 7.62 19.70 -11.95
C ASP B 779 8.51 20.64 -12.76
N SER B 780 8.40 21.96 -12.55
CA SER B 780 9.27 22.78 -13.40
C SER B 780 9.89 23.94 -12.65
N LYS B 781 10.30 23.72 -11.40
CA LYS B 781 11.14 24.73 -10.78
C LYS B 781 12.36 24.04 -10.21
N SER B 782 13.54 24.62 -10.49
CA SER B 782 14.77 24.12 -9.92
C SER B 782 14.92 24.61 -8.48
N SER B 783 15.96 24.13 -7.81
CA SER B 783 16.08 24.34 -6.37
C SER B 783 16.43 25.78 -6.01
N GLY B 784 17.05 26.54 -6.92
CA GLY B 784 17.62 27.80 -6.55
C GLY B 784 18.86 27.68 -5.70
N LYS B 785 19.32 26.46 -5.40
CA LYS B 785 20.53 26.29 -4.59
C LYS B 785 21.51 25.36 -5.27
N ASP B 786 21.50 25.33 -6.59
CA ASP B 786 22.33 24.42 -7.37
C ASP B 786 23.36 25.22 -8.18
N GLN B 787 24.04 24.53 -9.10
CA GLN B 787 25.07 25.20 -9.90
C GLN B 787 24.46 26.22 -10.83
N GLN B 788 23.26 25.95 -11.33
CA GLN B 788 22.54 26.95 -12.10
C GLN B 788 22.41 28.23 -11.31
N ALA B 789 22.12 28.10 -10.01
CA ALA B 789 21.99 29.27 -9.16
C ALA B 789 23.34 29.96 -8.94
N LYS B 790 24.44 29.22 -9.06
CA LYS B 790 25.74 29.87 -8.91
C LYS B 790 26.16 30.59 -10.20
N TYR B 791 26.07 29.91 -11.33
CA TYR B 791 26.66 30.34 -12.59
C TYR B 791 25.69 31.01 -13.56
N GLY B 792 24.38 30.89 -13.33
CA GLY B 792 23.40 31.48 -14.23
C GLY B 792 23.56 32.95 -14.53
N GLY B 793 23.79 33.33 -15.79
CA GLY B 793 23.96 34.73 -16.18
C GLY B 793 25.20 35.37 -15.58
N ALA B 794 26.06 34.55 -14.96
CA ALA B 794 27.23 35.06 -14.27
C ALA B 794 28.28 35.64 -15.22
N PHE B 795 28.20 35.35 -16.52
CA PHE B 795 29.22 35.84 -17.44
C PHE B 795 28.64 36.81 -18.43
N LEU B 796 27.37 37.16 -18.28
CA LEU B 796 26.74 38.01 -19.28
C LEU B 796 27.35 39.40 -19.34
N GLU B 797 27.79 39.95 -18.21
CA GLU B 797 28.41 41.27 -18.24
C GLU B 797 29.76 41.25 -18.92
N GLU B 798 30.59 40.26 -18.59
CA GLU B 798 31.88 40.14 -19.24
C GLU B 798 31.72 40.00 -20.77
N LEU B 799 30.74 39.18 -21.21
CA LEU B 799 30.48 38.95 -22.62
C LEU B 799 29.94 40.20 -23.31
N GLN B 800 29.04 40.93 -22.66
CA GLN B 800 28.60 42.19 -23.23
C GLN B 800 29.77 43.16 -23.40
N ALA B 801 30.68 43.17 -22.43
CA ALA B 801 31.83 44.07 -22.53
C ALA B 801 32.75 43.65 -23.66
N LYS B 802 33.17 42.37 -23.67
CA LYS B 802 34.15 41.91 -24.66
C LYS B 802 33.56 41.84 -26.05
N TYR B 803 32.29 41.40 -26.19
CA TYR B 803 31.71 41.07 -27.48
C TYR B 803 30.33 41.70 -27.65
N PRO B 804 30.25 43.03 -27.70
CA PRO B 804 28.93 43.69 -27.84
C PRO B 804 28.15 43.28 -29.09
N GLU B 805 28.85 42.86 -30.15
CA GLU B 805 28.15 42.50 -31.38
C GLU B 805 27.24 41.30 -31.17
N LEU B 806 27.60 40.41 -30.23
CA LEU B 806 26.70 39.31 -29.89
C LEU B 806 25.34 39.82 -29.46
N PHE B 807 25.33 40.94 -28.76
CA PHE B 807 24.08 41.44 -28.25
C PHE B 807 23.44 42.44 -29.21
N ALA B 808 24.14 42.76 -30.28
CA ALA B 808 23.60 43.71 -31.27
C ALA B 808 22.75 42.96 -32.30
N ARG B 809 23.01 41.68 -32.54
CA ARG B 809 22.24 40.93 -33.55
C ARG B 809 20.77 40.81 -33.17
N LYS B 810 19.89 41.15 -34.11
CA LYS B 810 18.44 40.92 -33.92
C LYS B 810 18.21 39.51 -34.43
N GLN B 811 17.80 38.61 -33.54
CA GLN B 811 17.66 37.21 -33.88
C GLN B 811 16.49 37.04 -34.84
N ILE B 812 16.58 36.00 -35.68
CA ILE B 812 15.66 35.88 -36.80
C ILE B 812 14.26 35.54 -36.33
N SER B 813 14.11 34.54 -35.45
CA SER B 813 12.77 34.09 -35.07
C SER B 813 12.01 35.15 -34.31
N THR B 814 12.70 35.93 -33.47
CA THR B 814 12.08 36.90 -32.58
C THR B 814 12.14 38.34 -33.11
N GLY B 815 13.11 38.66 -33.97
CA GLY B 815 13.30 40.02 -34.41
C GLY B 815 13.96 40.95 -33.41
N VAL B 816 14.36 40.45 -32.25
CA VAL B 816 14.95 41.29 -31.21
C VAL B 816 16.28 40.68 -30.79
N PRO B 817 17.14 41.44 -30.11
CA PRO B 817 18.38 40.86 -29.60
C PRO B 817 18.10 39.98 -28.40
N MET B 818 19.14 39.24 -28.02
CA MET B 818 19.16 38.57 -26.73
C MET B 818 18.96 39.60 -25.62
N ASP B 819 18.38 39.14 -24.51
CA ASP B 819 18.10 40.00 -23.36
C ASP B 819 18.92 39.53 -22.17
N PRO B 820 20.12 40.07 -21.96
CA PRO B 820 20.90 39.70 -20.78
C PRO B 820 20.55 40.48 -19.52
N SER B 821 19.49 41.28 -19.53
CA SER B 821 19.18 42.06 -18.35
C SER B 821 18.61 41.22 -17.21
N VAL B 822 18.22 39.97 -17.46
CA VAL B 822 17.70 39.09 -16.43
C VAL B 822 18.59 37.87 -16.39
N LYS B 823 19.08 37.51 -15.20
CA LYS B 823 19.81 36.28 -15.02
C LYS B 823 18.84 35.18 -14.60
N ILE B 824 18.97 34.00 -15.20
CA ILE B 824 18.18 32.83 -14.79
C ILE B 824 18.98 32.11 -13.70
N LYS B 825 18.61 32.32 -12.45
CA LYS B 825 19.18 31.59 -11.33
C LYS B 825 18.33 30.39 -10.91
N GLN B 826 17.03 30.45 -11.17
CA GLN B 826 16.11 29.36 -10.92
C GLN B 826 15.21 29.19 -12.13
N TRP B 827 15.21 27.99 -12.70
CA TRP B 827 14.26 27.67 -13.77
C TRP B 827 12.84 27.62 -13.23
N SER B 828 11.89 28.03 -14.07
CA SER B 828 10.47 27.96 -13.77
C SER B 828 9.71 27.89 -15.09
N ALA B 829 8.43 27.52 -14.99
CA ALA B 829 7.59 27.29 -16.16
C ALA B 829 7.56 28.44 -17.16
N LYS B 830 7.81 29.67 -16.74
CA LYS B 830 7.74 30.80 -17.66
C LYS B 830 8.84 30.75 -18.72
N TYR B 831 9.90 29.98 -18.48
CA TYR B 831 11.02 29.80 -19.39
C TYR B 831 10.89 28.54 -20.24
N PHE B 832 9.75 27.83 -20.19
CA PHE B 832 9.55 26.58 -20.89
C PHE B 832 8.31 26.65 -21.76
N ASN B 833 8.36 25.97 -22.91
CA ASN B 833 7.18 25.86 -23.78
C ASN B 833 6.12 24.94 -23.19
N GLY B 834 6.56 23.89 -22.50
CA GLY B 834 5.63 22.90 -22.00
C GLY B 834 6.40 21.67 -21.54
N THR B 835 5.67 20.55 -21.43
CA THR B 835 6.22 19.34 -20.84
C THR B 835 5.54 18.12 -21.43
N ASN B 836 6.25 16.98 -21.42
CA ASN B 836 5.59 15.70 -21.71
C ASN B 836 4.52 15.47 -20.66
N ILE B 837 3.47 14.72 -21.04
CA ILE B 837 2.37 14.49 -20.12
C ILE B 837 2.89 13.70 -18.93
N LEU B 838 2.38 14.03 -17.74
CA LEU B 838 2.94 13.50 -16.50
C LEU B 838 2.08 12.44 -15.84
N GLY B 839 0.96 12.04 -16.43
CA GLY B 839 0.10 11.04 -15.83
C GLY B 839 -0.58 11.50 -14.57
N ARG B 840 -0.82 12.81 -14.45
CA ARG B 840 -1.49 13.38 -13.30
C ARG B 840 -2.94 13.74 -13.57
N GLY B 841 -3.37 13.65 -14.83
CA GLY B 841 -4.77 13.80 -15.18
C GLY B 841 -5.16 15.24 -15.42
N ALA B 842 -6.39 15.41 -15.95
CA ALA B 842 -6.93 16.72 -16.27
C ALA B 842 -7.54 17.44 -15.08
N GLY B 843 -7.76 16.76 -13.95
CA GLY B 843 -8.39 17.37 -12.78
C GLY B 843 -7.63 17.24 -11.47
N TYR B 844 -6.30 17.18 -11.54
CA TYR B 844 -5.46 17.01 -10.36
C TYR B 844 -5.56 18.18 -9.40
N VAL B 845 -5.84 19.37 -9.91
CA VAL B 845 -6.00 20.56 -9.08
C VAL B 845 -7.45 20.62 -8.61
N LEU B 846 -7.63 20.70 -7.29
CA LEU B 846 -8.93 20.44 -6.68
C LEU B 846 -9.86 21.64 -6.82
N LYS B 847 -11.15 21.34 -7.01
CA LYS B 847 -12.19 22.36 -7.11
C LYS B 847 -13.22 22.19 -6.01
N ASP B 848 -13.80 23.31 -5.60
CA ASP B 848 -15.01 23.29 -4.78
C ASP B 848 -16.15 22.78 -5.64
N GLN B 849 -16.79 21.69 -5.21
CA GLN B 849 -17.80 21.07 -6.06
C GLN B 849 -19.00 21.99 -6.25
N ALA B 850 -19.37 22.72 -5.19
CA ALA B 850 -20.55 23.57 -5.25
C ALA B 850 -20.40 24.65 -6.31
N THR B 851 -19.24 25.33 -6.32
CA THR B 851 -19.05 26.51 -7.15
C THR B 851 -18.23 26.26 -8.42
N ASN B 852 -17.70 25.04 -8.59
CA ASN B 852 -16.82 24.70 -9.69
C ASN B 852 -15.69 25.72 -9.87
N THR B 853 -15.09 26.11 -8.75
CA THR B 853 -13.98 27.04 -8.76
C THR B 853 -12.81 26.38 -8.05
N TYR B 854 -11.60 26.68 -8.52
CA TYR B 854 -10.41 26.14 -7.89
C TYR B 854 -10.23 26.69 -6.48
N PHE B 855 -9.88 25.81 -5.54
CA PHE B 855 -9.51 26.29 -4.22
C PHE B 855 -8.26 27.15 -4.30
N ASN B 856 -8.27 28.27 -3.58
CA ASN B 856 -7.06 29.06 -3.47
C ASN B 856 -6.89 29.58 -2.05
N ILE B 857 -5.64 29.86 -1.69
CA ILE B 857 -5.33 30.41 -0.37
C ILE B 857 -4.61 31.77 -0.46
C1 GLC C . -35.29 -19.46 24.12
C2 GLC C . -34.60 -19.58 22.76
C3 GLC C . -33.22 -18.93 22.81
C4 GLC C . -33.35 -17.43 23.10
C5 GLC C . -34.37 -17.17 24.22
C6 GLC C . -35.71 -16.63 23.77
O1 GLC C . -35.12 -20.67 24.83
O2 GLC C . -34.48 -20.95 22.38
O3 GLC C . -32.47 -19.18 21.63
O4 GLC C . -32.01 -17.06 23.47
O5 GLC C . -34.68 -18.41 24.90
O6 GLC C . -36.55 -16.44 24.90
C1 GLC C . -31.30 -15.98 22.88
C2 GLC C . -30.59 -16.52 21.63
C3 GLC C . -29.28 -17.19 22.04
C4 GLC C . -28.34 -16.10 22.54
C5 GLC C . -29.04 -15.17 23.53
C6 GLC C . -29.16 -13.71 23.15
O2 GLC C . -31.40 -17.39 20.85
O3 GLC C . -28.70 -17.96 20.98
O4 GLC C . -27.26 -16.78 23.19
O5 GLC C . -30.35 -15.64 23.90
O6 GLC C . -28.22 -12.90 23.87
C1 AC1 C . -25.98 -16.21 23.15
O2 AC1 C . -25.64 -18.27 24.47
C2 AC1 C . -25.09 -16.99 24.12
C4A AC1 C . -20.63 -12.69 25.50
C3 AC1 C . -24.86 -16.15 25.37
O3 AC1 C . -24.10 -16.89 26.32
C4 AC1 C . -24.10 -14.89 24.99
N4A AC1 C . -23.83 -13.98 26.10
C5 AC1 C . -24.87 -14.11 23.83
O5 AC1 C . -26.08 -14.82 23.49
C6 AC1 C . -24.11 -13.89 22.54
C1B AC1 C . -22.65 -14.23 26.99
C2B AC1 C . -22.13 -12.90 27.51
O2B AC1 C . -23.13 -12.28 28.30
C3B AC1 C . -21.77 -12.04 26.30
O3B AC1 C . -21.41 -10.72 26.70
O4 AC1 C . -20.83 -12.42 24.11
C5B AC1 C . -20.56 -14.20 25.64
C7B AC1 C . -21.49 -14.88 26.27
C6B AC1 C . -19.38 -14.88 25.00
O6B AC1 C . -18.38 -15.24 25.95
C1 GLC D . 16.54 10.55 -42.85
C2 GLC D . 15.14 11.09 -42.53
C3 GLC D . 15.04 11.47 -41.06
C4 GLC D . 15.32 10.28 -40.13
C5 GLC D . 16.41 9.38 -40.69
C6 GLC D . 15.93 8.05 -41.27
O1 GLC D . 17.22 11.64 -43.35
O2 GLC D . 14.92 12.24 -43.34
O3 GLC D . 13.72 11.98 -40.82
O4 GLC D . 15.84 10.86 -38.92
O5 GLC D . 17.22 10.08 -41.68
O6 GLC D . 16.98 7.10 -41.54
C1 GLC D . 15.39 10.39 -37.65
C2 GLC D . 14.12 11.11 -37.19
C3 GLC D . 14.48 12.18 -36.18
C4 GLC D . 15.05 11.51 -34.95
C5 GLC D . 16.12 10.48 -35.30
C6 GLC D . 15.77 9.03 -34.95
O2 GLC D . 13.42 11.74 -38.26
O3 GLC D . 13.33 12.94 -35.82
O4 GLC D . 15.53 12.66 -34.22
O5 GLC D . 16.45 10.50 -36.71
O6 GLC D . 16.48 8.53 -33.81
C1 AC1 D . 15.57 12.65 -32.81
O2 AC1 D . 16.03 15.00 -33.38
C2 AC1 D . 16.19 13.97 -32.38
C4A AC1 D . 19.25 12.48 -26.84
C3 AC1 D . 17.65 13.77 -31.99
O3 AC1 D . 18.24 15.02 -31.65
C4 AC1 D . 17.72 12.84 -30.79
N4A AC1 D . 19.11 12.58 -30.39
C5 AC1 D . 16.90 11.50 -31.08
O5 AC1 D . 16.38 11.54 -32.42
C6 AC1 D . 15.75 11.17 -30.16
C1B AC1 D . 19.89 13.55 -29.52
C2B AC1 D . 20.92 12.78 -28.70
O2B AC1 D . 21.85 12.16 -29.58
C3B AC1 D . 20.18 11.77 -27.84
O3B AC1 D . 21.08 10.88 -27.18
O4 AC1 D . 18.07 11.71 -26.70
C5B AC1 D . 18.78 13.84 -27.29
C7B AC1 D . 19.06 14.29 -28.51
C6B AC1 D . 17.98 14.65 -26.31
O6B AC1 D . 18.72 15.65 -25.65
CA CA E . -18.30 -24.04 22.10
C1 EDO F . -24.21 -38.05 41.20
O1 EDO F . -24.12 -37.43 39.90
C2 EDO F . -23.16 -37.53 42.21
O2 EDO F . -23.44 -36.22 42.76
C1 EDO G . 2.02 -27.00 17.25
O1 EDO G . 2.58 -25.92 16.46
C2 EDO G . 2.34 -26.89 18.74
O2 EDO G . 1.63 -27.98 19.37
S SO4 H . 0.93 -29.60 25.22
O1 SO4 H . -0.01 -29.50 26.33
O2 SO4 H . 0.81 -28.47 24.32
O3 SO4 H . 0.61 -30.74 24.38
O4 SO4 H . 2.29 -29.68 25.78
S SO4 I . -19.55 -34.99 52.28
O1 SO4 I . -20.92 -34.99 51.79
O2 SO4 I . -18.76 -33.94 51.63
O3 SO4 I . -19.01 -36.33 51.99
O4 SO4 I . -19.48 -34.76 53.73
S SO4 J . -58.30 -13.19 48.42
O1 SO4 J . -57.94 -11.96 47.67
O2 SO4 J . -59.51 -12.88 49.17
O3 SO4 J . -57.27 -13.68 49.38
O4 SO4 J . -58.58 -14.27 47.46
S SO4 K . -4.46 -11.94 8.06
O1 SO4 K . -4.52 -11.73 6.63
O2 SO4 K . -4.64 -10.68 8.76
O3 SO4 K . -5.57 -12.77 8.50
O4 SO4 K . -3.14 -12.55 8.33
S SO4 L . -19.28 10.86 30.00
O1 SO4 L . -20.18 10.15 29.08
O2 SO4 L . -19.44 12.31 29.78
O3 SO4 L . -19.63 10.57 31.40
O4 SO4 L . -17.90 10.47 29.68
S SO4 M . -51.33 0.21 64.79
O1 SO4 M . -52.59 0.62 64.16
O2 SO4 M . -50.67 1.41 65.31
O3 SO4 M . -51.62 -0.69 65.92
O4 SO4 M . -50.41 -0.46 63.86
S SO4 N . -33.05 -8.92 13.58
O1 SO4 N . -34.37 -8.87 12.97
O2 SO4 N . -32.77 -7.63 14.20
O3 SO4 N . -32.97 -9.99 14.57
O4 SO4 N . -32.08 -9.17 12.51
S SO4 O . -9.60 -24.80 47.89
O1 SO4 O . -9.43 -25.34 46.54
O2 SO4 O . -10.61 -23.72 47.77
O3 SO4 O . -10.00 -25.85 48.83
O4 SO4 O . -8.30 -24.34 48.38
S SO4 P . -42.55 12.05 23.05
O1 SO4 P . -43.51 10.96 23.19
O2 SO4 P . -43.32 13.29 22.92
O3 SO4 P . -41.69 12.24 24.22
O4 SO4 P . -41.77 11.76 21.85
S SO4 Q . -28.08 -19.91 7.08
O1 SO4 Q . -29.54 -20.02 7.05
O2 SO4 Q . -27.67 -18.50 7.05
O3 SO4 Q . -27.53 -20.53 8.31
O4 SO4 Q . -27.54 -20.61 5.91
S SO4 R . -45.18 15.71 38.12
O1 SO4 R . -46.31 15.20 37.31
O2 SO4 R . -45.24 17.16 38.18
O3 SO4 R . -45.26 15.16 39.48
O4 SO4 R . -43.87 15.32 37.55
S SO4 S . -27.64 -11.33 10.48
O1 SO4 S . -29.03 -11.45 9.99
O2 SO4 S . -27.35 -9.95 10.87
O3 SO4 S . -27.44 -12.19 11.65
O4 SO4 S . -26.69 -11.65 9.40
S SO4 T . -0.36 -21.83 -15.48
O1 SO4 T . -1.53 -20.95 -15.33
O2 SO4 T . 0.32 -21.67 -16.76
O3 SO4 T . -0.80 -23.22 -15.36
O4 SO4 T . 0.63 -21.50 -14.44
S SO4 U . -47.72 -23.17 48.09
O1 SO4 U . -49.04 -23.19 47.46
O2 SO4 U . -47.30 -21.78 48.20
O3 SO4 U . -47.79 -23.79 49.41
O4 SO4 U . -46.74 -23.87 47.26
S SO4 V . -28.17 -35.15 35.30
O1 SO4 V . -29.00 -34.96 34.11
O2 SO4 V . -28.26 -33.95 36.14
O3 SO4 V . -28.63 -36.30 36.10
O4 SO4 V . -26.80 -35.35 34.81
S SO4 W . 4.13 -18.99 -22.45
O1 SO4 W . 3.00 -18.10 -22.79
O2 SO4 W . 5.43 -18.37 -22.70
O3 SO4 W . 4.02 -20.20 -23.23
O4 SO4 W . 4.07 -19.35 -21.04
S SO4 X . 3.96 -16.43 13.84
O1 SO4 X . 3.15 -17.02 12.79
O2 SO4 X . 3.36 -15.16 14.25
O3 SO4 X . 4.01 -17.35 14.98
O4 SO4 X . 5.30 -16.22 13.33
S SO4 Y . -46.39 -0.60 16.90
O1 SO4 Y . -47.37 -0.34 15.90
O2 SO4 Y . -46.43 0.43 17.87
O3 SO4 Y . -46.65 -1.84 17.52
O4 SO4 Y . -45.10 -0.63 16.31
S SO4 Z . -26.04 -14.51 56.04
O1 SO4 Z . -27.10 -15.35 55.46
O2 SO4 Z . -26.56 -13.22 56.50
O3 SO4 Z . -25.44 -15.24 57.16
O4 SO4 Z . -25.04 -14.25 54.99
S SO4 AA . -43.14 -25.83 52.22
O1 SO4 AA . -43.90 -26.47 51.15
O2 SO4 AA . -43.99 -24.79 52.84
O3 SO4 AA . -42.74 -26.82 53.25
O4 SO4 AA . -41.94 -25.26 51.59
S SO4 BA . -13.28 -18.61 50.95
O1 SO4 BA . -14.20 -19.09 49.92
O2 SO4 BA . -13.63 -17.21 51.24
O3 SO4 BA . -13.44 -19.46 52.13
O4 SO4 BA . -11.91 -18.65 50.41
S SO4 CA . -8.19 -9.19 -16.26
O1 SO4 CA . -9.51 -8.56 -16.36
O2 SO4 CA . -7.19 -8.28 -16.80
O3 SO4 CA . -7.85 -9.48 -14.84
O4 SO4 CA . -8.26 -10.43 -17.05
S SO4 DA . -62.30 -10.43 36.67
O1 SO4 DA . -63.64 -10.24 36.20
O2 SO4 DA . -61.60 -9.18 36.63
O3 SO4 DA . -62.33 -10.90 38.02
O4 SO4 DA . -61.63 -11.38 35.86
S SO4 EA . -37.08 5.19 64.95
O1 SO4 EA . -37.56 5.76 63.69
O2 SO4 EA . -37.26 6.22 65.96
O3 SO4 EA . -37.86 4.01 65.32
O4 SO4 EA . -35.66 4.80 64.83
S SO4 FA . -39.30 -10.92 64.42
O1 SO4 FA . -40.43 -11.27 63.53
O2 SO4 FA . -39.86 -10.25 65.60
O3 SO4 FA . -38.61 -12.16 64.79
O4 SO4 FA . -38.32 -10.03 63.79
S SO4 GA . -32.20 -13.96 61.40
O1 SO4 GA . -33.62 -13.74 61.12
O2 SO4 GA . -31.29 -12.95 60.81
O3 SO4 GA . -31.83 -15.30 60.93
O4 SO4 GA . -32.00 -13.90 62.84
CA CA HA . 12.14 22.08 -28.21
C1 EDO IA . 46.66 13.02 -33.06
O1 EDO IA . 47.32 11.98 -33.77
C2 EDO IA . 47.39 14.29 -33.40
O2 EDO IA . 46.67 15.39 -32.83
C1 EDO JA . 24.40 -0.09 -59.79
O1 EDO JA . 24.59 0.03 -58.43
C2 EDO JA . 23.02 0.26 -60.19
O2 EDO JA . 22.46 1.35 -59.52
C1 EDO KA . 56.05 -0.72 -42.15
O1 EDO KA . 56.79 -1.67 -42.84
C2 EDO KA . 55.50 0.30 -43.06
O2 EDO KA . 55.64 1.60 -42.58
C1 EDO LA . 8.31 35.99 -20.29
O1 EDO LA . 8.19 36.85 -21.45
C2 EDO LA . 9.37 36.40 -19.28
O2 EDO LA . 10.47 35.45 -19.31
C1 EDO MA . 23.07 -2.77 -20.27
O1 EDO MA . 23.69 -4.02 -20.46
C2 EDO MA . 23.99 -1.67 -19.97
O2 EDO MA . 23.50 -0.78 -19.01
C1 EDO NA . 31.80 4.89 -61.63
O1 EDO NA . 32.34 3.95 -62.50
C2 EDO NA . 30.34 4.85 -61.44
O2 EDO NA . 29.81 6.09 -61.06
S SO4 OA . 60.61 2.16 -56.03
O1 SO4 OA . 61.43 2.85 -57.04
O2 SO4 OA . 59.65 3.10 -55.44
O3 SO4 OA . 61.48 1.62 -54.98
O4 SO4 OA . 59.86 1.10 -56.74
S SO4 PA . 13.21 35.25 -12.75
O1 SO4 PA . 12.58 35.35 -14.06
O2 SO4 PA . 13.32 36.62 -12.22
O3 SO4 PA . 12.32 34.45 -11.91
O4 SO4 PA . 14.55 34.64 -12.90
S SO4 QA . 40.29 5.69 -65.03
O1 SO4 QA . 39.21 5.81 -65.96
O2 SO4 QA . 40.84 6.99 -64.77
O3 SO4 QA . 39.79 5.08 -63.85
O4 SO4 QA . 41.27 4.84 -65.57
S SO4 RA . 9.09 0.71 -35.57
O1 SO4 RA . 7.73 1.23 -35.45
O2 SO4 RA . 9.82 1.43 -36.62
O3 SO4 RA . 9.08 -0.75 -35.80
O4 SO4 RA . 9.82 1.00 -34.34
S SO4 SA . 47.16 21.77 -36.70
O1 SO4 SA . 46.47 21.76 -38.00
O2 SO4 SA . 47.85 23.05 -36.57
O3 SO4 SA . 46.23 21.61 -35.58
O4 SO4 SA . 48.16 20.69 -36.70
S SO4 TA . 40.96 28.45 -25.62
O1 SO4 TA . 39.70 28.59 -26.34
O2 SO4 TA . 41.36 29.75 -25.07
O3 SO4 TA . 40.75 27.50 -24.52
O4 SO4 TA . 41.97 28.00 -26.57
S SO4 UA . 25.82 37.68 -40.76
O1 SO4 UA . 24.65 36.80 -40.63
O2 SO4 UA . 25.35 39.04 -40.48
O3 SO4 UA . 26.98 37.35 -39.90
O4 SO4 UA . 26.30 37.62 -42.14
S SO4 VA . 3.30 11.84 -9.16
O1 SO4 VA . 2.37 12.28 -10.20
O2 SO4 VA . 3.57 12.96 -8.25
O3 SO4 VA . 2.70 10.73 -8.39
O4 SO4 VA . 4.50 11.37 -9.82
S SO4 WA . 31.81 -6.24 -18.16
O1 SO4 WA . 31.01 -6.87 -19.23
O2 SO4 WA . 30.95 -5.55 -17.18
O3 SO4 WA . 32.61 -7.30 -17.50
O4 SO4 WA . 32.72 -5.25 -18.74
S SO4 XA . 25.30 -18.31 -38.01
O1 SO4 XA . 24.63 -18.45 -36.72
O2 SO4 XA . 24.62 -17.28 -38.80
O3 SO4 XA . 25.14 -19.56 -38.76
O4 SO4 XA . 26.74 -18.04 -37.78
S SO4 YA . 40.46 -17.57 -41.30
O1 SO4 YA . 39.41 -17.72 -42.31
O2 SO4 YA . 40.49 -16.25 -40.65
O3 SO4 YA . 40.21 -18.54 -40.23
O4 SO4 YA . 41.73 -17.80 -42.03
S SO4 ZA . 7.03 20.91 -3.97
O1 SO4 ZA . 5.88 20.09 -3.52
O2 SO4 ZA . 6.56 22.28 -4.27
O3 SO4 ZA . 8.08 20.97 -2.97
O4 SO4 ZA . 7.58 20.30 -5.19
S SO4 AB . 62.15 3.23 -41.42
O1 SO4 AB . 61.45 2.57 -42.53
O2 SO4 AB . 62.06 4.68 -41.57
O3 SO4 AB . 61.57 2.84 -40.13
O4 SO4 AB . 63.57 2.83 -41.51
S SO4 BB . 20.47 31.92 -42.95
O1 SO4 BB . 19.06 31.86 -42.46
O2 SO4 BB . 20.53 33.00 -43.95
O3 SO4 BB . 21.43 32.20 -41.82
O4 SO4 BB . 20.85 30.68 -43.68
S SO4 CB . 37.19 2.37 -5.48
O1 SO4 CB . 37.30 2.33 -6.93
O2 SO4 CB . 36.06 3.21 -5.06
O3 SO4 CB . 36.97 1.01 -5.01
O4 SO4 CB . 38.46 2.95 -5.02
S SO4 DB . -17.35 0.09 -9.02
O1 SO4 DB . -18.44 0.45 -9.95
O2 SO4 DB . -17.42 0.91 -7.80
O3 SO4 DB . -17.43 -1.32 -8.65
O4 SO4 DB . -16.04 0.36 -9.63
S SO4 EB . 33.55 -18.54 -66.71
O1 SO4 EB . 32.74 -19.30 -67.67
O2 SO4 EB . 32.68 -17.54 -66.09
O3 SO4 EB . 34.02 -19.44 -65.66
O4 SO4 EB . 34.66 -17.86 -67.42
S SO4 FB . 5.69 3.92 -30.64
O1 SO4 FB . 5.68 5.33 -31.06
O2 SO4 FB . 4.58 3.63 -29.72
O3 SO4 FB . 6.92 3.66 -29.91
O4 SO4 FB . 5.62 3.10 -31.86
S SO4 GB . 15.83 -11.08 -45.96
O1 SO4 GB . 15.31 -11.15 -44.63
O2 SO4 GB . 15.42 -9.85 -46.56
O3 SO4 GB . 15.31 -12.17 -46.72
O4 SO4 GB . 17.26 -11.15 -45.92
S SO4 HB . 61.65 13.83 -55.17
O1 SO4 HB . 61.08 13.55 -56.50
O2 SO4 HB . 62.09 15.24 -55.10
O3 SO4 HB . 60.63 13.64 -54.13
O4 SO4 HB . 62.79 12.96 -54.87
S SO4 IB . 56.25 16.44 -49.18
O1 SO4 IB . 55.30 16.16 -50.28
O2 SO4 IB . 56.18 17.87 -48.85
O3 SO4 IB . 55.90 15.69 -47.97
O4 SO4 IB . 57.61 16.09 -49.59
S SO4 JB . 22.86 5.73 -58.56
O1 SO4 JB . 22.22 5.71 -57.24
O2 SO4 JB . 22.61 6.99 -59.30
O3 SO4 JB . 22.40 4.56 -59.34
O4 SO4 JB . 24.28 5.64 -58.27
S SO4 KB . 36.62 18.63 -58.64
O1 SO4 KB . 35.53 18.44 -59.60
O2 SO4 KB . 36.49 19.93 -57.98
O3 SO4 KB . 36.57 17.55 -57.65
O4 SO4 KB . 37.89 18.58 -59.39
S SO4 LB . 52.18 20.73 -43.45
O1 SO4 LB . 51.90 19.76 -44.53
O2 SO4 LB . 51.57 22.03 -43.79
O3 SO4 LB . 51.65 20.34 -42.15
O4 SO4 LB . 53.63 20.81 -43.27
S SO4 MB . 6.17 10.76 10.11
O1 SO4 MB . 4.82 10.36 10.47
O2 SO4 MB . 6.06 12.09 9.52
O3 SO4 MB . 7.01 10.82 11.32
O4 SO4 MB . 6.71 9.76 9.17
#